data_5CHE
#
_entry.id   5CHE
#
_cell.length_a   216.994
_cell.length_b   53.211
_cell.length_c   203.763
_cell.angle_alpha   90.000
_cell.angle_beta   108.360
_cell.angle_gamma   90.000
#
_symmetry.space_group_name_H-M   'C 1 2 1'
#
loop_
_entity.id
_entity.type
_entity.pdbx_description
1 polymer 'Glutamyl-tRNA reductase 1, chloroplastic'
2 polymer 'Glutamyl-tRNA reductase-binding protein, chloroplastic'
3 polymer 'Protein FLUORESCENT IN BLUE LIGHT, chloroplastic'
4 water water
#
loop_
_entity_poly.entity_id
_entity_poly.type
_entity_poly.pdbx_seq_one_letter_code
_entity_poly.pdbx_strand_id
1 'polypeptide(L)'
;SAASISALEQLKNSAADRYTKERSSIVVIGLSIHTAPVEMREKLAIPEAEWPRAIAELCGLNHIEEAAVLSTCNRMEIYV
LALSQHRGVKEVTEWMSKTSGIPVSEICQHRFLLYNKDATQHIFEVSAGLDSLVLGEGQILAQVKQVVKVGQGVNGFGRN
ISGLFKHAITVGKRVRTETNIASGAVSVSSAAVELALMKLPQSSNVSARMCVIGAGKMGKLVIKHLMAKGCTKVVVVNRS
EERVSAIREEMPGIEIIYRPLDEMLACASEADVVFTSTASETPLFLKEHVENLPQASPEVGGLRHFVDISVPRNVGSCVG
EVETARVYNVDDLKEVVAANKEDRMRKAMEAQTIITEESTQFEAWRDSLETVPTIKKLRAYAERIRVAELEKCMSKMGDD
INKKTTRAVDDLSRGIVNRFLHGPMQHLRCDGSDSRTLSETLENMHALNRMYGLEKDILEEKLKAMAEQQQK
;
A,B
2 'polypeptide(L)'
;MGSSHHHHHHSSGLVPRGSHMASMTGGQQMGRGSCSVSTTLDTPATASTHKPFPAEVSRSIMELSSVGTLSTLTHDGWPL
GVGVRFAVDKDGTPVLCLNRSVSPDKRSALHVQLEQCGLRTPQCTIQGSIGRPGDDTVLKRLSATWREKFGEEVKEDSLY
VVAVDRVLQMEDFMEDGIWVASSDYKNASPDPLRDIAEDIVNQINANNMEDIFRFCNVYVDLDFVVSETKMIWMDRLGFD
LRVWSPRGVYDVRIPFPMEVTDEKGAKSSFNGMSQLAWEVEKSYCPADFNKVKLLKQVVGSSHSHKGGGQ
;
C,D
3 'polypeptide(L)'
;MKYLLPTAAAGLLLLAAQPAMAMDIGINSDPHHHHHHIVEPKKQELISKLKTGKTFLRNQEPEKAYTEFKIALELAQSLK
DPTEEKKAARGLGASLQRQGKYREAIQYHSMVLAISKRESEDSGITEAYGAIADCYTELGDLEKAGKFYDTYIARLETD
;
E,F
#
# COMPACT_ATOMS: atom_id res chain seq x y z
N ARG A 23 -9.63 5.86 -20.17
CA ARG A 23 -8.96 4.72 -20.77
C ARG A 23 -8.14 5.14 -21.99
N SER A 24 -8.43 6.34 -22.51
CA SER A 24 -7.71 6.91 -23.66
C SER A 24 -6.23 7.10 -23.32
N SER A 25 -5.36 6.61 -24.18
CA SER A 25 -3.95 6.58 -23.83
C SER A 25 -3.14 7.25 -24.88
N ILE A 26 -2.04 7.87 -24.48
CA ILE A 26 -1.11 8.43 -25.44
C ILE A 26 -0.06 7.42 -25.87
N VAL A 27 -0.06 7.08 -27.15
CA VAL A 27 0.89 6.09 -27.70
C VAL A 27 1.90 6.72 -28.68
N VAL A 28 3.16 6.26 -28.60
CA VAL A 28 4.19 6.58 -29.58
C VAL A 28 4.60 5.33 -30.34
N ILE A 29 4.46 5.39 -31.66
CA ILE A 29 4.80 4.27 -32.52
C ILE A 29 5.73 4.78 -33.60
N GLY A 30 6.66 3.94 -34.05
CA GLY A 30 7.56 4.32 -35.13
C GLY A 30 8.85 3.53 -35.22
N LEU A 31 9.77 4.01 -36.07
CA LEU A 31 11.06 3.32 -36.29
C LEU A 31 12.24 4.17 -35.81
N SER A 32 12.88 3.73 -34.75
CA SER A 32 13.99 4.46 -34.19
C SER A 32 15.24 3.96 -34.85
N ILE A 33 16.34 4.70 -34.70
CA ILE A 33 17.61 4.31 -35.27
C ILE A 33 18.20 3.10 -34.54
N HIS A 34 17.68 2.84 -33.35
CA HIS A 34 18.18 1.76 -32.52
C HIS A 34 17.49 0.44 -32.84
N THR A 35 16.35 0.51 -33.54
CA THR A 35 15.54 -0.68 -33.81
C THR A 35 15.28 -0.98 -35.29
N ALA A 36 15.42 0.04 -36.14
CA ALA A 36 15.18 -0.14 -37.56
C ALA A 36 16.34 0.46 -38.35
N PRO A 37 16.78 -0.24 -39.40
CA PRO A 37 17.88 0.23 -40.25
C PRO A 37 17.45 1.38 -41.17
N VAL A 38 18.41 2.17 -41.62
CA VAL A 38 18.15 3.34 -42.44
C VAL A 38 17.50 2.98 -43.78
N GLU A 39 17.79 1.78 -44.27
CA GLU A 39 17.22 1.31 -45.52
C GLU A 39 15.73 1.02 -45.37
N MET A 40 15.27 0.97 -44.12
CA MET A 40 13.86 0.73 -43.85
C MET A 40 13.16 2.00 -43.42
N ARG A 41 13.86 2.86 -42.67
CA ARG A 41 13.28 4.08 -42.15
C ARG A 41 13.05 5.13 -43.23
N GLU A 42 13.95 5.18 -44.22
CA GLU A 42 13.87 6.19 -45.27
C GLU A 42 12.63 6.05 -46.14
N LYS A 43 12.01 4.87 -46.10
CA LYS A 43 10.76 4.63 -46.83
C LYS A 43 9.58 5.29 -46.13
N LEU A 44 9.79 5.74 -44.90
CA LEU A 44 8.71 6.30 -44.10
C LEU A 44 9.03 7.73 -43.70
N ALA A 45 10.07 8.28 -44.31
CA ALA A 45 10.48 9.65 -44.05
C ALA A 45 9.48 10.65 -44.62
N ILE A 46 8.66 11.23 -43.74
CA ILE A 46 7.68 12.25 -44.14
C ILE A 46 8.20 13.69 -44.01
N PRO A 47 8.29 14.42 -45.14
CA PRO A 47 8.72 15.82 -45.17
C PRO A 47 7.69 16.71 -44.49
N GLU A 48 8.08 17.92 -44.12
CA GLU A 48 7.19 18.85 -43.42
C GLU A 48 5.94 19.18 -44.23
N ALA A 49 6.07 19.14 -45.55
CA ALA A 49 4.94 19.44 -46.44
C ALA A 49 3.78 18.44 -46.27
N GLU A 50 4.11 17.18 -46.02
CA GLU A 50 3.09 16.14 -45.95
C GLU A 50 2.59 15.89 -44.52
N TRP A 51 3.12 16.67 -43.57
CA TRP A 51 2.69 16.55 -42.18
C TRP A 51 1.19 16.76 -41.95
N PRO A 52 0.60 17.82 -42.54
CA PRO A 52 -0.85 17.99 -42.33
C PRO A 52 -1.67 16.84 -42.92
N ARG A 53 -1.21 16.29 -44.02
CA ARG A 53 -1.90 15.18 -44.68
C ARG A 53 -1.83 13.92 -43.84
N ALA A 54 -0.63 13.65 -43.32
CA ALA A 54 -0.39 12.45 -42.52
C ALA A 54 -1.23 12.45 -41.27
N ILE A 55 -1.33 13.61 -40.62
CA ILE A 55 -2.15 13.75 -39.43
C ILE A 55 -3.63 13.57 -39.77
N ALA A 56 -4.01 14.05 -40.95
CA ALA A 56 -5.39 13.93 -41.43
C ALA A 56 -5.77 12.47 -41.66
N GLU A 57 -4.88 11.72 -42.30
CA GLU A 57 -5.11 10.30 -42.56
C GLU A 57 -5.20 9.51 -41.26
N LEU A 58 -4.25 9.77 -40.37
CA LEU A 58 -4.15 9.03 -39.11
C LEU A 58 -5.37 9.22 -38.22
N CYS A 59 -5.91 10.44 -38.18
CA CYS A 59 -7.11 10.73 -37.41
C CYS A 59 -8.36 10.22 -38.12
N GLY A 60 -8.21 9.85 -39.38
CA GLY A 60 -9.28 9.23 -40.13
C GLY A 60 -9.53 7.81 -39.64
N LEU A 61 -8.55 7.23 -38.96
CA LEU A 61 -8.69 5.90 -38.38
C LEU A 61 -9.69 5.95 -37.24
N ASN A 62 -10.27 4.79 -36.93
CA ASN A 62 -11.32 4.70 -35.93
C ASN A 62 -10.85 4.93 -34.50
N HIS A 63 -9.83 4.19 -34.08
CA HIS A 63 -9.35 4.29 -32.70
C HIS A 63 -8.26 5.36 -32.51
N ILE A 64 -8.25 6.35 -33.40
CA ILE A 64 -7.27 7.43 -33.31
C ILE A 64 -7.95 8.79 -33.31
N GLU A 65 -7.73 9.55 -32.23
CA GLU A 65 -8.32 10.88 -32.11
C GLU A 65 -7.38 11.98 -32.58
N GLU A 66 -6.22 12.08 -31.93
CA GLU A 66 -5.23 13.10 -32.27
C GLU A 66 -3.94 12.45 -32.75
N ALA A 67 -3.16 13.18 -33.53
CA ALA A 67 -1.92 12.63 -34.07
C ALA A 67 -0.89 13.69 -34.44
N ALA A 68 0.39 13.33 -34.38
CA ALA A 68 1.48 14.22 -34.77
C ALA A 68 2.68 13.39 -35.25
N VAL A 69 3.39 13.90 -36.24
CA VAL A 69 4.47 13.15 -36.86
C VAL A 69 5.81 13.80 -36.63
N LEU A 70 6.68 13.10 -35.92
CA LEU A 70 8.02 13.59 -35.64
C LEU A 70 9.04 12.81 -36.47
N SER A 71 9.62 13.46 -37.47
CA SER A 71 10.53 12.78 -38.38
C SER A 71 11.88 13.48 -38.51
N THR A 72 12.90 12.87 -37.92
CA THR A 72 14.29 13.29 -38.08
C THR A 72 15.13 12.14 -38.64
N CYS A 73 16.42 12.41 -38.89
CA CYS A 73 17.28 11.40 -39.48
C CYS A 73 17.56 10.27 -38.48
N ASN A 74 17.22 10.48 -37.22
CA ASN A 74 17.43 9.44 -36.23
C ASN A 74 16.16 8.69 -35.91
N ARG A 75 15.00 9.22 -36.31
CA ARG A 75 13.75 8.57 -35.92
C ARG A 75 12.57 8.96 -36.79
N MET A 76 11.65 8.02 -36.96
CA MET A 76 10.38 8.29 -37.58
C MET A 76 9.35 7.83 -36.58
N GLU A 77 8.73 8.78 -35.90
CA GLU A 77 7.85 8.48 -34.78
C GLU A 77 6.50 9.15 -34.91
N ILE A 78 5.44 8.41 -34.62
CA ILE A 78 4.10 8.94 -34.69
C ILE A 78 3.43 8.96 -33.32
N TYR A 79 3.18 10.16 -32.80
CA TYR A 79 2.53 10.29 -31.49
C TYR A 79 1.05 10.47 -31.68
N VAL A 80 0.27 9.55 -31.11
CA VAL A 80 -1.18 9.57 -31.29
C VAL A 80 -1.91 9.44 -29.97
N LEU A 81 -3.15 9.91 -29.94
CA LEU A 81 -4.03 9.76 -28.79
C LEU A 81 -5.11 8.75 -29.16
N ALA A 82 -5.03 7.56 -28.57
CA ALA A 82 -5.89 6.45 -28.95
C ALA A 82 -6.98 6.12 -27.93
N LEU A 83 -8.11 5.60 -28.41
CA LEU A 83 -9.17 5.12 -27.53
C LEU A 83 -8.76 3.78 -26.90
N SER A 84 -8.35 2.85 -27.75
CA SER A 84 -7.75 1.58 -27.33
C SER A 84 -6.27 1.54 -27.72
N GLN A 85 -5.43 1.13 -26.76
CA GLN A 85 -3.98 1.15 -26.97
C GLN A 85 -3.53 -0.11 -27.69
N HIS A 86 -4.41 -1.11 -27.79
CA HIS A 86 -4.17 -2.28 -28.63
C HIS A 86 -4.66 -2.15 -30.10
N ARG A 87 -5.88 -1.66 -30.26
CA ARG A 87 -6.46 -1.52 -31.59
C ARG A 87 -5.89 -0.29 -32.29
N GLY A 88 -5.57 0.73 -31.49
CA GLY A 88 -5.00 1.95 -32.02
C GLY A 88 -3.65 1.69 -32.65
N VAL A 89 -2.81 0.92 -31.97
CA VAL A 89 -1.49 0.56 -32.49
C VAL A 89 -1.60 -0.25 -33.77
N LYS A 90 -2.53 -1.21 -33.78
CA LYS A 90 -2.79 -2.05 -34.94
C LYS A 90 -3.15 -1.23 -36.18
N GLU A 91 -4.02 -0.25 -35.99
CA GLU A 91 -4.44 0.63 -37.07
C GLU A 91 -3.31 1.53 -37.58
N VAL A 92 -2.51 2.07 -36.65
CA VAL A 92 -1.42 2.96 -37.03
C VAL A 92 -0.33 2.19 -37.74
N THR A 93 -0.05 0.98 -37.25
CA THR A 93 0.96 0.13 -37.85
C THR A 93 0.58 -0.22 -39.28
N GLU A 94 -0.70 -0.43 -39.52
CA GLU A 94 -1.21 -0.71 -40.87
C GLU A 94 -1.06 0.50 -41.78
N TRP A 95 -1.32 1.68 -41.23
CA TRP A 95 -1.14 2.92 -41.97
C TRP A 95 0.33 3.10 -42.36
N MET A 96 1.25 2.70 -41.49
CA MET A 96 2.67 2.80 -41.76
C MET A 96 3.06 1.90 -42.93
N SER A 97 2.39 0.76 -43.01
CA SER A 97 2.68 -0.22 -44.05
C SER A 97 2.13 0.24 -45.38
N LYS A 98 0.93 0.82 -45.37
CA LYS A 98 0.32 1.25 -46.61
C LYS A 98 0.99 2.52 -47.13
N THR A 99 1.81 3.14 -46.31
CA THR A 99 2.37 4.39 -46.75
C THR A 99 3.79 4.13 -47.15
N SER A 100 4.40 3.12 -46.57
CA SER A 100 5.81 2.93 -46.83
C SER A 100 5.95 1.88 -47.88
N GLY A 101 4.98 0.98 -47.96
CA GLY A 101 5.08 -0.16 -48.85
C GLY A 101 5.68 -1.38 -48.17
N ILE A 102 6.22 -1.18 -46.97
CA ILE A 102 6.81 -2.26 -46.18
C ILE A 102 5.74 -3.17 -45.57
N PRO A 103 5.90 -4.49 -45.71
CA PRO A 103 4.96 -5.45 -45.12
C PRO A 103 4.83 -5.26 -43.62
N VAL A 104 3.62 -5.42 -43.10
CA VAL A 104 3.33 -5.20 -41.68
C VAL A 104 4.21 -6.05 -40.79
N SER A 105 4.43 -7.29 -41.18
CA SER A 105 5.25 -8.22 -40.40
C SER A 105 6.68 -7.72 -40.23
N GLU A 106 7.19 -7.10 -41.30
CA GLU A 106 8.58 -6.64 -41.33
C GLU A 106 8.73 -5.38 -40.49
N ILE A 107 7.67 -4.59 -40.40
CA ILE A 107 7.65 -3.41 -39.54
C ILE A 107 7.68 -3.81 -38.06
N CYS A 108 6.88 -4.82 -37.72
CA CYS A 108 6.77 -5.29 -36.34
C CYS A 108 8.07 -5.83 -35.76
N GLN A 109 8.98 -6.26 -36.63
CA GLN A 109 10.26 -6.80 -36.18
C GLN A 109 11.26 -5.68 -35.91
N HIS A 110 10.84 -4.45 -36.18
CA HIS A 110 11.71 -3.29 -36.00
C HIS A 110 10.94 -2.12 -35.38
N ARG A 111 9.73 -2.40 -34.90
CA ARG A 111 8.85 -1.35 -34.40
C ARG A 111 9.20 -0.87 -33.00
N PHE A 112 9.06 0.44 -32.80
CA PHE A 112 9.28 1.08 -31.52
C PHE A 112 7.93 1.47 -30.97
N LEU A 113 7.68 1.15 -29.70
CA LEU A 113 6.35 1.32 -29.12
C LEU A 113 6.36 1.56 -27.61
N LEU A 114 5.87 2.71 -27.16
CA LEU A 114 5.75 3.06 -25.73
C LEU A 114 4.36 3.64 -25.44
N TYR A 115 3.86 3.54 -24.20
CA TYR A 115 2.43 3.83 -23.88
C TYR A 115 1.73 5.13 -23.29
N ASN A 116 2.29 5.69 -22.24
CA ASN A 116 1.65 6.80 -21.60
C ASN A 116 2.74 7.54 -20.94
N LYS A 117 3.01 7.17 -19.68
CA LYS A 117 4.07 7.77 -18.91
C LYS A 117 5.44 7.49 -19.54
N ASP A 118 5.55 6.36 -20.25
CA ASP A 118 6.76 6.04 -20.99
C ASP A 118 6.84 6.80 -22.31
N ALA A 119 5.67 7.14 -22.84
CA ALA A 119 5.60 7.87 -24.10
C ALA A 119 6.03 9.31 -23.89
N THR A 120 5.50 9.95 -22.84
CA THR A 120 5.88 11.32 -22.52
C THR A 120 7.34 11.38 -22.07
N GLN A 121 7.82 10.31 -21.47
CA GLN A 121 9.20 10.25 -21.02
C GLN A 121 10.14 10.26 -22.22
N HIS A 122 9.76 9.54 -23.26
CA HIS A 122 10.59 9.42 -24.45
C HIS A 122 10.72 10.72 -25.23
N ILE A 123 9.60 11.39 -25.48
CA ILE A 123 9.61 12.60 -26.28
C ILE A 123 10.39 13.72 -25.60
N PHE A 124 10.47 13.67 -24.28
CA PHE A 124 11.26 14.64 -23.54
C PHE A 124 12.75 14.34 -23.69
N GLU A 125 13.11 13.06 -23.58
CA GLU A 125 14.50 12.64 -23.73
C GLU A 125 15.03 12.93 -25.13
N VAL A 126 14.12 13.01 -26.10
CA VAL A 126 14.49 13.32 -27.47
C VAL A 126 14.65 14.83 -27.64
N SER A 127 13.73 15.58 -27.06
CA SER A 127 13.76 17.04 -27.11
C SER A 127 14.95 17.60 -26.36
N ALA A 128 15.40 16.87 -25.34
CA ALA A 128 16.54 17.30 -24.56
C ALA A 128 17.84 16.83 -25.18
N GLY A 129 17.72 16.05 -26.26
CA GLY A 129 18.89 15.49 -26.95
C GLY A 129 19.59 14.39 -26.17
N LEU A 130 18.93 13.85 -25.16
CA LEU A 130 19.51 12.82 -24.34
C LEU A 130 19.62 11.54 -25.14
N ASP A 131 18.61 11.28 -25.97
CA ASP A 131 18.63 10.08 -26.79
C ASP A 131 19.63 10.42 -27.86
N SER A 132 20.81 9.81 -27.78
CA SER A 132 21.85 10.04 -28.74
C SER A 132 21.45 9.41 -30.05
N LEU A 133 21.93 9.95 -31.16
CA LEU A 133 22.67 11.21 -31.23
C LEU A 133 21.78 12.46 -31.28
N VAL A 134 22.40 13.63 -31.32
CA VAL A 134 21.72 14.90 -31.55
C VAL A 134 21.91 15.44 -32.99
N LEU A 135 21.13 16.46 -33.35
CA LEU A 135 21.21 17.13 -34.65
C LEU A 135 22.28 18.23 -34.65
N GLY A 136 22.40 18.91 -33.51
CA GLY A 136 23.40 19.95 -33.35
C GLY A 136 22.77 21.30 -33.54
N GLU A 137 23.30 22.30 -32.84
CA GLU A 137 22.79 23.67 -32.89
C GLU A 137 21.30 23.77 -32.59
N GLY A 138 20.79 22.85 -31.77
CA GLY A 138 19.41 22.91 -31.38
C GLY A 138 18.42 22.76 -32.52
N GLN A 139 18.65 21.79 -33.41
CA GLN A 139 17.69 21.50 -34.48
C GLN A 139 16.46 20.68 -34.01
N ILE A 140 16.68 19.80 -33.03
CA ILE A 140 15.59 19.01 -32.47
C ILE A 140 14.52 19.91 -31.86
N LEU A 141 14.95 20.87 -31.06
CA LEU A 141 14.01 21.75 -30.38
C LEU A 141 13.33 22.66 -31.38
N ALA A 142 14.08 23.07 -32.41
CA ALA A 142 13.57 23.98 -33.41
C ALA A 142 12.49 23.29 -34.23
N GLN A 143 12.63 21.99 -34.41
CA GLN A 143 11.66 21.20 -35.17
C GLN A 143 10.36 20.96 -34.40
N VAL A 144 10.49 20.71 -33.10
CA VAL A 144 9.32 20.48 -32.26
C VAL A 144 8.45 21.73 -32.21
N LYS A 145 9.08 22.90 -32.16
CA LYS A 145 8.35 24.16 -32.24
C LYS A 145 7.63 24.26 -33.58
N GLN A 146 8.28 23.81 -34.64
CA GLN A 146 7.72 23.87 -35.99
C GLN A 146 6.52 22.94 -36.12
N VAL A 147 6.61 21.76 -35.53
CA VAL A 147 5.49 20.82 -35.50
C VAL A 147 4.29 21.44 -34.81
N VAL A 148 4.53 22.10 -33.68
CA VAL A 148 3.44 22.75 -32.94
C VAL A 148 2.88 23.91 -33.75
N LYS A 149 3.76 24.64 -34.41
CA LYS A 149 3.33 25.76 -35.25
C LYS A 149 2.50 25.30 -36.44
N VAL A 150 2.89 24.21 -37.06
CA VAL A 150 2.15 23.71 -38.20
C VAL A 150 0.84 23.08 -37.76
N GLY A 151 0.79 22.48 -36.59
CA GLY A 151 -0.40 21.74 -36.25
C GLY A 151 -1.41 22.67 -35.61
N GLN A 152 -1.16 23.96 -35.70
CA GLN A 152 -2.06 24.93 -35.09
C GLN A 152 -3.31 25.03 -35.93
N GLY A 153 -3.14 24.87 -37.24
CA GLY A 153 -4.27 24.89 -38.16
C GLY A 153 -4.89 23.53 -38.38
N VAL A 154 -4.16 22.48 -38.03
CA VAL A 154 -4.62 21.11 -38.25
C VAL A 154 -5.62 20.65 -37.19
N ASN A 155 -6.79 20.19 -37.62
CA ASN A 155 -7.80 19.69 -36.71
C ASN A 155 -7.39 18.37 -36.09
N GLY A 156 -6.56 17.63 -36.81
CA GLY A 156 -6.10 16.35 -36.33
C GLY A 156 -5.14 16.52 -35.17
N PHE A 157 -4.16 17.36 -35.37
CA PHE A 157 -3.43 17.78 -34.25
C PHE A 157 -4.63 18.06 -33.37
N GLY A 158 -4.60 17.49 -32.17
CA GLY A 158 -5.50 17.88 -31.07
C GLY A 158 -4.89 18.72 -29.94
N ARG A 159 -5.56 18.71 -28.80
CA ARG A 159 -5.09 19.49 -27.68
C ARG A 159 -4.21 18.64 -26.77
N ASN A 160 -4.47 17.34 -26.72
CA ASN A 160 -3.73 16.46 -25.83
C ASN A 160 -2.32 16.27 -26.33
N ILE A 161 -2.21 16.12 -27.65
CA ILE A 161 -0.91 16.02 -28.31
C ILE A 161 -0.18 17.36 -28.28
N SER A 162 -0.91 18.45 -28.54
CA SER A 162 -0.32 19.78 -28.50
C SER A 162 0.22 20.08 -27.10
N GLY A 163 -0.54 19.66 -26.10
CA GLY A 163 -0.18 19.84 -24.70
C GLY A 163 1.13 19.15 -24.38
N LEU A 164 1.29 17.94 -24.90
CA LEU A 164 2.52 17.19 -24.70
C LEU A 164 3.70 17.83 -25.42
N PHE A 165 3.50 18.18 -26.68
CA PHE A 165 4.57 18.75 -27.49
C PHE A 165 5.01 20.12 -26.99
N LYS A 166 4.05 20.94 -26.59
CA LYS A 166 4.34 22.27 -26.08
C LYS A 166 5.19 22.18 -24.81
N HIS A 167 4.87 21.21 -23.97
CA HIS A 167 5.61 21.00 -22.73
C HIS A 167 6.98 20.41 -23.00
N ALA A 168 7.07 19.69 -24.13
CA ALA A 168 8.34 19.09 -24.53
C ALA A 168 9.35 20.17 -24.91
N ILE A 169 8.84 21.27 -25.43
CA ILE A 169 9.67 22.43 -25.76
C ILE A 169 10.19 23.07 -24.49
N THR A 170 9.34 23.12 -23.46
CA THR A 170 9.72 23.63 -22.15
C THR A 170 10.88 22.82 -21.57
N VAL A 171 10.77 21.50 -21.65
CA VAL A 171 11.82 20.60 -21.20
C VAL A 171 13.11 20.85 -21.97
N GLY A 172 12.98 21.09 -23.27
CA GLY A 172 14.13 21.39 -24.10
C GLY A 172 14.83 22.68 -23.68
N LYS A 173 14.03 23.71 -23.42
CA LYS A 173 14.59 24.99 -23.03
C LYS A 173 15.18 24.90 -21.63
N ARG A 174 14.61 24.04 -20.80
CA ARG A 174 15.14 23.85 -19.45
C ARG A 174 16.49 23.16 -19.48
N VAL A 175 16.64 22.16 -20.34
CA VAL A 175 17.90 21.44 -20.45
C VAL A 175 18.96 22.30 -21.11
N ARG A 176 18.54 23.14 -22.06
CA ARG A 176 19.47 24.04 -22.73
C ARG A 176 20.07 25.06 -21.77
N THR A 177 19.25 25.52 -20.83
CA THR A 177 19.68 26.58 -19.95
C THR A 177 20.25 26.09 -18.63
N GLU A 178 19.70 25.00 -18.09
CA GLU A 178 20.07 24.60 -16.73
C GLU A 178 21.23 23.64 -16.72
N THR A 179 21.54 23.10 -17.90
CA THR A 179 22.68 22.20 -18.08
C THR A 179 23.39 22.34 -19.45
N ASN A 180 24.63 22.75 -19.42
CA ASN A 180 25.36 22.81 -20.65
C ASN A 180 25.77 21.39 -21.07
N ILE A 181 24.80 20.50 -21.28
CA ILE A 181 25.03 19.16 -21.86
C ILE A 181 25.34 19.19 -23.38
N ALA A 182 24.92 20.27 -24.03
CA ALA A 182 25.08 20.47 -25.47
C ALA A 182 26.53 20.73 -25.85
N SER A 183 27.37 20.96 -24.83
CA SER A 183 28.76 21.35 -25.03
C SER A 183 29.63 20.28 -25.67
N GLY A 184 29.71 19.12 -25.03
CA GLY A 184 30.49 18.00 -25.52
C GLY A 184 29.64 16.97 -26.22
N ALA A 185 28.39 17.31 -26.50
CA ALA A 185 27.45 16.33 -27.04
C ALA A 185 27.74 16.05 -28.50
N VAL A 186 27.83 14.75 -28.80
CA VAL A 186 28.09 14.25 -30.14
C VAL A 186 26.88 14.35 -31.05
N SER A 187 27.00 15.12 -32.12
CA SER A 187 25.94 15.24 -33.12
C SER A 187 26.18 14.30 -34.31
N VAL A 188 25.18 14.20 -35.18
CA VAL A 188 25.30 13.44 -36.43
C VAL A 188 26.49 13.95 -37.25
N SER A 189 26.60 15.27 -37.40
CA SER A 189 27.69 15.86 -38.15
C SER A 189 29.02 15.64 -37.44
N SER A 190 29.01 15.72 -36.11
CA SER A 190 30.22 15.54 -35.33
C SER A 190 30.74 14.13 -35.51
N ALA A 191 29.82 13.16 -35.37
CA ALA A 191 30.19 11.76 -35.51
C ALA A 191 30.62 11.42 -36.93
N ALA A 192 30.09 12.17 -37.90
CA ALA A 192 30.45 11.95 -39.30
C ALA A 192 31.92 12.25 -39.55
N VAL A 193 32.41 13.32 -38.92
CA VAL A 193 33.81 13.67 -39.03
C VAL A 193 34.66 12.69 -38.25
N GLU A 194 34.20 12.34 -37.05
CA GLU A 194 34.93 11.42 -36.16
C GLU A 194 35.07 10.06 -36.81
N LEU A 195 34.00 9.59 -37.45
CA LEU A 195 34.01 8.31 -38.15
C LEU A 195 34.92 8.33 -39.37
N ALA A 196 34.99 9.46 -40.06
CA ALA A 196 35.82 9.57 -41.24
C ALA A 196 37.30 9.50 -40.87
N LEU A 197 37.67 10.18 -39.80
CA LEU A 197 39.06 10.23 -39.39
C LEU A 197 39.43 8.91 -38.76
N MET A 198 38.41 8.15 -38.37
CA MET A 198 38.64 6.88 -37.74
C MET A 198 38.89 5.77 -38.76
N LYS A 199 38.22 5.84 -39.89
CA LYS A 199 38.27 4.72 -40.80
C LYS A 199 39.45 4.82 -41.74
N LEU A 200 39.82 6.04 -42.09
CA LEU A 200 40.88 6.23 -43.07
C LEU A 200 42.17 6.01 -42.31
N PRO A 201 43.19 5.41 -42.97
CA PRO A 201 44.43 5.00 -42.28
C PRO A 201 45.04 6.10 -41.41
N GLN A 202 45.57 5.69 -40.28
CA GLN A 202 45.97 6.65 -39.28
C GLN A 202 46.98 7.63 -39.81
N SER A 203 47.41 7.50 -41.08
CA SER A 203 48.42 8.38 -41.68
C SER A 203 47.88 9.68 -42.29
N SER A 204 47.67 10.65 -41.39
CA SER A 204 47.19 11.99 -41.70
C SER A 204 45.69 12.01 -42.06
N ASN A 205 44.88 11.77 -41.02
CA ASN A 205 43.43 11.80 -41.14
C ASN A 205 42.91 13.15 -41.61
N VAL A 206 43.65 14.21 -41.29
CA VAL A 206 43.27 15.55 -41.68
C VAL A 206 43.87 15.95 -43.04
N SER A 207 45.12 15.56 -43.27
CA SER A 207 45.81 15.89 -44.52
C SER A 207 45.09 15.35 -45.74
N ALA A 208 44.19 14.41 -45.53
CA ALA A 208 43.37 13.85 -46.62
C ALA A 208 42.47 14.93 -47.19
N ARG A 209 42.25 14.90 -48.48
CA ARG A 209 41.34 15.85 -49.11
C ARG A 209 39.88 15.69 -48.70
N MET A 210 39.29 16.72 -48.08
CA MET A 210 37.88 16.70 -47.68
C MET A 210 36.91 17.28 -48.74
N CYS A 211 35.66 16.81 -48.74
CA CYS A 211 34.61 17.41 -49.56
C CYS A 211 33.22 17.34 -48.90
N VAL A 212 32.47 18.44 -48.92
CA VAL A 212 31.13 18.43 -48.33
C VAL A 212 30.08 18.88 -49.34
N ILE A 213 29.12 18.02 -49.64
CA ILE A 213 27.99 18.37 -50.54
C ILE A 213 26.73 18.79 -49.78
N GLY A 214 26.30 20.03 -49.98
CA GLY A 214 25.14 20.63 -49.33
C GLY A 214 25.48 21.44 -48.10
N ALA A 215 25.47 22.76 -48.23
CA ALA A 215 25.88 23.61 -47.13
C ALA A 215 24.63 24.13 -46.44
N GLY A 216 24.00 23.23 -45.70
CA GLY A 216 22.81 23.57 -44.97
C GLY A 216 23.22 23.50 -43.53
N LYS A 217 22.26 23.29 -42.63
CA LYS A 217 22.56 23.22 -41.20
C LYS A 217 23.50 22.08 -40.88
N MET A 218 23.21 20.91 -41.46
CA MET A 218 24.03 19.71 -41.29
C MET A 218 25.39 19.89 -41.93
N GLY A 219 25.42 20.57 -43.07
CA GLY A 219 26.68 20.84 -43.76
C GLY A 219 27.63 21.75 -43.01
N LYS A 220 27.12 22.81 -42.39
CA LYS A 220 27.96 23.75 -41.65
C LYS A 220 28.64 23.07 -40.46
N LEU A 221 27.93 22.16 -39.80
CA LEU A 221 28.45 21.47 -38.62
C LEU A 221 29.51 20.43 -38.97
N VAL A 222 29.50 19.96 -40.22
CA VAL A 222 30.57 19.09 -40.69
C VAL A 222 31.88 19.89 -40.85
N ILE A 223 31.77 21.03 -41.52
CA ILE A 223 32.91 21.90 -41.75
C ILE A 223 33.46 22.42 -40.44
N LYS A 224 32.55 22.77 -39.54
CA LYS A 224 32.92 23.26 -38.21
C LYS A 224 33.73 22.22 -37.43
N HIS A 225 33.29 20.98 -37.45
CA HIS A 225 33.98 19.96 -36.69
C HIS A 225 35.23 19.48 -37.42
N LEU A 226 35.31 19.76 -38.70
CA LEU A 226 36.49 19.40 -39.47
C LEU A 226 37.58 20.35 -39.05
N MET A 227 37.20 21.62 -38.92
CA MET A 227 38.12 22.67 -38.51
C MET A 227 38.61 22.41 -37.10
N ALA A 228 37.73 21.88 -36.27
CA ALA A 228 38.06 21.60 -34.88
C ALA A 228 38.95 20.36 -34.76
N LYS A 229 39.29 19.73 -35.88
CA LYS A 229 40.20 18.59 -35.87
C LYS A 229 41.45 18.90 -36.66
N GLY A 230 41.53 20.17 -37.12
CA GLY A 230 42.67 20.74 -37.84
C GLY A 230 42.60 20.77 -39.37
N CYS A 231 41.38 20.60 -39.88
CA CYS A 231 41.18 20.65 -41.31
C CYS A 231 41.24 22.11 -41.72
N THR A 232 42.24 22.41 -42.55
CA THR A 232 42.57 23.75 -43.05
C THR A 232 41.79 24.15 -44.32
N LYS A 233 41.58 23.15 -45.19
CA LYS A 233 40.92 23.34 -46.48
C LYS A 233 39.80 22.29 -46.74
N VAL A 234 38.66 22.77 -47.21
CA VAL A 234 37.53 21.92 -47.58
C VAL A 234 36.78 22.44 -48.80
N VAL A 235 36.46 21.54 -49.72
CA VAL A 235 35.68 21.91 -50.89
C VAL A 235 34.21 21.67 -50.60
N VAL A 236 33.38 22.69 -50.85
CA VAL A 236 31.95 22.58 -50.56
C VAL A 236 31.09 22.76 -51.80
N VAL A 237 30.27 21.76 -52.10
CA VAL A 237 29.34 21.81 -53.23
C VAL A 237 27.95 22.21 -52.76
N ASN A 238 27.36 23.22 -53.41
CA ASN A 238 26.06 23.72 -53.03
C ASN A 238 25.37 24.50 -54.14
N ARG A 239 24.05 24.63 -54.06
CA ARG A 239 23.32 25.41 -55.04
C ARG A 239 23.63 26.90 -54.93
N SER A 240 23.23 27.50 -53.81
CA SER A 240 23.41 28.91 -53.59
C SER A 240 24.83 29.21 -53.14
N GLU A 241 25.53 30.09 -53.86
CA GLU A 241 26.88 30.46 -53.46
C GLU A 241 26.85 31.42 -52.27
N GLU A 242 25.79 32.21 -52.19
CA GLU A 242 25.64 33.17 -51.10
C GLU A 242 25.62 32.45 -49.77
N ARG A 243 25.04 31.25 -49.76
CA ARG A 243 24.97 30.44 -48.55
C ARG A 243 26.36 30.05 -48.07
N VAL A 244 27.21 29.66 -49.02
CA VAL A 244 28.56 29.21 -48.69
C VAL A 244 29.41 30.38 -48.23
N SER A 245 29.28 31.50 -48.93
CA SER A 245 30.02 32.72 -48.58
C SER A 245 29.61 33.23 -47.21
N ALA A 246 28.38 32.93 -46.81
CA ALA A 246 27.88 33.30 -45.49
C ALA A 246 28.54 32.45 -44.40
N ILE A 247 28.95 31.25 -44.79
CA ILE A 247 29.64 30.33 -43.87
C ILE A 247 31.13 30.66 -43.78
N ARG A 248 31.72 31.04 -44.92
CA ARG A 248 33.13 31.39 -44.99
C ARG A 248 33.43 32.63 -44.13
N GLU A 249 32.46 33.54 -44.11
CA GLU A 249 32.56 34.79 -43.36
C GLU A 249 32.35 34.56 -41.87
N GLU A 250 31.82 33.37 -41.56
CA GLU A 250 31.58 32.90 -40.18
C GLU A 250 32.75 32.14 -39.53
N MET A 251 33.44 31.31 -40.33
CA MET A 251 34.59 30.56 -39.86
C MET A 251 35.86 30.81 -40.68
N PRO A 252 36.66 31.80 -40.27
CA PRO A 252 37.86 32.06 -41.09
C PRO A 252 38.98 31.09 -40.73
N GLY A 253 38.72 30.14 -39.85
CA GLY A 253 39.76 29.25 -39.37
C GLY A 253 39.98 28.13 -40.36
N ILE A 254 39.08 28.05 -41.33
CA ILE A 254 39.14 27.02 -42.38
C ILE A 254 38.86 27.60 -43.78
N GLU A 255 39.64 27.14 -44.75
CA GLU A 255 39.47 27.57 -46.13
C GLU A 255 38.32 26.82 -46.81
N ILE A 256 37.38 27.58 -47.36
CA ILE A 256 36.19 26.98 -48.00
C ILE A 256 36.09 27.39 -49.46
N ILE A 257 36.10 26.41 -50.36
CA ILE A 257 35.96 26.67 -51.79
C ILE A 257 34.60 26.22 -52.32
N TYR A 258 33.93 27.13 -53.02
CA TYR A 258 32.57 26.87 -53.47
C TYR A 258 32.55 26.31 -54.86
N ARG A 259 31.74 25.29 -55.08
CA ARG A 259 31.53 24.77 -56.42
C ARG A 259 30.06 24.46 -56.58
N PRO A 260 29.53 24.65 -57.80
CA PRO A 260 28.12 24.32 -58.08
C PRO A 260 27.92 22.81 -58.30
N LEU A 261 26.66 22.39 -58.40
CA LEU A 261 26.35 20.96 -58.53
C LEU A 261 26.87 20.38 -59.83
N ASP A 262 27.07 21.24 -60.83
CA ASP A 262 27.58 20.82 -62.14
C ASP A 262 28.94 20.16 -62.03
N GLU A 263 29.70 20.55 -61.00
CA GLU A 263 31.02 20.01 -60.78
C GLU A 263 31.09 19.00 -59.63
N MET A 264 29.97 18.32 -59.37
CA MET A 264 29.94 17.37 -58.26
C MET A 264 30.90 16.19 -58.43
N LEU A 265 30.79 15.46 -59.55
CA LEU A 265 31.67 14.33 -59.77
C LEU A 265 33.11 14.76 -59.91
N ALA A 266 33.30 16.01 -60.31
CA ALA A 266 34.63 16.53 -60.55
C ALA A 266 35.29 16.78 -59.20
N CYS A 267 34.48 17.12 -58.20
CA CYS A 267 34.97 17.32 -56.84
C CYS A 267 35.23 15.99 -56.10
N ALA A 268 34.33 15.02 -56.32
CA ALA A 268 34.47 13.73 -55.67
C ALA A 268 35.70 13.00 -56.19
N SER A 269 36.04 13.24 -57.44
CA SER A 269 37.17 12.57 -58.05
C SER A 269 38.47 13.12 -57.49
N GLU A 270 38.40 14.31 -56.91
CA GLU A 270 39.58 14.96 -56.35
C GLU A 270 39.46 15.06 -54.84
N ALA A 271 38.68 14.16 -54.24
CA ALA A 271 38.50 14.16 -52.80
C ALA A 271 38.69 12.75 -52.23
N ASP A 272 39.30 12.70 -51.06
CA ASP A 272 39.60 11.42 -50.42
C ASP A 272 38.40 10.96 -49.62
N VAL A 273 37.57 11.91 -49.21
CA VAL A 273 36.36 11.60 -48.46
C VAL A 273 35.24 12.60 -48.77
N VAL A 274 34.07 12.08 -49.12
CA VAL A 274 32.92 12.90 -49.51
C VAL A 274 31.80 12.86 -48.49
N PHE A 275 31.54 13.99 -47.86
CA PHE A 275 30.43 14.12 -46.92
C PHE A 275 29.20 14.60 -47.68
N THR A 276 28.14 13.81 -47.65
CA THR A 276 26.94 14.17 -48.39
C THR A 276 25.74 14.48 -47.49
N SER A 277 25.29 15.71 -47.54
CA SER A 277 24.09 16.04 -46.87
C SER A 277 23.35 16.98 -47.78
N THR A 278 22.18 16.57 -48.23
CA THR A 278 21.30 17.45 -49.00
C THR A 278 19.88 17.02 -48.68
N ALA A 279 18.91 17.54 -49.45
CA ALA A 279 17.52 17.13 -49.28
C ALA A 279 16.94 16.43 -50.52
N SER A 280 17.81 15.88 -51.35
CA SER A 280 17.37 15.15 -52.55
C SER A 280 16.80 13.77 -52.21
N GLU A 281 15.58 13.50 -52.63
CA GLU A 281 14.93 12.22 -52.33
C GLU A 281 15.66 11.06 -53.00
N THR A 282 16.21 11.31 -54.17
CA THR A 282 16.95 10.29 -54.89
C THR A 282 18.45 10.51 -54.67
N PRO A 283 19.23 9.42 -54.71
CA PRO A 283 20.68 9.48 -54.52
C PRO A 283 21.39 10.40 -55.52
N LEU A 284 22.51 10.97 -55.08
CA LEU A 284 23.35 11.85 -55.90
C LEU A 284 24.50 11.06 -56.51
N PHE A 285 24.85 9.95 -55.85
CA PHE A 285 25.83 8.99 -56.39
C PHE A 285 25.25 7.55 -56.63
N LEU A 286 25.35 7.09 -57.88
CA LEU A 286 24.95 5.73 -58.20
C LEU A 286 26.26 5.02 -58.48
N LYS A 287 26.20 3.70 -58.65
CA LYS A 287 27.41 2.88 -58.85
C LYS A 287 28.15 3.26 -60.11
N GLU A 288 27.37 3.37 -61.20
CA GLU A 288 27.88 3.76 -62.51
CA GLU A 288 27.87 3.76 -62.51
C GLU A 288 28.82 4.96 -62.49
N HIS A 289 28.46 6.00 -61.76
CA HIS A 289 29.26 7.21 -61.78
C HIS A 289 30.53 7.10 -60.95
N VAL A 290 30.46 6.35 -59.87
CA VAL A 290 31.57 6.28 -58.94
C VAL A 290 32.61 5.37 -59.53
N GLU A 291 32.16 4.47 -60.40
CA GLU A 291 33.07 3.61 -61.15
C GLU A 291 33.98 4.42 -62.07
N ASN A 292 33.45 5.51 -62.62
CA ASN A 292 34.23 6.31 -63.54
C ASN A 292 35.20 7.20 -62.80
N LEU A 293 35.02 7.31 -61.50
CA LEU A 293 35.88 8.18 -60.71
C LEU A 293 37.18 7.44 -60.49
N PRO A 294 38.30 8.17 -60.49
CA PRO A 294 39.61 7.59 -60.21
C PRO A 294 39.67 7.12 -58.76
N GLN A 295 40.70 6.38 -58.40
CA GLN A 295 40.89 5.99 -57.00
C GLN A 295 41.36 7.21 -56.21
N ALA A 296 41.19 7.16 -54.90
CA ALA A 296 41.63 8.26 -54.03
C ALA A 296 43.15 8.27 -53.90
N SER A 297 43.67 9.24 -53.15
CA SER A 297 45.10 9.35 -52.94
C SER A 297 45.67 8.07 -52.32
N PRO A 298 46.91 7.71 -52.70
CA PRO A 298 47.51 6.50 -52.13
C PRO A 298 47.88 6.69 -50.66
N GLU A 299 47.75 7.91 -50.15
CA GLU A 299 48.05 8.17 -48.75
C GLU A 299 46.96 7.57 -47.87
N VAL A 300 45.78 7.35 -48.46
CA VAL A 300 44.68 6.78 -47.72
C VAL A 300 44.34 5.39 -48.26
N GLY A 301 45.19 4.88 -49.14
CA GLY A 301 45.02 3.54 -49.65
C GLY A 301 44.23 3.51 -50.95
N GLY A 302 43.94 4.68 -51.49
CA GLY A 302 43.16 4.77 -52.71
C GLY A 302 41.69 4.52 -52.47
N LEU A 303 41.25 4.62 -51.21
CA LEU A 303 39.84 4.45 -50.88
C LEU A 303 39.15 5.78 -50.67
N ARG A 304 38.02 5.95 -51.35
CA ARG A 304 37.22 7.17 -51.24
C ARG A 304 36.03 6.87 -50.34
N HIS A 305 35.93 7.64 -49.26
CA HIS A 305 34.96 7.34 -48.23
C HIS A 305 33.78 8.26 -48.33
N PHE A 306 32.63 7.70 -48.72
CA PHE A 306 31.39 8.47 -48.81
C PHE A 306 30.58 8.41 -47.51
N VAL A 307 30.69 9.45 -46.69
CA VAL A 307 29.92 9.51 -45.47
C VAL A 307 28.58 10.19 -45.70
N ASP A 308 27.50 9.44 -45.52
CA ASP A 308 26.17 9.93 -45.84
C ASP A 308 25.34 10.16 -44.59
N ILE A 309 25.13 11.43 -44.25
CA ILE A 309 24.37 11.78 -43.06
C ILE A 309 23.00 12.30 -43.44
N SER A 310 22.46 11.76 -44.51
CA SER A 310 21.17 12.21 -45.02
C SER A 310 20.13 11.08 -45.03
N VAL A 311 18.89 11.42 -44.68
CA VAL A 311 17.80 10.46 -44.78
C VAL A 311 16.56 11.12 -45.42
N PRO A 312 16.18 10.66 -46.63
CA PRO A 312 16.78 9.61 -47.47
C PRO A 312 18.25 9.87 -47.87
N ARG A 313 18.98 8.78 -48.09
CA ARG A 313 20.39 8.83 -48.40
C ARG A 313 20.65 9.56 -49.70
N ASN A 314 21.85 10.12 -49.86
CA ASN A 314 22.22 10.81 -51.08
C ASN A 314 23.13 9.91 -51.88
N VAL A 315 23.59 8.84 -51.23
CA VAL A 315 24.41 7.82 -51.89
C VAL A 315 23.66 6.48 -52.06
N GLY A 316 23.87 5.91 -53.25
CA GLY A 316 23.16 4.70 -53.62
C GLY A 316 23.68 3.56 -52.81
N SER A 317 22.98 2.46 -52.87
CA SER A 317 23.22 1.39 -51.93
C SER A 317 24.13 0.37 -52.56
N CYS A 318 24.66 0.67 -53.74
CA CYS A 318 25.54 -0.29 -54.38
C CYS A 318 26.72 0.44 -54.97
N VAL A 319 27.07 1.58 -54.38
CA VAL A 319 28.23 2.30 -54.85
C VAL A 319 29.36 1.79 -54.00
N GLY A 320 29.01 1.16 -52.88
CA GLY A 320 29.98 0.51 -52.03
C GLY A 320 30.55 -0.76 -52.66
N GLU A 321 29.89 -1.25 -53.72
CA GLU A 321 30.36 -2.43 -54.43
C GLU A 321 31.65 -2.16 -55.19
N VAL A 322 31.90 -0.87 -55.46
CA VAL A 322 33.14 -0.46 -56.08
C VAL A 322 34.29 -0.66 -55.09
N GLU A 323 35.40 -1.21 -55.59
CA GLU A 323 36.58 -1.54 -54.78
C GLU A 323 37.24 -0.30 -54.19
N THR A 324 37.20 0.79 -54.94
CA THR A 324 37.81 2.06 -54.51
C THR A 324 36.82 3.02 -53.83
N ALA A 325 35.74 2.49 -53.29
CA ALA A 325 34.73 3.32 -52.64
C ALA A 325 34.01 2.59 -51.50
N ARG A 326 33.88 3.26 -50.36
CA ARG A 326 33.16 2.69 -49.22
C ARG A 326 32.10 3.66 -48.76
N VAL A 327 30.94 3.13 -48.40
CA VAL A 327 29.81 3.96 -47.99
C VAL A 327 29.46 3.86 -46.51
N TYR A 328 29.16 5.00 -45.90
CA TYR A 328 28.71 5.01 -44.52
C TYR A 328 27.39 5.78 -44.39
N ASN A 329 26.37 5.15 -43.83
CA ASN A 329 25.11 5.83 -43.45
C ASN A 329 25.07 6.32 -41.98
N VAL A 330 23.93 6.86 -41.58
CA VAL A 330 23.76 7.35 -40.23
C VAL A 330 23.81 6.19 -39.24
N ASP A 331 23.54 4.98 -39.72
CA ASP A 331 23.55 3.80 -38.86
C ASP A 331 24.96 3.44 -38.43
N ASP A 332 25.93 3.80 -39.27
CA ASP A 332 27.33 3.48 -39.03
C ASP A 332 28.04 4.48 -38.11
N LEU A 333 27.31 5.47 -37.63
CA LEU A 333 27.84 6.47 -36.70
C LEU A 333 27.86 5.97 -35.25
N LYS A 334 27.47 4.71 -35.07
CA LYS A 334 27.40 4.08 -33.75
C LYS A 334 28.77 3.68 -33.21
N GLU A 335 29.78 3.70 -34.07
CA GLU A 335 31.14 3.31 -33.67
C GLU A 335 31.82 4.38 -32.79
N VAL A 336 32.05 4.00 -31.53
CA VAL A 336 32.59 4.87 -30.48
C VAL A 336 31.82 6.20 -30.40
N VAL A 337 30.58 6.17 -30.85
CA VAL A 337 29.70 7.34 -30.88
C VAL A 337 30.35 8.49 -31.65
N GLU A 342 34.99 9.89 -22.72
CA GLU A 342 33.93 10.79 -22.27
C GLU A 342 33.45 10.45 -20.86
N ASP A 343 34.18 10.94 -19.86
CA ASP A 343 33.83 10.66 -18.47
C ASP A 343 32.94 11.75 -17.88
N ARG A 344 32.80 12.86 -18.61
CA ARG A 344 31.90 13.95 -18.22
C ARG A 344 30.47 13.62 -18.65
N MET A 345 29.93 12.54 -18.07
CA MET A 345 28.58 12.06 -18.35
C MET A 345 27.63 12.46 -17.23
N ARG A 346 28.14 13.26 -16.31
CA ARG A 346 27.37 13.81 -15.18
C ARG A 346 26.32 14.79 -15.70
N LYS A 347 26.60 15.40 -16.85
CA LYS A 347 25.65 16.29 -17.50
C LYS A 347 24.39 15.53 -17.95
N ALA A 348 24.57 14.25 -18.28
CA ALA A 348 23.45 13.41 -18.69
C ALA A 348 22.52 13.15 -17.51
N MET A 349 23.10 12.92 -16.35
CA MET A 349 22.33 12.67 -15.13
C MET A 349 21.68 13.94 -14.62
N GLU A 350 22.33 15.07 -14.84
CA GLU A 350 21.78 16.35 -14.40
C GLU A 350 20.57 16.73 -15.26
N ALA A 351 20.58 16.25 -16.50
CA ALA A 351 19.48 16.51 -17.43
C ALA A 351 18.35 15.53 -17.18
N GLN A 352 18.70 14.34 -16.71
CA GLN A 352 17.69 13.35 -16.33
C GLN A 352 16.88 13.81 -15.11
N THR A 353 17.46 14.71 -14.34
CA THR A 353 16.77 15.33 -13.21
C THR A 353 15.61 16.17 -13.72
N ILE A 354 15.87 16.89 -14.82
CA ILE A 354 14.86 17.74 -15.45
C ILE A 354 13.74 16.91 -16.09
N ILE A 355 14.13 15.85 -16.80
CA ILE A 355 13.15 14.98 -17.45
C ILE A 355 12.21 14.34 -16.43
N THR A 356 12.79 13.77 -15.39
CA THR A 356 12.02 13.12 -14.33
C THR A 356 11.11 14.12 -13.63
N GLU A 357 11.63 15.32 -13.41
CA GLU A 357 10.91 16.39 -12.72
C GLU A 357 9.66 16.81 -13.51
N GLU A 358 9.79 16.88 -14.83
CA GLU A 358 8.69 17.27 -15.69
C GLU A 358 7.78 16.10 -16.14
N SER A 359 8.37 14.92 -16.30
CA SER A 359 7.60 13.77 -16.77
C SER A 359 6.55 13.32 -15.75
N THR A 360 6.98 13.30 -14.49
CA THR A 360 6.13 12.92 -13.37
C THR A 360 5.26 14.08 -12.87
N GLN A 361 5.45 15.25 -13.47
CA GLN A 361 4.62 16.42 -13.19
C GLN A 361 3.57 16.69 -14.29
N PHE A 362 3.90 16.26 -15.51
CA PHE A 362 2.99 16.37 -16.64
C PHE A 362 1.89 15.34 -16.51
N GLU A 363 2.26 14.15 -16.04
CA GLU A 363 1.30 13.08 -15.85
C GLU A 363 0.35 13.40 -14.71
N ALA A 364 0.85 14.14 -13.71
CA ALA A 364 0.02 14.57 -12.61
C ALA A 364 -1.01 15.58 -13.09
N TRP A 365 -0.60 16.38 -14.07
CA TRP A 365 -1.48 17.37 -14.66
C TRP A 365 -2.58 16.69 -15.48
N ARG A 366 -2.25 15.54 -16.06
CA ARG A 366 -3.24 14.79 -16.82
C ARG A 366 -4.26 14.16 -15.89
N ASP A 367 -3.78 13.65 -14.75
CA ASP A 367 -4.65 12.99 -13.80
C ASP A 367 -5.60 13.99 -13.17
N SER A 368 -5.22 15.27 -13.23
CA SER A 368 -6.04 16.37 -12.78
C SER A 368 -7.33 16.53 -13.59
N LEU A 369 -7.28 16.08 -14.83
CA LEU A 369 -8.39 16.32 -15.75
C LEU A 369 -9.35 15.15 -15.80
N GLU A 370 -9.06 14.10 -15.02
CA GLU A 370 -9.90 12.92 -15.02
C GLU A 370 -11.24 13.15 -14.32
N THR A 371 -11.32 14.22 -13.54
CA THR A 371 -12.53 14.50 -12.77
C THR A 371 -13.54 15.29 -13.59
N VAL A 372 -13.10 15.84 -14.72
CA VAL A 372 -13.96 16.66 -15.56
C VAL A 372 -15.26 15.98 -16.02
N PRO A 373 -15.17 14.73 -16.51
CA PRO A 373 -16.43 14.05 -16.89
C PRO A 373 -17.37 13.84 -15.71
N THR A 374 -16.81 13.64 -14.52
CA THR A 374 -17.60 13.46 -13.31
C THR A 374 -18.33 14.76 -12.95
N ILE A 375 -17.64 15.89 -13.15
CA ILE A 375 -18.23 17.21 -12.93
C ILE A 375 -19.44 17.40 -13.84
N LYS A 376 -19.37 16.83 -15.03
CA LYS A 376 -20.47 16.91 -15.98
C LYS A 376 -21.66 16.03 -15.59
N LYS A 377 -21.38 14.80 -15.17
CA LYS A 377 -22.45 13.86 -14.85
C LYS A 377 -23.20 14.32 -13.62
N LEU A 378 -22.47 14.95 -12.70
CA LEU A 378 -23.04 15.37 -11.43
C LEU A 378 -24.02 16.50 -11.64
N ARG A 379 -23.79 17.32 -12.65
CA ARG A 379 -24.72 18.37 -13.02
C ARG A 379 -26.00 17.78 -13.58
N ALA A 380 -25.84 16.75 -14.41
CA ALA A 380 -26.97 16.08 -15.05
C ALA A 380 -27.85 15.37 -14.03
N TYR A 381 -27.21 14.76 -13.03
CA TYR A 381 -27.92 14.09 -11.95
C TYR A 381 -28.72 15.09 -11.16
N ALA A 382 -28.12 16.26 -10.94
CA ALA A 382 -28.78 17.32 -10.20
C ALA A 382 -29.95 17.91 -10.97
N GLU A 383 -29.84 17.99 -12.28
CA GLU A 383 -30.89 18.59 -13.08
C GLU A 383 -32.15 17.74 -13.09
N ARG A 384 -31.98 16.43 -13.21
CA ARG A 384 -33.11 15.50 -13.23
C ARG A 384 -33.97 15.63 -11.99
N ILE A 385 -33.32 15.83 -10.84
CA ILE A 385 -34.02 16.01 -9.59
C ILE A 385 -34.64 17.39 -9.52
N ARG A 386 -33.87 18.40 -9.90
CA ARG A 386 -34.33 19.78 -9.81
C ARG A 386 -35.51 20.05 -10.73
N VAL A 387 -35.51 19.43 -11.91
CA VAL A 387 -36.60 19.60 -12.85
C VAL A 387 -37.86 18.90 -12.36
N ALA A 388 -37.70 17.65 -11.95
CA ALA A 388 -38.81 16.83 -11.49
C ALA A 388 -39.51 17.42 -10.27
N GLU A 389 -38.72 17.93 -9.33
CA GLU A 389 -39.27 18.50 -8.11
C GLU A 389 -39.97 19.83 -8.34
N LEU A 390 -39.51 20.57 -9.35
CA LEU A 390 -40.12 21.86 -9.65
C LEU A 390 -41.42 21.67 -10.44
N GLU A 391 -41.47 20.66 -11.30
CA GLU A 391 -42.68 20.39 -12.06
C GLU A 391 -43.81 19.90 -11.16
N LYS A 392 -43.45 19.13 -10.14
CA LYS A 392 -44.45 18.63 -9.22
C LYS A 392 -44.88 19.77 -8.31
N CYS A 393 -44.09 20.83 -8.31
CA CYS A 393 -44.38 21.96 -7.46
C CYS A 393 -45.23 22.94 -8.22
N MET A 394 -44.93 23.12 -9.50
CA MET A 394 -45.67 24.06 -10.31
C MET A 394 -47.05 23.57 -10.70
N SER A 395 -47.25 22.26 -10.76
CA SER A 395 -48.56 21.78 -11.12
C SER A 395 -49.49 21.93 -9.93
N LYS A 396 -48.93 21.90 -8.74
CA LYS A 396 -49.73 22.00 -7.54
C LYS A 396 -49.73 23.43 -7.04
N MET A 397 -49.60 24.37 -7.97
CA MET A 397 -49.59 25.81 -7.67
C MET A 397 -50.48 26.64 -8.63
N ILE A 401 -52.22 32.76 -10.88
CA ILE A 401 -51.36 33.87 -10.47
C ILE A 401 -49.91 33.43 -10.45
N ASN A 402 -49.02 34.24 -11.04
CA ASN A 402 -47.59 33.96 -10.98
C ASN A 402 -46.70 35.21 -11.10
N LYS A 403 -46.39 35.58 -12.33
CA LYS A 403 -45.46 36.66 -12.56
C LYS A 403 -44.17 36.45 -11.77
N LYS A 404 -43.89 37.37 -10.86
CA LYS A 404 -42.56 37.42 -10.29
C LYS A 404 -42.35 36.26 -9.33
N THR A 405 -43.43 35.55 -9.00
CA THR A 405 -43.33 34.48 -8.03
C THR A 405 -42.68 33.27 -8.67
N THR A 406 -42.98 33.03 -9.94
CA THR A 406 -42.39 31.92 -10.67
C THR A 406 -40.88 32.08 -10.77
N ARG A 407 -40.41 33.29 -11.01
CA ARG A 407 -38.98 33.53 -11.10
C ARG A 407 -38.32 33.38 -9.73
N ALA A 408 -39.11 33.49 -8.68
CA ALA A 408 -38.54 33.40 -7.36
C ALA A 408 -38.47 31.95 -6.93
N VAL A 409 -39.43 31.15 -7.36
CA VAL A 409 -39.44 29.76 -6.99
C VAL A 409 -38.40 29.03 -7.82
N ASP A 410 -38.12 29.56 -9.00
CA ASP A 410 -37.11 28.95 -9.87
C ASP A 410 -35.75 29.24 -9.27
N ASP A 411 -35.62 30.43 -8.70
CA ASP A 411 -34.37 30.82 -8.04
C ASP A 411 -34.09 29.97 -6.82
N LEU A 412 -35.15 29.60 -6.10
CA LEU A 412 -35.01 28.69 -4.96
C LEU A 412 -34.59 27.31 -5.45
N SER A 413 -35.22 26.86 -6.53
CA SER A 413 -34.95 25.55 -7.09
C SER A 413 -33.49 25.40 -7.52
N ARG A 414 -32.93 26.42 -8.16
CA ARG A 414 -31.54 26.38 -8.60
C ARG A 414 -30.61 26.82 -7.49
N GLY A 415 -31.16 27.54 -6.52
CA GLY A 415 -30.36 28.04 -5.41
C GLY A 415 -29.96 26.95 -4.44
N ILE A 416 -30.89 26.04 -4.17
CA ILE A 416 -30.63 24.92 -3.29
C ILE A 416 -29.61 23.99 -3.93
N VAL A 417 -29.81 23.71 -5.22
CA VAL A 417 -28.91 22.81 -5.95
C VAL A 417 -27.48 23.35 -6.06
N ASN A 418 -27.35 24.61 -6.47
CA ASN A 418 -26.04 25.23 -6.65
C ASN A 418 -25.17 25.22 -5.39
N ARG A 419 -25.76 25.65 -4.28
CA ARG A 419 -25.02 25.71 -3.02
C ARG A 419 -24.72 24.32 -2.49
N PHE A 420 -25.52 23.34 -2.91
CA PHE A 420 -25.34 21.96 -2.51
C PHE A 420 -24.23 21.30 -3.32
N LEU A 421 -24.18 21.63 -4.61
CA LEU A 421 -23.17 21.09 -5.52
C LEU A 421 -21.81 21.75 -5.34
N HIS A 422 -21.83 23.04 -4.98
CA HIS A 422 -20.61 23.83 -4.86
C HIS A 422 -19.51 23.15 -4.05
N GLY A 423 -19.90 22.47 -2.98
CA GLY A 423 -18.97 21.72 -2.16
C GLY A 423 -18.18 20.68 -2.93
N PRO A 424 -18.83 19.59 -3.36
CA PRO A 424 -18.22 18.53 -4.16
C PRO A 424 -17.58 19.04 -5.45
N MET A 425 -18.25 19.96 -6.14
CA MET A 425 -17.74 20.50 -7.40
C MET A 425 -16.36 21.12 -7.23
N GLN A 426 -16.22 21.99 -6.24
CA GLN A 426 -14.96 22.68 -5.98
C GLN A 426 -13.84 21.71 -5.63
N HIS A 427 -14.19 20.63 -4.93
CA HIS A 427 -13.21 19.65 -4.50
C HIS A 427 -12.95 18.55 -5.54
N LEU A 428 -13.44 18.75 -6.75
CA LEU A 428 -13.14 17.86 -7.87
C LEU A 428 -12.08 18.53 -8.74
N ARG A 429 -12.01 19.84 -8.59
CA ARG A 429 -11.09 20.62 -9.35
C ARG A 429 -9.85 20.89 -8.52
N CYS A 430 -8.71 20.45 -9.00
CA CYS A 430 -7.47 20.69 -8.32
C CYS A 430 -6.58 20.75 -9.51
N ASP A 431 -5.51 21.46 -9.45
CA ASP A 431 -4.61 21.39 -10.55
C ASP A 431 -3.58 21.81 -9.63
N GLY A 432 -2.43 22.20 -10.17
CA GLY A 432 -1.40 22.83 -9.37
C GLY A 432 -0.62 21.94 -8.43
N SER A 433 -0.04 20.87 -8.98
CA SER A 433 0.78 19.89 -8.25
C SER A 433 0.11 19.37 -6.97
N ASP A 434 0.89 19.24 -5.89
CA ASP A 434 0.45 18.74 -4.56
C ASP A 434 -0.10 17.30 -4.54
N SER A 435 0.74 16.36 -4.94
CA SER A 435 0.35 14.97 -5.14
C SER A 435 -0.64 14.47 -4.11
N ARG A 436 -0.63 15.04 -2.91
CA ARG A 436 -1.46 14.56 -1.82
C ARG A 436 -2.88 15.08 -1.99
N THR A 437 -3.00 16.33 -2.43
CA THR A 437 -4.30 16.94 -2.70
C THR A 437 -4.95 16.31 -3.94
N LEU A 438 -4.10 15.99 -4.91
CA LEU A 438 -4.55 15.33 -6.14
C LEU A 438 -5.11 13.97 -5.82
N SER A 439 -4.43 13.26 -4.92
CA SER A 439 -4.86 11.93 -4.50
C SER A 439 -6.23 11.99 -3.84
N GLU A 440 -6.43 12.99 -3.00
CA GLU A 440 -7.70 13.18 -2.30
C GLU A 440 -8.79 13.58 -3.27
N THR A 441 -8.40 14.30 -4.32
CA THR A 441 -9.34 14.77 -5.33
C THR A 441 -9.95 13.61 -6.09
N LEU A 442 -9.12 12.64 -6.44
CA LEU A 442 -9.59 11.46 -7.17
C LEU A 442 -10.44 10.56 -6.29
N GLU A 443 -10.12 10.51 -5.00
CA GLU A 443 -10.94 9.75 -4.06
C GLU A 443 -12.31 10.41 -3.89
N ASN A 444 -12.35 11.73 -4.05
CA ASN A 444 -13.61 12.47 -4.02
C ASN A 444 -14.49 12.05 -5.19
N MET A 445 -13.86 11.84 -6.34
CA MET A 445 -14.57 11.38 -7.51
C MET A 445 -15.15 9.99 -7.32
N HIS A 446 -14.35 9.08 -6.79
CA HIS A 446 -14.76 7.70 -6.57
C HIS A 446 -15.98 7.65 -5.65
N ALA A 447 -15.95 8.49 -4.62
CA ALA A 447 -17.02 8.54 -3.64
C ALA A 447 -18.30 9.05 -4.28
N LEU A 448 -18.19 10.10 -5.08
CA LEU A 448 -19.35 10.62 -5.81
C LEU A 448 -19.88 9.58 -6.79
N ASN A 449 -18.99 8.74 -7.33
CA ASN A 449 -19.42 7.62 -8.16
C ASN A 449 -20.18 6.55 -7.37
N ARG A 450 -19.73 6.29 -6.15
CA ARG A 450 -20.36 5.30 -5.30
C ARG A 450 -21.68 5.82 -4.72
N MET A 451 -21.66 7.06 -4.26
CA MET A 451 -22.82 7.65 -3.60
C MET A 451 -23.99 7.95 -4.55
N TYR A 452 -23.68 8.42 -5.76
CA TYR A 452 -24.73 8.79 -6.71
C TYR A 452 -24.88 7.84 -7.90
N GLY A 453 -24.00 6.84 -7.99
CA GLY A 453 -24.05 5.88 -9.08
C GLY A 453 -23.89 6.55 -10.42
N LEU A 454 -22.89 7.42 -10.54
CA LEU A 454 -22.74 8.21 -11.73
C LEU A 454 -22.13 7.40 -12.87
N GLU A 455 -21.21 6.52 -12.54
CA GLU A 455 -20.49 5.77 -13.56
C GLU A 455 -21.26 4.52 -13.93
N LYS A 456 -22.03 4.00 -12.98
CA LYS A 456 -22.84 2.81 -13.21
C LYS A 456 -24.04 3.12 -14.09
N ARG B 23 -12.54 10.72 20.45
CA ARG B 23 -11.70 9.61 20.87
C ARG B 23 -12.43 8.68 21.85
N SER B 24 -12.27 7.39 21.62
CA SER B 24 -12.87 6.44 22.49
C SER B 24 -12.19 5.12 22.28
N SER B 25 -11.84 4.47 23.40
CA SER B 25 -11.16 3.16 23.41
C SER B 25 -11.75 2.12 24.40
N ILE B 26 -11.80 0.87 24.00
CA ILE B 26 -12.22 -0.13 24.94
C ILE B 26 -10.98 -0.65 25.63
N VAL B 27 -10.88 -0.43 26.94
CA VAL B 27 -9.69 -0.86 27.71
C VAL B 27 -9.97 -1.98 28.74
N VAL B 28 -9.04 -2.94 28.83
CA VAL B 28 -9.08 -3.95 29.89
C VAL B 28 -7.89 -3.75 30.83
N ILE B 29 -8.19 -3.58 32.11
CA ILE B 29 -7.17 -3.35 33.12
C ILE B 29 -7.36 -4.32 34.28
N GLY B 30 -6.26 -4.77 34.87
CA GLY B 30 -6.38 -5.60 36.04
C GLY B 30 -5.18 -6.48 36.31
N LEU B 31 -5.35 -7.38 37.25
CA LEU B 31 -4.29 -8.27 37.65
C LEU B 31 -4.65 -9.69 37.26
N SER B 32 -3.87 -10.28 36.37
CA SER B 32 -4.06 -11.69 36.00
C SER B 32 -3.14 -12.63 36.82
N ILE B 33 -3.39 -13.93 36.70
CA ILE B 33 -2.58 -14.91 37.40
C ILE B 33 -1.17 -15.00 36.82
N HIS B 34 -0.98 -14.51 35.60
CA HIS B 34 0.31 -14.59 34.94
C HIS B 34 1.23 -13.42 35.27
N THR B 35 0.69 -12.35 35.85
CA THR B 35 1.47 -11.13 36.12
C THR B 35 1.47 -10.70 37.60
N ALA B 36 0.50 -11.19 38.36
CA ALA B 36 0.39 -10.84 39.76
C ALA B 36 0.20 -12.10 40.58
N PRO B 37 0.82 -12.17 41.77
CA PRO B 37 0.67 -13.31 42.67
C PRO B 37 -0.70 -13.30 43.36
N VAL B 38 -1.13 -14.45 43.87
CA VAL B 38 -2.44 -14.57 44.51
C VAL B 38 -2.57 -13.69 45.76
N GLU B 39 -1.44 -13.44 46.42
CA GLU B 39 -1.41 -12.59 47.62
C GLU B 39 -1.65 -11.12 47.28
N MET B 40 -1.63 -10.82 45.99
CA MET B 40 -1.86 -9.46 45.49
C MET B 40 -3.25 -9.32 44.88
N ARG B 41 -3.72 -10.36 44.19
CA ARG B 41 -5.02 -10.33 43.53
C ARG B 41 -6.19 -10.42 44.52
N GLU B 42 -6.00 -11.21 45.57
CA GLU B 42 -7.07 -11.46 46.54
C GLU B 42 -7.47 -10.20 47.28
N LYS B 43 -6.58 -9.20 47.27
CA LYS B 43 -6.87 -7.92 47.88
C LYS B 43 -7.84 -7.12 47.02
N LEU B 44 -8.07 -7.61 45.81
CA LEU B 44 -8.93 -6.91 44.86
C LEU B 44 -10.09 -7.80 44.38
N ALA B 45 -10.25 -8.97 45.00
CA ALA B 45 -11.31 -9.89 44.62
C ALA B 45 -12.67 -9.32 45.03
N ILE B 46 -13.35 -8.74 44.07
CA ILE B 46 -14.63 -8.09 44.33
C ILE B 46 -15.75 -9.10 44.20
N PRO B 47 -16.53 -9.29 45.28
CA PRO B 47 -17.65 -10.22 45.29
C PRO B 47 -18.79 -9.76 44.37
N GLU B 48 -19.65 -10.69 43.98
CA GLU B 48 -20.73 -10.41 43.04
C GLU B 48 -21.69 -9.34 43.56
N ALA B 49 -21.86 -9.30 44.88
CA ALA B 49 -22.77 -8.36 45.51
C ALA B 49 -22.35 -6.92 45.29
N GLU B 50 -21.04 -6.69 45.27
CA GLU B 50 -20.49 -5.34 45.13
C GLU B 50 -20.19 -4.95 43.69
N TRP B 51 -20.57 -5.80 42.74
CA TRP B 51 -20.40 -5.48 41.32
C TRP B 51 -21.10 -4.18 40.86
N PRO B 52 -22.36 -3.97 41.27
CA PRO B 52 -22.98 -2.70 40.87
C PRO B 52 -22.27 -1.50 41.47
N ARG B 53 -21.79 -1.64 42.71
CA ARG B 53 -21.09 -0.55 43.37
C ARG B 53 -19.74 -0.29 42.72
N ALA B 54 -19.02 -1.34 42.34
CA ALA B 54 -17.73 -1.18 41.68
C ALA B 54 -17.88 -0.49 40.31
N ILE B 55 -18.90 -0.88 39.56
CA ILE B 55 -19.17 -0.26 38.27
C ILE B 55 -19.60 1.20 38.44
N ALA B 56 -20.36 1.46 39.50
CA ALA B 56 -20.82 2.81 39.79
C ALA B 56 -19.66 3.75 40.10
N GLU B 57 -18.74 3.28 40.94
CA GLU B 57 -17.56 4.06 41.34
C GLU B 57 -16.67 4.37 40.14
N LEU B 58 -16.43 3.36 39.30
CA LEU B 58 -15.58 3.53 38.14
C LEU B 58 -16.14 4.56 37.15
N CYS B 59 -17.45 4.57 36.98
CA CYS B 59 -18.07 5.54 36.08
C CYS B 59 -18.10 6.93 36.72
N GLY B 60 -17.81 6.99 38.01
CA GLY B 60 -17.72 8.25 38.73
C GLY B 60 -16.49 9.04 38.28
N LEU B 61 -15.54 8.33 37.67
CA LEU B 61 -14.36 8.95 37.10
C LEU B 61 -14.72 9.73 35.84
N ASN B 62 -13.92 10.74 35.52
CA ASN B 62 -14.22 11.64 34.41
C ASN B 62 -14.10 10.96 33.07
N HIS B 63 -12.99 10.27 32.86
CA HIS B 63 -12.69 9.64 31.58
C HIS B 63 -13.24 8.21 31.46
N ILE B 64 -14.28 7.90 32.23
CA ILE B 64 -14.89 6.57 32.16
C ILE B 64 -16.40 6.67 31.96
N GLU B 65 -16.86 6.12 30.84
CA GLU B 65 -18.28 6.14 30.53
C GLU B 65 -18.96 4.86 31.01
N GLU B 66 -18.47 3.73 30.53
CA GLU B 66 -19.03 2.43 30.90
C GLU B 66 -17.98 1.58 31.62
N ALA B 67 -18.43 0.62 32.41
CA ALA B 67 -17.52 -0.23 33.18
C ALA B 67 -18.11 -1.59 33.52
N ALA B 68 -17.24 -2.57 33.70
CA ALA B 68 -17.65 -3.92 34.09
C ALA B 68 -16.53 -4.62 34.84
N VAL B 69 -16.89 -5.49 35.76
CA VAL B 69 -15.92 -6.22 36.57
C VAL B 69 -15.97 -7.75 36.39
N LEU B 70 -14.88 -8.33 35.90
CA LEU B 70 -14.79 -9.77 35.77
C LEU B 70 -13.81 -10.34 36.78
N SER B 71 -14.30 -11.06 37.78
CA SER B 71 -13.44 -11.58 38.85
C SER B 71 -13.61 -13.09 39.07
N THR B 72 -12.65 -13.87 38.61
CA THR B 72 -12.66 -15.30 38.85
C THR B 72 -11.42 -15.59 39.65
N CYS B 73 -11.22 -16.85 40.03
CA CYS B 73 -10.09 -17.22 40.88
C CYS B 73 -8.72 -17.11 40.20
N ASN B 74 -8.70 -16.98 38.87
CA ASN B 74 -7.45 -16.81 38.09
C ASN B 74 -7.19 -15.38 37.54
N ARG B 75 -8.16 -14.49 37.71
CA ARG B 75 -8.01 -13.14 37.18
C ARG B 75 -8.91 -12.09 37.85
N MET B 76 -8.42 -10.86 37.87
CA MET B 76 -9.21 -9.71 38.25
C MET B 76 -9.09 -8.67 37.12
N GLU B 77 -10.14 -8.50 36.35
CA GLU B 77 -10.06 -7.64 35.17
C GLU B 77 -11.18 -6.60 35.14
N ILE B 78 -10.81 -5.38 34.76
CA ILE B 78 -11.75 -4.28 34.69
C ILE B 78 -11.90 -3.80 33.25
N TYR B 79 -13.08 -3.97 32.69
CA TYR B 79 -13.38 -3.52 31.34
C TYR B 79 -14.09 -2.18 31.35
N VAL B 80 -13.49 -1.18 30.70
CA VAL B 80 -14.02 0.18 30.70
C VAL B 80 -14.11 0.80 29.32
N LEU B 81 -14.95 1.82 29.20
CA LEU B 81 -15.01 2.62 27.98
C LEU B 81 -14.38 3.97 28.29
N ALA B 82 -13.17 4.19 27.79
CA ALA B 82 -12.43 5.38 28.14
C ALA B 82 -12.38 6.38 26.98
N LEU B 83 -12.46 7.66 27.32
CA LEU B 83 -12.39 8.70 26.31
C LEU B 83 -10.95 8.83 25.89
N SER B 84 -10.07 9.03 26.85
CA SER B 84 -8.63 8.98 26.62
C SER B 84 -8.15 7.75 27.34
N GLN B 85 -7.31 6.97 26.69
CA GLN B 85 -6.88 5.74 27.31
C GLN B 85 -5.71 5.94 28.28
N HIS B 86 -4.97 7.04 28.13
CA HIS B 86 -3.82 7.25 28.98
C HIS B 86 -4.29 7.75 30.31
N ARG B 87 -5.27 8.67 30.27
CA ARG B 87 -5.90 9.18 31.47
C ARG B 87 -6.94 8.20 32.03
N GLY B 88 -7.57 7.43 31.16
CA GLY B 88 -8.55 6.44 31.58
C GLY B 88 -7.93 5.34 32.44
N VAL B 89 -6.80 4.83 31.98
CA VAL B 89 -6.08 3.79 32.71
C VAL B 89 -5.61 4.30 34.06
N LYS B 90 -5.07 5.51 34.08
CA LYS B 90 -4.58 6.11 35.30
C LYS B 90 -5.66 6.23 36.37
N GLU B 91 -6.83 6.73 35.98
CA GLU B 91 -7.93 6.94 36.92
C GLU B 91 -8.40 5.62 37.52
N VAL B 92 -8.39 4.57 36.69
CA VAL B 92 -8.77 3.22 37.13
C VAL B 92 -7.68 2.58 38.00
N THR B 93 -6.42 2.77 37.63
CA THR B 93 -5.30 2.22 38.38
C THR B 93 -5.28 2.81 39.79
N GLU B 94 -5.65 4.08 39.90
CA GLU B 94 -5.76 4.72 41.19
C GLU B 94 -6.91 4.12 41.98
N TRP B 95 -8.04 3.89 41.32
CA TRP B 95 -9.21 3.29 41.95
C TRP B 95 -8.88 1.90 42.48
N MET B 96 -8.06 1.17 41.70
CA MET B 96 -7.63 -0.17 42.10
C MET B 96 -6.78 -0.10 43.36
N SER B 97 -6.03 1.00 43.52
CA SER B 97 -5.20 1.19 44.70
C SER B 97 -6.04 1.62 45.89
N LYS B 98 -7.02 2.49 45.64
CA LYS B 98 -7.93 3.01 46.67
C LYS B 98 -8.98 1.98 47.11
N THR B 99 -9.01 0.83 46.41
CA THR B 99 -9.90 -0.31 46.69
C THR B 99 -9.19 -1.57 47.26
N SER B 100 -7.87 -1.67 47.01
CA SER B 100 -7.00 -2.79 47.46
C SER B 100 -6.01 -2.43 48.61
N GLY B 101 -5.64 -1.15 48.67
CA GLY B 101 -4.68 -0.67 49.64
C GLY B 101 -3.28 -0.77 49.09
N ILE B 102 -3.15 -1.51 47.99
CA ILE B 102 -1.86 -1.68 47.33
C ILE B 102 -1.51 -0.38 46.65
N PRO B 103 -0.29 0.11 46.86
CA PRO B 103 0.19 1.35 46.23
C PRO B 103 0.12 1.29 44.71
N VAL B 104 -0.16 2.43 44.07
CA VAL B 104 -0.22 2.51 42.61
C VAL B 104 1.08 2.03 41.97
N SER B 105 2.20 2.33 42.62
CA SER B 105 3.51 1.93 42.10
C SER B 105 3.64 0.42 41.96
N GLU B 106 3.08 -0.31 42.93
CA GLU B 106 3.18 -1.76 42.92
C GLU B 106 2.21 -2.41 41.94
N ILE B 107 1.07 -1.75 41.72
CA ILE B 107 0.06 -2.24 40.81
C ILE B 107 0.61 -2.23 39.39
N CYS B 108 1.30 -1.16 39.03
CA CYS B 108 1.86 -1.00 37.70
C CYS B 108 2.89 -2.06 37.37
N GLN B 109 3.49 -2.62 38.42
CA GLN B 109 4.52 -3.63 38.22
C GLN B 109 3.91 -5.01 38.00
N HIS B 110 2.58 -5.10 38.15
CA HIS B 110 1.91 -6.38 37.97
C HIS B 110 0.60 -6.26 37.18
N ARG B 111 0.33 -5.08 36.63
CA ARG B 111 -0.95 -4.86 35.96
C ARG B 111 -0.96 -5.42 34.55
N PHE B 112 -2.13 -5.90 34.13
CA PHE B 112 -2.35 -6.41 32.78
C PHE B 112 -3.17 -5.37 32.00
N LEU B 113 -2.75 -5.04 30.79
CA LEU B 113 -3.37 -3.91 30.10
C LEU B 113 -3.32 -4.09 28.59
N LEU B 114 -4.49 -4.17 27.97
CA LEU B 114 -4.64 -4.31 26.52
C LEU B 114 -5.68 -3.30 26.04
N TYR B 115 -5.63 -2.85 24.78
CA TYR B 115 -6.45 -1.67 24.36
C TYR B 115 -7.15 -2.07 23.00
N ASN B 116 -8.37 -1.69 22.79
CA ASN B 116 -9.09 -2.08 21.59
C ASN B 116 -9.19 -3.50 21.34
N LYS B 117 -8.65 -4.03 20.26
CA LYS B 117 -9.09 -5.26 19.54
C LYS B 117 -8.18 -6.26 20.32
N ASP B 118 -7.17 -5.77 21.03
CA ASP B 118 -6.39 -6.68 21.87
C ASP B 118 -7.22 -6.98 23.10
N ALA B 119 -8.06 -6.01 23.48
CA ALA B 119 -8.96 -6.13 24.61
C ALA B 119 -10.17 -6.99 24.30
N THR B 120 -10.78 -6.74 23.15
CA THR B 120 -11.97 -7.48 22.73
C THR B 120 -11.65 -8.95 22.48
N GLN B 121 -10.42 -9.21 22.02
CA GLN B 121 -9.96 -10.58 21.80
C GLN B 121 -9.71 -11.32 23.12
N HIS B 122 -9.17 -10.59 24.09
CA HIS B 122 -8.79 -11.18 25.37
C HIS B 122 -10.00 -11.74 26.10
N ILE B 123 -11.07 -10.95 26.16
CA ILE B 123 -12.29 -11.39 26.83
C ILE B 123 -12.94 -12.56 26.08
N PHE B 124 -12.66 -12.65 24.78
CA PHE B 124 -13.12 -13.79 23.98
C PHE B 124 -12.27 -15.01 24.30
N GLU B 125 -10.96 -14.83 24.42
CA GLU B 125 -10.05 -15.91 24.81
C GLU B 125 -10.32 -16.41 26.24
N VAL B 126 -10.93 -15.59 27.06
CA VAL B 126 -11.27 -16.00 28.42
C VAL B 126 -12.57 -16.79 28.44
N SER B 127 -13.57 -16.30 27.69
CA SER B 127 -14.87 -16.94 27.62
C SER B 127 -14.78 -18.32 26.98
N ALA B 128 -13.77 -18.49 26.13
CA ALA B 128 -13.55 -19.75 25.44
C ALA B 128 -12.71 -20.72 26.27
N GLY B 129 -12.27 -20.28 27.43
CA GLY B 129 -11.49 -21.14 28.31
C GLY B 129 -10.13 -21.45 27.71
N LEU B 130 -9.72 -20.66 26.73
CA LEU B 130 -8.47 -20.89 26.06
C LEU B 130 -7.30 -20.55 26.95
N ASP B 131 -7.41 -19.50 27.75
CA ASP B 131 -6.33 -19.04 28.65
C ASP B 131 -6.22 -19.72 30.04
N SER B 132 -5.01 -20.07 30.45
CA SER B 132 -4.77 -20.53 31.81
C SER B 132 -5.73 -21.61 32.22
N LEU B 133 -5.76 -21.95 33.51
CA LEU B 133 -6.48 -23.15 33.92
C LEU B 133 -7.93 -22.76 33.88
N VAL B 134 -8.81 -23.70 33.58
CA VAL B 134 -10.17 -23.32 33.19
C VAL B 134 -11.06 -23.37 34.39
N LEU B 135 -12.27 -22.84 34.30
CA LEU B 135 -13.08 -22.87 35.50
C LEU B 135 -13.75 -24.21 35.64
N GLY B 136 -14.27 -24.76 34.53
CA GLY B 136 -14.94 -26.05 34.56
C GLY B 136 -16.46 -25.98 34.58
N GLU B 137 -17.10 -26.94 33.91
CA GLU B 137 -18.57 -27.01 33.82
C GLU B 137 -19.21 -25.72 33.33
N GLY B 138 -18.49 -25.00 32.45
CA GLY B 138 -18.91 -23.72 31.92
C GLY B 138 -19.26 -22.68 32.97
N GLN B 139 -18.45 -22.64 34.03
CA GLN B 139 -18.65 -21.65 35.07
C GLN B 139 -18.19 -20.34 34.54
N ILE B 140 -17.13 -20.37 33.73
CA ILE B 140 -16.56 -19.16 33.13
C ILE B 140 -17.59 -18.46 32.23
N LEU B 141 -18.27 -19.26 31.41
CA LEU B 141 -19.31 -18.77 30.50
C LEU B 141 -20.58 -18.38 31.27
N ALA B 142 -20.85 -19.10 32.36
CA ALA B 142 -22.02 -18.81 33.19
C ALA B 142 -21.88 -17.48 33.94
N GLN B 143 -20.65 -17.14 34.30
CA GLN B 143 -20.39 -15.92 35.03
C GLN B 143 -20.54 -14.70 34.13
N VAL B 144 -20.07 -14.83 32.89
CA VAL B 144 -20.21 -13.75 31.92
C VAL B 144 -21.69 -13.48 31.63
N LYS B 145 -22.48 -14.55 31.52
CA LYS B 145 -23.94 -14.40 31.36
C LYS B 145 -24.50 -13.68 32.56
N GLN B 146 -23.99 -14.03 33.74
CA GLN B 146 -24.42 -13.43 34.99
C GLN B 146 -24.04 -11.96 35.06
N VAL B 147 -22.84 -11.63 34.57
CA VAL B 147 -22.40 -10.24 34.49
C VAL B 147 -23.33 -9.42 33.61
N VAL B 148 -23.72 -9.99 32.48
CA VAL B 148 -24.66 -9.33 31.57
C VAL B 148 -26.05 -9.22 32.21
N LYS B 149 -26.47 -10.24 32.96
CA LYS B 149 -27.79 -10.25 33.62
C LYS B 149 -27.86 -9.09 34.61
N VAL B 150 -26.76 -8.87 35.30
CA VAL B 150 -26.59 -7.69 36.10
C VAL B 150 -26.26 -6.57 35.09
N GLY B 151 -27.30 -6.00 34.47
CA GLY B 151 -27.17 -4.96 33.44
C GLY B 151 -27.44 -3.45 33.61
N GLN B 152 -27.61 -2.92 34.83
CA GLN B 152 -28.02 -1.50 35.06
C GLN B 152 -27.06 -0.27 34.97
N GLY B 153 -27.16 0.47 33.87
CA GLY B 153 -26.38 1.68 33.66
C GLY B 153 -24.88 1.50 33.70
N PHE B 157 -21.96 0.24 32.82
CA PHE B 157 -22.35 -0.88 31.95
C PHE B 157 -23.32 -0.32 30.92
N GLY B 158 -22.77 0.33 29.91
CA GLY B 158 -23.59 0.93 28.89
C GLY B 158 -23.78 -0.10 27.83
N ARG B 159 -24.02 0.35 26.61
CA ARG B 159 -24.34 -0.53 25.48
C ARG B 159 -23.11 -1.06 24.73
N ASN B 160 -21.98 -0.39 24.89
CA ASN B 160 -20.73 -0.86 24.33
C ASN B 160 -20.08 -2.03 25.11
N ILE B 161 -20.01 -1.90 26.42
CA ILE B 161 -19.41 -2.94 27.25
C ILE B 161 -20.30 -4.16 27.25
N SER B 162 -21.60 -3.91 27.38
CA SER B 162 -22.61 -4.95 27.31
C SER B 162 -22.54 -5.64 25.96
N GLY B 163 -22.32 -4.85 24.91
CA GLY B 163 -22.20 -5.40 23.57
C GLY B 163 -21.05 -6.38 23.47
N LEU B 164 -19.92 -6.02 24.08
CA LEU B 164 -18.73 -6.86 24.06
C LEU B 164 -18.96 -8.15 24.86
N PHE B 165 -19.53 -8.01 26.05
CA PHE B 165 -19.78 -9.17 26.91
C PHE B 165 -20.82 -10.11 26.32
N LYS B 166 -21.87 -9.55 25.73
CA LYS B 166 -22.91 -10.34 25.10
C LYS B 166 -22.33 -11.16 23.95
N HIS B 167 -21.42 -10.56 23.20
CA HIS B 167 -20.79 -11.22 22.07
C HIS B 167 -19.77 -12.25 22.58
N ALA B 168 -19.25 -12.02 23.78
CA ALA B 168 -18.33 -12.96 24.40
C ALA B 168 -19.06 -14.24 24.78
N ILE B 169 -20.33 -14.10 25.13
CA ILE B 169 -21.16 -15.25 25.45
C ILE B 169 -21.37 -16.06 24.19
N THR B 170 -21.58 -15.36 23.08
CA THR B 170 -21.74 -16.03 21.78
C THR B 170 -20.50 -16.84 21.43
N VAL B 171 -19.33 -16.23 21.55
CA VAL B 171 -18.08 -16.91 21.30
C VAL B 171 -17.88 -18.08 22.26
N GLY B 172 -18.22 -17.86 23.52
CA GLY B 172 -18.06 -18.88 24.55
C GLY B 172 -18.85 -20.14 24.25
N LYS B 173 -20.12 -19.97 23.88
CA LYS B 173 -20.99 -21.09 23.53
C LYS B 173 -20.69 -21.66 22.13
N ARG B 174 -20.16 -20.82 21.25
CA ARG B 174 -19.78 -21.26 19.90
C ARG B 174 -18.58 -22.20 19.97
N VAL B 175 -17.65 -21.91 20.85
CA VAL B 175 -16.48 -22.76 21.06
C VAL B 175 -16.92 -24.04 21.76
N ARG B 176 -17.93 -23.91 22.62
CA ARG B 176 -18.48 -25.04 23.37
C ARG B 176 -19.06 -26.13 22.47
N THR B 177 -19.74 -25.70 21.41
CA THR B 177 -20.54 -26.58 20.54
C THR B 177 -19.79 -27.06 19.29
N GLU B 178 -18.84 -26.24 18.83
CA GLU B 178 -18.07 -26.59 17.66
C GLU B 178 -16.73 -27.25 18.04
N THR B 179 -16.29 -27.05 19.27
CA THR B 179 -15.05 -27.66 19.70
C THR B 179 -15.16 -28.07 21.15
N ASN B 180 -15.25 -29.37 21.40
CA ASN B 180 -15.36 -29.90 22.76
C ASN B 180 -14.01 -29.92 23.43
N ILE B 181 -13.27 -28.82 23.26
CA ILE B 181 -11.92 -28.73 23.75
C ILE B 181 -12.04 -28.77 25.23
N ALA B 182 -13.24 -28.42 25.70
CA ALA B 182 -13.51 -28.30 27.11
C ALA B 182 -13.46 -29.65 27.75
N SER B 183 -13.68 -30.70 26.96
CA SER B 183 -13.63 -32.05 27.49
C SER B 183 -12.23 -32.64 27.39
N GLY B 184 -11.29 -32.06 28.14
CA GLY B 184 -9.95 -32.61 28.24
C GLY B 184 -8.98 -31.55 28.69
N ALA B 185 -9.53 -30.38 29.02
CA ALA B 185 -8.76 -29.22 29.48
C ALA B 185 -8.46 -29.31 30.98
N VAL B 186 -7.24 -28.98 31.39
CA VAL B 186 -6.92 -28.97 32.82
C VAL B 186 -7.59 -27.80 33.55
N SER B 187 -8.55 -28.11 34.41
CA SER B 187 -9.29 -27.11 35.17
C SER B 187 -8.66 -26.90 36.53
N VAL B 188 -9.01 -25.80 37.18
CA VAL B 188 -8.39 -25.43 38.44
C VAL B 188 -8.53 -26.58 39.40
N SER B 189 -9.75 -27.11 39.50
CA SER B 189 -10.06 -28.23 40.37
C SER B 189 -9.33 -29.49 39.94
N SER B 190 -9.18 -29.64 38.62
CA SER B 190 -8.45 -30.77 38.03
C SER B 190 -6.96 -30.72 38.37
N ALA B 191 -6.35 -29.55 38.20
CA ALA B 191 -4.93 -29.38 38.50
C ALA B 191 -4.64 -29.53 39.99
N ALA B 192 -5.64 -29.26 40.81
CA ALA B 192 -5.52 -29.41 42.26
C ALA B 192 -5.30 -30.86 42.62
N VAL B 193 -5.99 -31.76 41.92
CA VAL B 193 -5.86 -33.20 42.12
C VAL B 193 -4.53 -33.70 41.57
N GLU B 194 -4.16 -33.20 40.40
CA GLU B 194 -2.91 -33.57 39.76
C GLU B 194 -1.68 -33.12 40.55
N LEU B 195 -1.67 -31.85 40.97
CA LEU B 195 -0.52 -31.30 41.69
C LEU B 195 -0.33 -32.02 43.01
N ALA B 196 -1.46 -32.49 43.57
CA ALA B 196 -1.49 -33.21 44.83
C ALA B 196 -0.73 -34.52 44.70
N LEU B 197 -0.89 -35.17 43.54
CA LEU B 197 -0.19 -36.42 43.22
C LEU B 197 1.28 -36.24 42.80
N MET B 198 1.64 -35.00 42.46
CA MET B 198 3.00 -34.64 42.02
C MET B 198 3.94 -34.51 43.23
N LYS B 199 3.35 -34.11 44.36
CA LYS B 199 4.04 -33.92 45.64
C LYS B 199 4.00 -35.18 46.53
N LEU B 200 2.95 -35.98 46.33
CA LEU B 200 2.76 -37.25 47.05
C LEU B 200 3.42 -38.47 46.36
N PRO B 201 4.24 -39.20 47.12
CA PRO B 201 5.03 -40.37 46.74
C PRO B 201 4.19 -41.52 46.20
N GLN B 202 4.84 -42.42 45.47
CA GLN B 202 4.21 -43.65 44.96
C GLN B 202 2.93 -43.42 44.19
N VAL B 206 -3.04 -44.69 45.33
CA VAL B 206 -3.66 -43.58 46.05
C VAL B 206 -5.09 -43.33 45.56
N SER B 207 -6.09 -43.31 46.45
CA SER B 207 -6.03 -43.50 47.92
C SER B 207 -5.23 -42.44 48.70
N ALA B 208 -4.72 -42.83 49.87
CA ALA B 208 -3.96 -41.97 50.77
C ALA B 208 -4.85 -40.91 51.44
N ARG B 209 -6.12 -41.28 51.72
CA ARG B 209 -7.23 -40.55 52.49
C ARG B 209 -7.66 -39.07 52.25
N MET B 210 -8.22 -38.79 51.08
CA MET B 210 -8.33 -37.41 50.62
C MET B 210 -9.45 -36.69 51.33
N CYS B 211 -9.31 -35.40 51.54
CA CYS B 211 -10.34 -34.65 52.23
C CYS B 211 -10.60 -33.34 51.55
N VAL B 212 -11.88 -33.04 51.33
CA VAL B 212 -12.28 -31.81 50.65
C VAL B 212 -13.23 -30.96 51.51
N ILE B 213 -12.77 -29.77 51.85
CA ILE B 213 -13.55 -28.85 52.65
C ILE B 213 -14.33 -27.95 51.71
N GLY B 214 -15.65 -27.96 51.84
CA GLY B 214 -16.45 -27.11 51.01
C GLY B 214 -16.91 -27.81 49.76
N ALA B 215 -18.21 -28.09 49.70
CA ALA B 215 -18.82 -28.76 48.55
C ALA B 215 -19.59 -27.84 47.60
N GLY B 216 -18.89 -27.14 46.71
CA GLY B 216 -19.55 -26.32 45.69
C GLY B 216 -19.35 -26.76 44.23
N LYS B 217 -19.38 -25.78 43.33
CA LYS B 217 -19.05 -26.02 41.93
C LYS B 217 -17.59 -26.48 41.83
N MET B 218 -16.70 -25.80 42.54
CA MET B 218 -15.30 -26.20 42.55
C MET B 218 -15.12 -27.53 43.27
N GLY B 219 -15.82 -27.68 44.39
CA GLY B 219 -15.70 -28.87 45.23
C GLY B 219 -16.13 -30.13 44.51
N LYS B 220 -17.16 -29.99 43.68
CA LYS B 220 -17.66 -31.11 42.91
C LYS B 220 -16.60 -31.66 41.99
N LEU B 221 -15.95 -30.78 41.24
CA LEU B 221 -14.98 -31.21 40.23
C LEU B 221 -13.70 -31.72 40.86
N VAL B 222 -13.47 -31.28 42.10
CA VAL B 222 -12.34 -31.74 42.87
C VAL B 222 -12.54 -33.22 43.16
N ILE B 223 -13.73 -33.59 43.62
CA ILE B 223 -14.06 -34.99 43.86
C ILE B 223 -14.16 -35.79 42.56
N LYS B 224 -14.80 -35.19 41.55
CA LYS B 224 -15.02 -35.83 40.26
C LYS B 224 -13.71 -36.24 39.61
N HIS B 225 -12.73 -35.33 39.65
CA HIS B 225 -11.41 -35.57 39.10
C HIS B 225 -10.54 -36.36 40.09
N LEU B 226 -11.03 -36.47 41.33
CA LEU B 226 -10.42 -37.33 42.36
C LEU B 226 -10.84 -38.80 42.19
N MET B 227 -12.12 -39.01 41.88
CA MET B 227 -12.66 -40.34 41.64
C MET B 227 -12.02 -40.99 40.42
N ALA B 228 -11.74 -40.18 39.40
CA ALA B 228 -11.18 -40.67 38.14
C ALA B 228 -9.70 -41.04 38.23
N LYS B 229 -9.15 -40.94 39.44
CA LYS B 229 -7.76 -41.28 39.69
C LYS B 229 -7.61 -42.48 40.63
N GLY B 230 -8.71 -43.15 40.92
CA GLY B 230 -8.57 -44.38 41.67
C GLY B 230 -8.71 -44.12 43.14
N CYS B 231 -9.35 -43.03 43.53
CA CYS B 231 -9.60 -42.74 44.96
C CYS B 231 -10.76 -43.56 45.55
N THR B 232 -10.48 -44.33 46.59
CA THR B 232 -11.53 -45.18 47.07
C THR B 232 -12.50 -44.38 47.94
N LYS B 233 -11.99 -43.61 48.88
CA LYS B 233 -12.89 -42.98 49.85
C LYS B 233 -12.53 -41.53 49.92
N VAL B 234 -13.51 -40.65 50.06
CA VAL B 234 -13.21 -39.23 50.21
C VAL B 234 -14.06 -38.58 51.30
N VAL B 235 -13.41 -37.80 52.17
CA VAL B 235 -14.09 -37.08 53.24
C VAL B 235 -14.44 -35.67 52.80
N VAL B 236 -15.72 -35.30 52.89
CA VAL B 236 -16.15 -34.00 52.43
C VAL B 236 -16.79 -33.19 53.55
N VAL B 237 -16.20 -32.04 53.85
CA VAL B 237 -16.71 -31.14 54.88
C VAL B 237 -17.50 -30.01 54.24
N ASN B 238 -18.74 -29.83 54.68
CA ASN B 238 -19.62 -28.82 54.10
C ASN B 238 -20.75 -28.42 55.04
N ARG B 239 -21.28 -27.21 54.83
CA ARG B 239 -22.36 -26.64 55.64
C ARG B 239 -23.66 -27.41 55.45
N SER B 240 -24.14 -27.45 54.22
CA SER B 240 -25.35 -28.18 53.86
C SER B 240 -25.08 -29.67 53.61
N GLU B 241 -25.80 -30.52 54.35
CA GLU B 241 -25.69 -31.96 54.20
C GLU B 241 -26.46 -32.41 52.96
N GLU B 242 -27.53 -31.69 52.65
CA GLU B 242 -28.35 -31.95 51.47
C GLU B 242 -27.56 -31.75 50.18
N ARG B 243 -26.65 -30.77 50.22
CA ARG B 243 -25.77 -30.46 49.10
C ARG B 243 -24.82 -31.61 48.79
N VAL B 244 -24.30 -32.24 49.84
CA VAL B 244 -23.39 -33.38 49.69
C VAL B 244 -24.11 -34.65 49.22
N SER B 245 -25.28 -34.91 49.79
CA SER B 245 -26.07 -36.09 49.46
C SER B 245 -26.49 -36.07 47.99
N ALA B 246 -26.64 -34.87 47.43
CA ALA B 246 -26.97 -34.74 46.01
C ALA B 246 -25.78 -35.10 45.13
N ILE B 247 -24.58 -34.90 45.65
CA ILE B 247 -23.36 -35.19 44.89
C ILE B 247 -23.04 -36.67 44.90
N ARG B 248 -23.30 -37.32 46.02
CA ARG B 248 -22.99 -38.74 46.17
C ARG B 248 -23.76 -39.61 45.18
N GLU B 249 -25.03 -39.28 44.93
CA GLU B 249 -25.83 -40.10 44.03
C GLU B 249 -25.52 -39.84 42.56
N GLU B 250 -24.85 -38.74 42.26
CA GLU B 250 -24.57 -38.42 40.88
C GLU B 250 -23.36 -39.22 40.47
N MET B 251 -22.39 -39.32 41.38
CA MET B 251 -21.18 -40.08 41.12
C MET B 251 -21.03 -41.19 42.17
N PRO B 252 -21.60 -42.37 41.85
CA PRO B 252 -21.69 -43.58 42.66
C PRO B 252 -20.42 -44.41 42.63
N GLY B 253 -19.37 -43.92 41.99
CA GLY B 253 -18.11 -44.64 41.90
C GLY B 253 -17.09 -44.44 43.02
N ILE B 254 -17.32 -43.46 43.87
CA ILE B 254 -16.40 -43.15 44.97
C ILE B 254 -17.18 -42.97 46.25
N GLU B 255 -16.64 -43.50 47.35
CA GLU B 255 -17.32 -43.40 48.63
C GLU B 255 -17.17 -41.99 49.21
N ILE B 256 -18.32 -41.38 49.47
CA ILE B 256 -18.35 -40.01 49.98
C ILE B 256 -19.10 -39.96 51.32
N ILE B 257 -18.38 -39.57 52.35
CA ILE B 257 -18.97 -39.44 53.68
C ILE B 257 -19.05 -37.97 54.07
N TYR B 258 -20.13 -37.61 54.75
CA TYR B 258 -20.32 -36.22 55.21
C TYR B 258 -19.96 -35.95 56.69
N ARG B 259 -19.26 -34.83 56.92
CA ARG B 259 -19.03 -34.28 58.27
C ARG B 259 -19.12 -32.74 58.19
N PRO B 260 -19.75 -32.11 59.20
CA PRO B 260 -20.00 -30.67 59.16
C PRO B 260 -18.75 -29.87 59.47
N LEU B 261 -18.85 -28.54 59.43
CA LEU B 261 -17.73 -27.64 59.69
C LEU B 261 -17.20 -27.74 61.12
N ASP B 262 -18.01 -28.25 62.03
CA ASP B 262 -17.57 -28.42 63.41
C ASP B 262 -16.38 -29.36 63.50
N GLU B 263 -16.34 -30.35 62.62
CA GLU B 263 -15.26 -31.32 62.63
C GLU B 263 -14.28 -31.08 61.49
N MET B 264 -14.21 -29.84 61.03
CA MET B 264 -13.34 -29.44 59.94
C MET B 264 -11.88 -29.66 60.34
N LEU B 265 -11.54 -29.13 61.51
CA LEU B 265 -10.20 -29.28 62.09
C LEU B 265 -9.94 -30.74 62.46
N ALA B 266 -11.00 -31.50 62.69
CA ALA B 266 -10.89 -32.92 63.00
C ALA B 266 -10.70 -33.81 61.75
N CYS B 267 -11.35 -33.42 60.65
CA CYS B 267 -11.26 -34.20 59.42
C CYS B 267 -9.90 -34.00 58.78
N ALA B 268 -9.38 -32.79 58.91
CA ALA B 268 -8.06 -32.44 58.39
C ALA B 268 -6.98 -33.20 59.15
N SER B 269 -7.27 -33.51 60.41
CA SER B 269 -6.38 -34.26 61.30
C SER B 269 -6.32 -35.75 60.94
N GLU B 270 -7.31 -36.21 60.20
CA GLU B 270 -7.42 -37.62 59.82
C GLU B 270 -7.26 -37.81 58.30
N ALA B 271 -6.56 -36.86 57.68
CA ALA B 271 -6.34 -36.88 56.24
C ALA B 271 -4.87 -36.58 55.92
N ASP B 272 -4.38 -37.09 54.81
CA ASP B 272 -2.99 -36.85 54.39
C ASP B 272 -2.86 -35.57 53.53
N VAL B 273 -3.94 -35.20 52.85
CA VAL B 273 -3.96 -34.00 52.01
C VAL B 273 -5.35 -33.36 52.03
N VAL B 274 -5.39 -32.08 52.32
CA VAL B 274 -6.64 -31.36 52.50
C VAL B 274 -6.94 -30.37 51.39
N PHE B 275 -8.03 -30.61 50.67
CA PHE B 275 -8.50 -29.68 49.63
C PHE B 275 -9.50 -28.67 50.19
N THR B 276 -9.16 -27.40 50.10
CA THR B 276 -10.03 -26.37 50.64
C THR B 276 -10.61 -25.49 49.55
N SER B 277 -11.92 -25.57 49.40
CA SER B 277 -12.59 -24.68 48.51
C SER B 277 -13.84 -24.29 49.24
N THR B 278 -13.93 -23.00 49.56
CA THR B 278 -15.12 -22.39 50.15
C THR B 278 -15.16 -20.95 49.71
N ALA B 279 -16.09 -20.20 50.26
CA ALA B 279 -16.26 -18.81 49.88
C ALA B 279 -15.94 -17.90 51.04
N SER B 280 -15.10 -18.40 51.95
CA SER B 280 -14.71 -17.60 53.11
C SER B 280 -13.79 -16.47 52.69
N THR B 282 -11.79 -14.89 54.62
CA THR B 282 -10.66 -15.05 55.54
C THR B 282 -10.27 -16.52 55.71
N PRO B 283 -8.97 -16.79 55.94
CA PRO B 283 -8.47 -18.16 56.04
C PRO B 283 -9.17 -18.97 57.13
N LEU B 284 -9.31 -20.27 56.90
CA LEU B 284 -9.92 -21.12 57.89
C LEU B 284 -8.88 -21.83 58.73
N PHE B 285 -7.74 -22.15 58.15
CA PHE B 285 -6.70 -22.83 58.88
C PHE B 285 -5.63 -21.83 59.10
N LEU B 286 -5.12 -21.72 60.33
CA LEU B 286 -4.02 -20.81 60.64
C LEU B 286 -2.69 -21.52 61.00
N LYS B 287 -1.72 -20.74 61.48
CA LYS B 287 -0.42 -21.28 61.92
C LYS B 287 -0.55 -22.27 63.08
N GLU B 288 -1.11 -21.82 64.20
CA GLU B 288 -1.07 -22.63 65.41
C GLU B 288 -2.29 -23.53 65.54
N HIS B 289 -3.20 -23.41 64.57
CA HIS B 289 -4.34 -24.34 64.41
C HIS B 289 -3.90 -25.64 63.77
N VAL B 290 -2.85 -25.56 62.93
CA VAL B 290 -2.25 -26.75 62.31
C VAL B 290 -1.12 -27.40 63.16
N GLU B 291 -0.47 -26.59 63.98
CA GLU B 291 0.59 -27.05 64.87
C GLU B 291 0.08 -28.11 65.84
N ASN B 292 -1.21 -27.97 66.19
CA ASN B 292 -1.92 -28.87 67.09
C ASN B 292 -2.39 -30.16 66.43
N LEU B 293 -2.20 -30.26 65.12
CA LEU B 293 -2.58 -31.45 64.34
C LEU B 293 -1.50 -32.57 64.33
N PRO B 294 -1.96 -33.83 64.33
CA PRO B 294 -1.06 -34.98 64.27
C PRO B 294 -0.31 -35.03 62.95
N GLN B 295 0.74 -35.84 62.89
CA GLN B 295 1.49 -36.01 61.65
C GLN B 295 0.70 -36.91 60.71
N ALA B 296 0.99 -36.82 59.41
CA ALA B 296 0.34 -37.68 58.44
C ALA B 296 0.92 -39.08 58.53
N SER B 297 0.32 -40.01 57.79
CA SER B 297 0.78 -41.40 57.78
C SER B 297 2.23 -41.51 57.30
N PRO B 298 2.98 -42.49 57.83
CA PRO B 298 4.36 -42.74 57.39
C PRO B 298 4.42 -43.32 55.98
N GLU B 299 3.25 -43.68 55.45
CA GLU B 299 3.12 -44.22 54.10
C GLU B 299 3.24 -43.14 53.01
N VAL B 300 2.97 -41.88 53.39
CA VAL B 300 3.07 -40.77 52.44
C VAL B 300 4.16 -39.78 52.81
N GLY B 301 4.97 -40.14 53.80
CA GLY B 301 6.09 -39.31 54.23
C GLY B 301 5.81 -38.41 55.42
N GLY B 302 4.62 -38.56 56.00
CA GLY B 302 4.23 -37.81 57.19
C GLY B 302 3.98 -36.34 56.92
N LEU B 303 3.85 -35.97 55.66
CA LEU B 303 3.60 -34.59 55.26
C LEU B 303 2.15 -34.36 54.89
N ARG B 304 1.61 -33.19 55.24
CA ARG B 304 0.27 -32.81 54.84
C ARG B 304 0.26 -31.81 53.69
N HIS B 305 -0.60 -32.04 52.70
CA HIS B 305 -0.73 -31.12 51.56
C HIS B 305 -2.02 -30.26 51.59
N PHE B 306 -1.89 -28.98 51.90
CA PHE B 306 -3.03 -28.08 51.90
C PHE B 306 -3.14 -27.39 50.54
N VAL B 307 -3.99 -27.94 49.67
CA VAL B 307 -4.23 -27.36 48.35
C VAL B 307 -5.41 -26.40 48.40
N ASP B 308 -5.15 -25.13 48.18
CA ASP B 308 -6.17 -24.12 48.36
C ASP B 308 -6.57 -23.55 47.02
N ILE B 309 -7.76 -23.87 46.55
CA ILE B 309 -8.19 -23.38 45.24
C ILE B 309 -9.23 -22.29 45.44
N SER B 310 -9.54 -21.99 46.69
CA SER B 310 -10.57 -21.00 47.03
C SER B 310 -9.95 -19.61 47.19
N VAL B 311 -10.59 -18.62 46.55
CA VAL B 311 -10.10 -17.24 46.49
C VAL B 311 -11.13 -16.22 47.05
N PRO B 312 -10.76 -15.39 48.02
CA PRO B 312 -9.44 -15.38 48.64
C PRO B 312 -9.22 -16.74 49.21
N ARG B 313 -7.97 -17.01 49.54
CA ARG B 313 -7.55 -18.28 50.13
C ARG B 313 -8.24 -18.63 51.47
N ASN B 314 -8.26 -19.94 51.75
CA ASN B 314 -8.77 -20.48 53.01
C ASN B 314 -7.65 -20.97 53.93
N VAL B 315 -6.47 -21.20 53.36
CA VAL B 315 -5.30 -21.65 54.10
C VAL B 315 -4.30 -20.51 54.06
N GLY B 316 -3.30 -20.49 54.94
CA GLY B 316 -2.34 -19.43 54.80
C GLY B 316 -2.36 -18.54 56.01
N SER B 317 -1.57 -17.46 55.97
CA SER B 317 -0.76 -17.11 54.80
C SER B 317 0.64 -17.64 55.02
N CYS B 318 0.76 -18.27 56.16
CA CYS B 318 1.93 -18.96 56.48
C CYS B 318 1.37 -20.11 57.25
N VAL B 319 1.01 -21.21 56.61
CA VAL B 319 0.77 -22.44 57.36
C VAL B 319 1.95 -23.41 57.09
N GLY B 320 2.60 -23.15 55.97
CA GLY B 320 3.69 -23.97 55.47
C GLY B 320 4.90 -23.95 56.37
N GLU B 321 4.91 -23.04 57.33
CA GLU B 321 5.98 -22.96 58.30
C GLU B 321 6.01 -24.19 59.22
N VAL B 322 4.86 -24.86 59.33
CA VAL B 322 4.74 -26.11 60.09
C VAL B 322 5.52 -27.22 59.39
N GLU B 323 6.21 -28.03 60.18
CA GLU B 323 7.05 -29.06 59.60
C GLU B 323 6.28 -30.09 58.79
N THR B 324 5.15 -30.54 59.31
CA THR B 324 4.43 -31.63 58.65
C THR B 324 3.31 -31.11 57.75
N ALA B 325 3.46 -29.88 57.28
CA ALA B 325 2.43 -29.27 56.46
C ALA B 325 3.02 -28.30 55.44
N ARG B 326 2.53 -28.41 54.20
CA ARG B 326 2.92 -27.51 53.12
C ARG B 326 1.68 -26.92 52.40
N VAL B 327 1.75 -25.65 52.04
CA VAL B 327 0.62 -24.95 51.44
C VAL B 327 0.87 -24.72 49.96
N TYR B 328 -0.13 -24.98 49.13
CA TYR B 328 -0.04 -24.75 47.68
C TYR B 328 -1.17 -23.84 47.22
N ASN B 329 -0.80 -22.70 46.65
CA ASN B 329 -1.81 -21.75 46.22
C ASN B 329 -2.26 -22.15 44.85
N VAL B 330 -3.18 -21.37 44.31
CA VAL B 330 -3.70 -21.58 42.96
C VAL B 330 -2.62 -21.26 41.92
N ASP B 331 -1.61 -20.50 42.36
CA ASP B 331 -0.47 -20.12 41.54
C ASP B 331 0.46 -21.32 41.27
N ASP B 332 0.47 -22.27 42.17
CA ASP B 332 1.35 -23.41 42.04
C ASP B 332 0.73 -24.45 41.12
N LEU B 333 -0.49 -24.19 40.66
CA LEU B 333 -1.17 -25.12 39.79
C LEU B 333 -0.67 -24.99 38.36
N LYS B 334 0.25 -24.05 38.15
CA LYS B 334 0.85 -23.87 36.83
C LYS B 334 1.97 -24.88 36.63
N GLU B 335 2.44 -25.43 37.74
CA GLU B 335 3.57 -26.34 37.75
C GLU B 335 3.20 -27.71 37.20
N VAL B 336 1.91 -27.97 37.09
CA VAL B 336 1.40 -29.27 36.65
C VAL B 336 -0.04 -29.14 36.18
N VAL B 337 -0.37 -29.69 35.01
CA VAL B 337 0.54 -30.55 34.24
C VAL B 337 1.11 -29.77 33.02
N ALA B 338 2.06 -30.37 32.31
CA ALA B 338 2.78 -29.75 31.20
C ALA B 338 3.74 -28.66 31.66
N LYS B 341 -1.86 -33.83 26.41
CA LYS B 341 -0.48 -33.83 25.94
C LYS B 341 -0.42 -34.13 24.45
N GLU B 342 -1.50 -33.82 23.75
CA GLU B 342 -1.64 -34.25 22.37
C GLU B 342 -2.59 -33.38 21.54
N ASP B 343 -3.88 -33.65 21.69
CA ASP B 343 -4.94 -33.00 20.91
C ASP B 343 -5.41 -31.71 21.58
N ARG B 344 -4.85 -31.43 22.75
CA ARG B 344 -5.21 -30.21 23.46
C ARG B 344 -4.54 -29.00 22.82
N MET B 345 -3.67 -29.22 21.84
CA MET B 345 -3.15 -28.09 21.10
C MET B 345 -3.77 -28.04 19.71
N ARG B 346 -4.40 -29.14 19.29
CA ARG B 346 -5.11 -29.12 18.02
C ARG B 346 -6.45 -28.42 18.20
N LYS B 347 -7.09 -28.68 19.33
CA LYS B 347 -8.36 -28.07 19.66
C LYS B 347 -8.20 -26.60 19.97
N ALA B 348 -7.01 -26.25 20.45
CA ALA B 348 -6.66 -24.88 20.78
C ALA B 348 -6.57 -24.03 19.52
N MET B 349 -6.02 -24.59 18.45
CA MET B 349 -5.93 -23.89 17.17
C MET B 349 -7.29 -23.80 16.50
N GLU B 350 -8.14 -24.79 16.76
CA GLU B 350 -9.48 -24.84 16.19
C GLU B 350 -10.36 -23.79 16.86
N ALA B 351 -10.02 -23.40 18.08
CA ALA B 351 -10.76 -22.35 18.77
C ALA B 351 -10.25 -20.96 18.41
N GLN B 352 -8.96 -20.84 18.10
CA GLN B 352 -8.40 -19.56 17.67
C GLN B 352 -8.99 -19.14 16.32
N THR B 353 -9.45 -20.14 15.56
CA THR B 353 -10.17 -19.89 14.32
C THR B 353 -11.48 -19.20 14.63
N ILE B 354 -12.15 -19.68 15.66
CA ILE B 354 -13.42 -19.12 16.10
C ILE B 354 -13.22 -17.71 16.67
N ILE B 355 -12.19 -17.55 17.50
CA ILE B 355 -11.88 -16.26 18.12
C ILE B 355 -11.57 -15.21 17.06
N THR B 356 -10.68 -15.56 16.12
CA THR B 356 -10.28 -14.64 15.06
C THR B 356 -11.47 -14.19 14.23
N GLU B 357 -12.36 -15.14 13.97
CA GLU B 357 -13.55 -14.86 13.17
C GLU B 357 -14.48 -13.86 13.83
N GLU B 358 -14.74 -14.04 15.12
CA GLU B 358 -15.71 -13.20 15.81
C GLU B 358 -15.10 -11.89 16.25
N SER B 359 -13.80 -11.92 16.52
CA SER B 359 -13.09 -10.73 16.96
C SER B 359 -13.03 -9.69 15.85
N THR B 360 -12.75 -10.13 14.64
CA THR B 360 -12.68 -9.19 13.53
C THR B 360 -14.08 -8.91 13.00
N GLN B 361 -15.07 -9.60 13.55
CA GLN B 361 -16.43 -9.38 13.13
C GLN B 361 -17.07 -8.42 14.09
N PHE B 362 -16.57 -8.40 15.32
CA PHE B 362 -17.06 -7.45 16.32
C PHE B 362 -16.52 -6.05 16.05
N GLU B 363 -15.25 -5.95 15.67
CA GLU B 363 -14.63 -4.67 15.37
C GLU B 363 -15.23 -4.09 14.10
N ALA B 364 -15.71 -4.99 13.24
CA ALA B 364 -16.41 -4.58 12.03
C ALA B 364 -17.74 -3.93 12.39
N TRP B 365 -18.36 -4.40 13.47
CA TRP B 365 -19.61 -3.82 13.97
C TRP B 365 -19.38 -2.46 14.67
N ARG B 366 -18.22 -2.30 15.30
CA ARG B 366 -17.87 -1.02 15.94
C ARG B 366 -17.57 0.06 14.90
N ASP B 367 -16.90 -0.35 13.83
CA ASP B 367 -16.61 0.57 12.73
C ASP B 367 -17.86 0.90 11.91
N SER B 368 -18.88 0.04 12.01
CA SER B 368 -20.13 0.25 11.30
C SER B 368 -20.83 1.52 11.73
N LEU B 369 -20.58 1.95 12.97
CA LEU B 369 -21.27 3.09 13.56
C LEU B 369 -20.48 4.39 13.50
N GLU B 370 -19.29 4.34 12.90
CA GLU B 370 -18.41 5.51 12.85
C GLU B 370 -18.95 6.60 11.94
N THR B 371 -19.87 6.25 11.05
CA THR B 371 -20.42 7.22 10.09
C THR B 371 -21.61 7.98 10.65
N VAL B 372 -22.16 7.50 11.75
CA VAL B 372 -23.36 8.09 12.36
C VAL B 372 -23.24 9.58 12.71
N PRO B 373 -22.13 10.02 13.33
CA PRO B 373 -22.01 11.46 13.59
C PRO B 373 -21.97 12.29 12.30
N THR B 374 -21.42 11.71 11.22
CA THR B 374 -21.34 12.40 9.95
C THR B 374 -22.72 12.61 9.34
N ILE B 375 -23.58 11.62 9.46
CA ILE B 375 -24.95 11.73 8.96
C ILE B 375 -25.70 12.86 9.65
N LYS B 376 -25.42 13.08 10.93
CA LYS B 376 -26.10 14.13 11.70
C LYS B 376 -25.60 15.50 11.24
N LYS B 377 -24.31 15.58 10.98
CA LYS B 377 -23.67 16.81 10.50
C LYS B 377 -24.07 17.17 9.07
N LEU B 378 -24.35 16.16 8.26
CA LEU B 378 -24.78 16.39 6.87
C LEU B 378 -26.20 16.94 6.80
N ARG B 379 -27.04 16.52 7.76
CA ARG B 379 -28.38 17.08 7.86
C ARG B 379 -28.29 18.52 8.33
N ALA B 380 -27.37 18.77 9.26
CA ALA B 380 -27.16 20.10 9.81
C ALA B 380 -26.68 21.06 8.74
N TYR B 381 -25.79 20.57 7.86
CA TYR B 381 -25.31 21.37 6.74
C TYR B 381 -26.41 21.62 5.70
N ALA B 382 -27.19 20.57 5.41
CA ALA B 382 -28.25 20.64 4.40
C ALA B 382 -29.39 21.57 4.82
N GLU B 383 -29.65 21.63 6.12
CA GLU B 383 -30.70 22.46 6.70
C GLU B 383 -30.39 23.96 6.62
N ARG B 384 -29.13 24.33 6.87
CA ARG B 384 -28.71 25.73 6.76
C ARG B 384 -28.95 26.31 5.35
N ILE B 385 -28.69 25.49 4.34
CA ILE B 385 -28.91 25.89 2.94
C ILE B 385 -30.39 25.91 2.61
N ARG B 386 -31.10 24.87 3.03
CA ARG B 386 -32.53 24.74 2.74
C ARG B 386 -33.34 25.87 3.39
N VAL B 387 -32.93 26.27 4.59
CA VAL B 387 -33.61 27.36 5.29
C VAL B 387 -33.32 28.72 4.66
N ALA B 388 -32.04 28.98 4.40
CA ALA B 388 -31.60 30.24 3.84
C ALA B 388 -32.22 30.51 2.47
N GLU B 389 -32.31 29.50 1.64
CA GLU B 389 -32.88 29.64 0.30
C GLU B 389 -34.40 29.80 0.33
N LEU B 390 -35.04 29.22 1.34
CA LEU B 390 -36.49 29.33 1.48
C LEU B 390 -36.88 30.68 2.10
N GLU B 391 -36.05 31.17 3.03
CA GLU B 391 -36.28 32.45 3.68
C GLU B 391 -36.06 33.62 2.70
N LYS B 392 -35.12 33.43 1.78
CA LYS B 392 -34.83 34.39 0.71
C LYS B 392 -35.85 34.32 -0.43
N CYS B 393 -36.73 33.33 -0.37
CA CYS B 393 -37.80 33.16 -1.35
C CYS B 393 -39.14 33.81 -0.92
N MET B 394 -39.47 33.67 0.36
CA MET B 394 -40.74 34.16 0.91
C MET B 394 -40.76 35.68 1.00
N SER B 395 -39.56 36.27 0.96
CA SER B 395 -39.36 37.72 0.97
C SER B 395 -39.71 38.35 -0.38
N LYS B 396 -39.69 37.54 -1.44
CA LYS B 396 -40.07 38.00 -2.78
C LYS B 396 -41.48 37.51 -3.20
N MET B 397 -42.28 37.12 -2.23
CA MET B 397 -43.57 36.54 -2.55
C MET B 397 -44.62 37.21 -1.71
N ASP B 400 -48.58 37.79 2.96
CA ASP B 400 -48.67 37.62 1.51
C ASP B 400 -49.63 36.50 1.14
N ILE B 401 -49.52 35.99 -0.09
CA ILE B 401 -50.44 34.98 -0.62
C ILE B 401 -49.69 33.72 -1.05
N ASN B 402 -50.22 32.54 -0.74
CA ASN B 402 -51.51 32.36 -0.09
C ASN B 402 -51.47 31.10 0.77
N LYS B 403 -52.65 30.54 1.12
CA LYS B 403 -52.81 29.42 2.11
C LYS B 403 -52.19 28.04 1.77
N LYS B 404 -52.63 27.49 0.63
CA LYS B 404 -52.20 26.20 0.08
C LYS B 404 -50.92 26.24 -0.79
N THR B 405 -50.42 27.45 -1.07
CA THR B 405 -49.20 27.64 -1.86
C THR B 405 -47.90 27.50 -1.05
N THR B 406 -47.92 28.00 0.19
CA THR B 406 -46.75 27.97 1.07
C THR B 406 -46.33 26.54 1.36
N ARG B 407 -47.31 25.67 1.52
CA ARG B 407 -47.10 24.23 1.78
C ARG B 407 -46.59 23.50 0.53
N ALA B 408 -46.72 24.15 -0.63
CA ALA B 408 -46.23 23.62 -1.93
C ALA B 408 -44.79 24.06 -2.26
N VAL B 409 -44.43 25.27 -1.81
CA VAL B 409 -43.08 25.82 -1.97
C VAL B 409 -42.09 25.28 -0.93
N ASP B 410 -42.62 24.82 0.21
CA ASP B 410 -41.83 24.19 1.27
C ASP B 410 -41.51 22.71 0.96
N ASP B 411 -42.48 22.01 0.38
CA ASP B 411 -42.30 20.60 -0.01
C ASP B 411 -41.28 20.46 -1.13
N LEU B 412 -41.25 21.46 -2.02
CA LEU B 412 -40.25 21.52 -3.07
C LEU B 412 -38.88 21.73 -2.46
N SER B 413 -38.81 22.64 -1.47
CA SER B 413 -37.56 22.96 -0.80
C SER B 413 -36.94 21.74 -0.12
N ARG B 414 -37.79 20.95 0.53
CA ARG B 414 -37.35 19.74 1.24
C ARG B 414 -37.26 18.55 0.30
N GLY B 415 -37.91 18.66 -0.85
CA GLY B 415 -37.88 17.59 -1.84
C GLY B 415 -36.53 17.46 -2.54
N ILE B 416 -35.94 18.60 -2.87
CA ILE B 416 -34.63 18.64 -3.51
C ILE B 416 -33.53 18.14 -2.57
N VAL B 417 -33.58 18.61 -1.33
CA VAL B 417 -32.60 18.25 -0.31
C VAL B 417 -32.61 16.76 -0.02
N ASN B 418 -33.80 16.21 0.20
CA ASN B 418 -33.95 14.79 0.50
C ASN B 418 -33.37 13.87 -0.56
N ARG B 419 -33.73 14.12 -1.81
CA ARG B 419 -33.27 13.29 -2.92
C ARG B 419 -31.78 13.50 -3.20
N PHE B 420 -31.26 14.65 -2.75
CA PHE B 420 -29.83 14.93 -2.87
C PHE B 420 -29.05 14.23 -1.77
N LEU B 421 -29.61 14.21 -0.57
CA LEU B 421 -28.95 13.59 0.56
C LEU B 421 -29.02 12.07 0.49
N HIS B 422 -30.13 11.56 -0.05
CA HIS B 422 -30.40 10.13 -0.07
C HIS B 422 -29.25 9.26 -0.58
N GLY B 423 -28.55 9.76 -1.60
CA GLY B 423 -27.40 9.07 -2.14
C GLY B 423 -26.33 8.80 -1.10
N PRO B 424 -25.63 9.86 -0.66
CA PRO B 424 -24.59 9.76 0.38
C PRO B 424 -25.09 9.13 1.68
N MET B 425 -26.30 9.51 2.11
CA MET B 425 -26.89 9.02 3.34
C MET B 425 -26.99 7.50 3.36
N GLN B 426 -27.50 6.95 2.27
CA GLN B 426 -27.66 5.51 2.12
C GLN B 426 -26.31 4.81 2.12
N HIS B 427 -25.31 5.44 1.53
CA HIS B 427 -23.98 4.83 1.41
C HIS B 427 -23.07 5.13 2.61
N LEU B 428 -23.67 5.68 3.66
CA LEU B 428 -22.97 5.85 4.91
C LEU B 428 -23.43 4.78 5.89
N ARG B 429 -24.60 4.19 5.65
CA ARG B 429 -25.12 3.16 6.55
C ARG B 429 -24.77 1.79 5.98
N CYS B 430 -23.92 1.08 6.69
CA CYS B 430 -23.46 -0.18 6.17
C CYS B 430 -23.28 -1.05 7.36
N ASP B 431 -23.55 -2.35 7.12
CA ASP B 431 -23.48 -3.42 8.11
C ASP B 431 -23.27 -4.79 7.42
N GLY B 432 -23.33 -5.86 8.21
CA GLY B 432 -22.93 -7.16 7.71
C GLY B 432 -21.40 -7.19 7.70
N SER B 433 -20.82 -7.95 6.79
CA SER B 433 -19.37 -8.08 6.69
C SER B 433 -18.76 -7.36 5.48
N ASP B 434 -18.08 -8.14 4.65
CA ASP B 434 -17.44 -7.64 3.44
C ASP B 434 -16.47 -6.51 3.74
N SER B 435 -15.19 -6.82 3.58
CA SER B 435 -14.12 -5.89 3.86
C SER B 435 -14.03 -4.82 2.78
N ARG B 436 -14.95 -4.90 1.81
CA ARG B 436 -15.03 -3.92 0.73
C ARG B 436 -16.10 -2.82 0.95
N THR B 437 -17.28 -3.24 1.39
CA THR B 437 -18.39 -2.30 1.61
C THR B 437 -18.12 -1.42 2.82
N LEU B 438 -17.51 -2.02 3.84
CA LEU B 438 -17.09 -1.30 5.03
C LEU B 438 -15.96 -0.35 4.71
N SER B 439 -15.00 -0.81 3.91
CA SER B 439 -13.86 0.02 3.51
C SER B 439 -14.31 1.20 2.67
N GLU B 440 -15.21 0.95 1.73
CA GLU B 440 -15.74 1.98 0.83
C GLU B 440 -16.66 2.98 1.55
N THR B 441 -17.38 2.52 2.56
CA THR B 441 -18.27 3.41 3.31
C THR B 441 -17.48 4.46 4.09
N LEU B 442 -16.37 4.03 4.69
CA LEU B 442 -15.55 4.93 5.46
C LEU B 442 -14.86 5.96 4.56
N GLU B 443 -14.52 5.56 3.35
CA GLU B 443 -13.93 6.47 2.37
C GLU B 443 -14.96 7.50 1.89
N ASN B 444 -16.23 7.11 1.89
CA ASN B 444 -17.32 8.03 1.56
C ASN B 444 -17.44 9.13 2.61
N MET B 445 -17.30 8.72 3.87
CA MET B 445 -17.35 9.64 5.00
C MET B 445 -16.21 10.63 4.90
N HIS B 446 -15.02 10.13 4.59
CA HIS B 446 -13.83 10.96 4.45
C HIS B 446 -14.02 12.02 3.36
N ALA B 447 -14.64 11.63 2.25
CA ALA B 447 -14.86 12.55 1.14
C ALA B 447 -15.90 13.61 1.48
N LEU B 448 -16.99 13.20 2.11
CA LEU B 448 -18.01 14.15 2.51
C LEU B 448 -17.44 15.15 3.52
N ASN B 449 -16.51 14.68 4.34
CA ASN B 449 -15.81 15.55 5.27
C ASN B 449 -14.96 16.56 4.52
N ARG B 450 -14.32 16.12 3.45
CA ARG B 450 -13.46 16.99 2.68
C ARG B 450 -14.29 17.95 1.84
N MET B 451 -15.30 17.40 1.17
CA MET B 451 -16.07 18.17 0.20
C MET B 451 -16.94 19.23 0.86
N TYR B 452 -17.55 18.90 1.99
CA TYR B 452 -18.48 19.80 2.65
C TYR B 452 -17.87 20.48 3.87
N GLY B 453 -16.63 20.13 4.17
CA GLY B 453 -15.93 20.71 5.31
C GLY B 453 -16.63 20.48 6.63
N LEU B 454 -16.98 19.23 6.88
CA LEU B 454 -17.72 18.85 8.09
C LEU B 454 -16.81 18.74 9.33
N GLU B 455 -15.54 19.10 9.18
CA GLU B 455 -14.53 19.02 10.27
C GLU B 455 -14.45 20.25 11.18
N LYS B 456 -14.20 21.42 10.58
CA LYS B 456 -14.25 22.69 11.28
C LYS B 456 -13.48 22.66 12.60
N THR C 49 21.85 -20.90 -25.66
CA THR C 49 20.46 -20.69 -25.25
C THR C 49 20.10 -19.20 -25.41
N HIS C 50 18.95 -18.84 -24.86
CA HIS C 50 18.48 -17.46 -24.96
C HIS C 50 18.77 -16.77 -23.65
N LYS C 51 19.44 -17.49 -22.75
CA LYS C 51 19.85 -16.92 -21.47
C LYS C 51 21.32 -16.51 -21.58
N PRO C 52 21.71 -15.41 -20.91
CA PRO C 52 23.08 -14.93 -20.97
C PRO C 52 24.08 -15.92 -20.39
N PHE C 53 25.35 -15.76 -20.76
CA PHE C 53 26.40 -16.68 -20.32
C PHE C 53 26.54 -16.70 -18.80
N PRO C 54 26.89 -17.86 -18.23
CA PRO C 54 27.12 -17.99 -16.79
C PRO C 54 28.20 -17.02 -16.29
N ALA C 55 29.13 -16.68 -17.19
CA ALA C 55 30.18 -15.74 -16.86
C ALA C 55 29.62 -14.34 -16.65
N GLU C 56 28.54 -14.02 -17.37
CA GLU C 56 27.88 -12.73 -17.23
C GLU C 56 26.91 -12.65 -16.05
N VAL C 57 26.26 -13.76 -15.73
CA VAL C 57 25.31 -13.78 -14.63
C VAL C 57 26.02 -13.54 -13.31
N SER C 58 27.20 -14.14 -13.16
CA SER C 58 28.00 -13.98 -11.94
C SER C 58 28.39 -12.53 -11.73
N ARG C 59 28.69 -11.83 -12.82
CA ARG C 59 29.00 -10.41 -12.77
C ARG C 59 27.78 -9.61 -12.37
N SER C 60 26.61 -10.04 -12.85
CA SER C 60 25.34 -9.39 -12.54
C SER C 60 25.01 -9.54 -11.05
N ILE C 61 25.26 -10.73 -10.52
CA ILE C 61 25.03 -11.01 -9.11
C ILE C 61 25.93 -10.16 -8.21
N MET C 62 27.19 -10.03 -8.62
CA MET C 62 28.17 -9.28 -7.83
C MET C 62 27.89 -7.79 -7.82
N GLU C 63 27.13 -7.32 -8.79
CA GLU C 63 26.82 -5.90 -8.87
C GLU C 63 25.56 -5.57 -8.08
N LEU C 64 24.61 -6.49 -8.06
CA LEU C 64 23.34 -6.21 -7.42
C LEU C 64 23.45 -6.45 -5.93
N SER C 65 24.10 -7.53 -5.55
CA SER C 65 24.16 -7.93 -4.16
C SER C 65 25.26 -7.20 -3.41
N SER C 66 25.19 -7.23 -2.09
CA SER C 66 26.22 -6.61 -1.27
C SER C 66 26.60 -7.49 -0.09
N VAL C 67 25.87 -8.57 0.11
CA VAL C 67 26.12 -9.45 1.25
C VAL C 67 26.46 -10.87 0.83
N GLY C 68 27.55 -11.40 1.38
CA GLY C 68 27.98 -12.75 1.07
C GLY C 68 28.53 -13.52 2.26
N THR C 69 28.87 -14.78 2.03
CA THR C 69 29.47 -15.63 3.05
C THR C 69 30.94 -15.91 2.71
N LEU C 70 31.83 -15.53 3.60
CA LEU C 70 33.26 -15.77 3.38
C LEU C 70 33.66 -17.09 3.97
N SER C 71 33.88 -18.09 3.11
CA SER C 71 34.35 -19.38 3.56
C SER C 71 35.87 -19.38 3.60
N THR C 72 36.44 -19.72 4.75
CA THR C 72 37.89 -19.72 4.93
C THR C 72 38.36 -20.84 5.83
N LEU C 73 39.67 -21.08 5.79
CA LEU C 73 40.29 -22.13 6.58
C LEU C 73 40.97 -21.53 7.77
N THR C 74 41.01 -22.28 8.88
CA THR C 74 41.64 -21.83 10.12
C THR C 74 42.99 -22.51 10.32
N HIS C 75 43.67 -22.18 11.42
CA HIS C 75 44.91 -22.87 11.79
C HIS C 75 44.60 -24.34 12.11
N ASP C 76 43.38 -24.60 12.55
CA ASP C 76 42.92 -25.94 12.84
C ASP C 76 42.73 -26.76 11.57
N GLY C 77 42.51 -26.06 10.46
CA GLY C 77 42.28 -26.74 9.20
C GLY C 77 40.80 -26.87 8.92
N TRP C 78 39.95 -26.32 9.79
CA TRP C 78 38.49 -26.39 9.63
C TRP C 78 37.93 -25.23 8.78
N PRO C 79 36.95 -25.54 7.91
CA PRO C 79 36.32 -24.49 7.09
C PRO C 79 35.42 -23.63 7.94
N LEU C 80 35.51 -22.32 7.75
CA LEU C 80 34.76 -21.43 8.61
C LEU C 80 34.04 -20.43 7.74
N GLY C 81 32.74 -20.30 7.98
CA GLY C 81 31.90 -19.38 7.23
C GLY C 81 31.28 -18.27 8.07
N VAL C 82 31.60 -17.04 7.71
CA VAL C 82 31.08 -15.85 8.38
C VAL C 82 30.54 -14.86 7.36
N GLY C 83 29.45 -14.18 7.72
CA GLY C 83 28.88 -13.15 6.87
C GLY C 83 29.77 -11.92 6.74
N VAL C 84 29.74 -11.31 5.55
CA VAL C 84 30.59 -10.18 5.25
C VAL C 84 30.03 -9.35 4.09
N ARG C 85 30.12 -8.03 4.23
CA ARG C 85 29.73 -7.09 3.17
C ARG C 85 30.89 -6.90 2.18
N PHE C 86 30.57 -6.68 0.91
CA PHE C 86 31.59 -6.57 -0.12
C PHE C 86 31.26 -5.53 -1.19
N ALA C 87 32.27 -5.17 -1.98
CA ALA C 87 32.10 -4.29 -3.13
C ALA C 87 32.85 -4.87 -4.33
N VAL C 88 32.51 -4.39 -5.52
CA VAL C 88 33.10 -4.92 -6.75
C VAL C 88 33.69 -3.84 -7.66
N ASP C 89 34.93 -4.06 -8.10
CA ASP C 89 35.61 -3.17 -9.04
C ASP C 89 35.20 -3.41 -10.50
N LYS C 90 35.87 -2.74 -11.43
CA LYS C 90 35.56 -2.81 -12.86
C LYS C 90 35.89 -4.18 -13.48
N ASP C 91 36.71 -4.96 -12.78
CA ASP C 91 37.13 -6.32 -13.20
C ASP C 91 36.22 -7.45 -12.67
N GLY C 92 35.49 -7.16 -11.61
CA GLY C 92 34.60 -8.15 -11.06
C GLY C 92 35.18 -8.66 -9.77
N THR C 93 36.40 -8.22 -9.46
CA THR C 93 37.08 -8.63 -8.25
C THR C 93 36.45 -8.02 -7.02
N PRO C 94 36.04 -8.87 -6.05
CA PRO C 94 35.37 -8.47 -4.81
C PRO C 94 36.33 -7.92 -3.76
N VAL C 95 35.90 -6.88 -3.05
CA VAL C 95 36.66 -6.31 -1.94
C VAL C 95 35.75 -6.24 -0.70
N LEU C 96 36.19 -6.82 0.40
CA LEU C 96 35.33 -6.94 1.57
C LEU C 96 35.96 -6.41 2.84
N CYS C 97 35.14 -6.19 3.88
CA CYS C 97 35.66 -5.77 5.17
C CYS C 97 35.54 -6.90 6.15
N LEU C 98 36.69 -7.39 6.60
CA LEU C 98 36.73 -8.53 7.50
C LEU C 98 37.39 -8.15 8.81
N ASN C 99 36.83 -8.70 9.88
CA ASN C 99 37.30 -8.45 11.24
C ASN C 99 38.09 -9.63 11.77
N ARG C 100 38.11 -10.73 11.01
CA ARG C 100 38.80 -11.93 11.44
C ARG C 100 40.26 -11.90 10.99
N SER C 101 41.08 -12.71 11.65
CA SER C 101 42.48 -12.80 11.27
C SER C 101 43.06 -14.15 11.63
N VAL C 102 44.05 -14.58 10.82
CA VAL C 102 44.40 -13.88 9.54
C VAL C 102 43.56 -14.17 8.25
N SER C 103 43.48 -15.43 7.76
CA SER C 103 44.15 -16.63 8.29
C SER C 103 45.49 -16.90 7.56
N PRO C 104 46.38 -17.67 8.21
CA PRO C 104 47.66 -17.89 7.54
C PRO C 104 47.53 -18.67 6.25
N ASP C 105 46.47 -19.45 6.10
CA ASP C 105 46.20 -20.11 4.84
C ASP C 105 45.21 -19.21 4.13
N LYS C 106 45.64 -18.69 3.00
CA LYS C 106 44.94 -17.60 2.34
C LYS C 106 43.87 -18.11 1.41
N ARG C 107 43.72 -19.44 1.34
CA ARG C 107 42.76 -20.01 0.42
C ARG C 107 41.36 -19.81 0.98
N SER C 108 40.50 -19.19 0.19
CA SER C 108 39.15 -18.85 0.60
C SER C 108 38.13 -18.90 -0.54
N ALA C 109 36.86 -18.74 -0.19
CA ALA C 109 35.77 -18.77 -1.16
C ALA C 109 34.60 -17.90 -0.72
N LEU C 110 34.18 -16.99 -1.59
CA LEU C 110 33.11 -16.06 -1.27
C LEU C 110 31.81 -16.46 -1.97
N HIS C 111 30.79 -16.78 -1.18
CA HIS C 111 29.50 -17.19 -1.72
C HIS C 111 28.47 -16.06 -1.65
N VAL C 112 27.90 -15.71 -2.80
CA VAL C 112 26.95 -14.60 -2.89
C VAL C 112 25.63 -15.04 -3.53
N GLN C 113 24.51 -14.69 -2.91
CA GLN C 113 23.19 -15.06 -3.43
C GLN C 113 22.45 -13.86 -3.98
N LEU C 114 21.46 -14.12 -4.83
CA LEU C 114 20.58 -13.08 -5.39
C LEU C 114 19.16 -13.63 -5.56
N GLU C 115 18.27 -13.22 -4.68
CA GLU C 115 16.89 -13.72 -4.74
C GLU C 115 16.11 -12.90 -5.74
N GLN C 116 15.46 -13.59 -6.66
CA GLN C 116 14.71 -12.93 -7.73
C GLN C 116 13.20 -13.10 -7.53
N CYS C 117 12.55 -12.03 -7.12
CA CYS C 117 11.10 -12.00 -6.90
C CYS C 117 10.62 -13.05 -5.89
N GLY C 118 11.52 -13.55 -5.05
CA GLY C 118 11.16 -14.55 -4.07
C GLY C 118 10.71 -15.86 -4.68
N LEU C 119 11.32 -16.22 -5.81
CA LEU C 119 10.99 -17.47 -6.49
C LEU C 119 12.22 -18.29 -6.85
N ARG C 120 13.22 -17.60 -7.41
CA ARG C 120 14.42 -18.28 -7.86
C ARG C 120 15.60 -17.51 -7.33
N THR C 121 16.61 -18.22 -6.88
CA THR C 121 17.77 -17.59 -6.27
C THR C 121 19.08 -18.03 -6.89
N PRO C 122 19.45 -17.41 -8.03
CA PRO C 122 20.76 -17.63 -8.65
C PRO C 122 21.88 -17.23 -7.70
N GLN C 123 22.93 -18.04 -7.63
CA GLN C 123 24.03 -17.77 -6.70
C GLN C 123 25.37 -18.13 -7.33
N CYS C 124 26.41 -17.42 -6.96
CA CYS C 124 27.71 -17.71 -7.51
C CYS C 124 28.69 -17.75 -6.38
N THR C 125 29.85 -18.37 -6.61
CA THR C 125 30.87 -18.49 -5.58
C THR C 125 32.29 -18.25 -6.12
N ILE C 126 32.87 -17.12 -5.73
CA ILE C 126 34.20 -16.77 -6.13
C ILE C 126 35.22 -17.51 -5.30
N GLN C 127 36.11 -18.26 -5.95
CA GLN C 127 37.19 -18.96 -5.27
C GLN C 127 38.57 -18.34 -5.56
N GLY C 128 39.34 -18.05 -4.51
CA GLY C 128 40.64 -17.44 -4.68
C GLY C 128 41.40 -17.22 -3.38
N SER C 129 42.27 -16.21 -3.38
CA SER C 129 43.12 -15.95 -2.22
C SER C 129 42.89 -14.55 -1.65
N ILE C 130 42.96 -14.42 -0.33
CA ILE C 130 42.74 -13.14 0.33
C ILE C 130 44.06 -12.54 0.80
N GLY C 131 44.26 -11.25 0.51
CA GLY C 131 45.46 -10.55 0.90
C GLY C 131 45.24 -9.05 0.94
N ARG C 132 46.17 -8.32 1.54
CA ARG C 132 46.06 -6.88 1.60
C ARG C 132 46.26 -6.32 0.19
N PRO C 133 45.64 -5.17 -0.10
CA PRO C 133 45.71 -4.55 -1.43
C PRO C 133 47.13 -4.25 -1.87
N GLY C 134 47.97 -3.78 -0.94
CA GLY C 134 49.34 -3.46 -1.26
C GLY C 134 49.85 -2.24 -0.50
N ASP C 135 48.99 -1.67 0.34
CA ASP C 135 49.32 -0.52 1.17
C ASP C 135 49.80 0.69 0.34
N ASP C 136 49.22 0.82 -0.85
CA ASP C 136 49.51 1.95 -1.74
C ASP C 136 48.28 2.53 -2.44
N THR C 137 48.54 3.13 -3.60
CA THR C 137 47.53 3.82 -4.39
C THR C 137 46.32 2.96 -4.71
N VAL C 138 46.51 1.64 -4.77
CA VAL C 138 45.40 0.75 -5.09
C VAL C 138 44.50 0.54 -3.87
N LEU C 139 44.85 1.14 -2.75
CA LEU C 139 44.00 1.05 -1.56
C LEU C 139 42.95 2.15 -1.59
N LYS C 140 43.36 3.34 -2.04
CA LYS C 140 42.46 4.49 -2.12
C LYS C 140 41.40 4.29 -3.20
N ARG C 141 41.71 3.41 -4.17
CA ARG C 141 40.80 3.08 -5.26
C ARG C 141 39.65 2.24 -4.71
N LEU C 142 39.98 1.39 -3.74
CA LEU C 142 39.01 0.52 -3.10
C LEU C 142 38.19 1.25 -2.04
N SER C 143 38.80 2.22 -1.35
CA SER C 143 38.08 2.95 -0.31
C SER C 143 37.02 3.84 -0.93
N ALA C 144 37.19 4.14 -2.21
CA ALA C 144 36.25 4.99 -2.91
C ALA C 144 35.06 4.17 -3.38
N THR C 145 35.33 2.96 -3.86
CA THR C 145 34.26 2.11 -4.36
C THR C 145 33.35 1.65 -3.22
N TRP C 146 33.94 1.39 -2.06
CA TRP C 146 33.20 0.99 -0.87
C TRP C 146 32.35 2.16 -0.38
N ARG C 147 32.90 3.36 -0.47
CA ARG C 147 32.21 4.57 -0.06
C ARG C 147 31.12 4.98 -1.06
N GLU C 148 31.29 4.59 -2.32
CA GLU C 148 30.31 4.91 -3.35
C GLU C 148 29.16 3.88 -3.40
N LYS C 149 29.49 2.64 -3.04
CA LYS C 149 28.50 1.57 -3.10
C LYS C 149 27.53 1.65 -1.94
N PHE C 150 28.06 1.87 -0.74
CA PHE C 150 27.24 1.86 0.47
C PHE C 150 26.89 3.26 0.91
N GLY C 151 27.76 4.21 0.58
CA GLY C 151 27.61 5.60 0.98
C GLY C 151 28.12 5.85 2.40
N GLU C 152 28.71 4.83 2.98
CA GLU C 152 29.20 4.90 4.34
C GLU C 152 30.70 5.03 4.20
N GLU C 153 31.39 5.28 5.29
CA GLU C 153 32.86 5.31 5.30
C GLU C 153 33.44 3.88 5.40
N VAL C 154 34.77 3.78 5.46
CA VAL C 154 35.44 2.48 5.54
C VAL C 154 36.70 2.48 6.42
N LYS C 155 36.80 1.52 7.34
CA LYS C 155 38.02 1.32 8.12
C LYS C 155 39.07 0.61 7.26
N GLU C 156 40.09 1.36 6.85
CA GLU C 156 41.04 0.87 5.86
C GLU C 156 41.97 -0.19 6.42
N ASP C 157 41.98 -0.38 7.73
CA ASP C 157 42.80 -1.40 8.36
C ASP C 157 42.12 -2.74 8.16
N SER C 158 40.89 -2.63 7.71
CA SER C 158 40.11 -3.80 7.44
C SER C 158 39.67 -3.68 6.01
N LEU C 159 40.60 -3.84 5.05
CA LEU C 159 40.23 -3.99 3.63
C LEU C 159 40.96 -5.18 2.97
N TYR C 160 40.23 -6.24 2.66
CA TYR C 160 40.85 -7.42 2.10
C TYR C 160 40.32 -7.63 0.72
N VAL C 161 41.10 -8.29 -0.13
CA VAL C 161 40.71 -8.53 -1.51
C VAL C 161 40.88 -9.98 -1.91
N VAL C 162 39.84 -10.57 -2.50
CA VAL C 162 39.91 -11.96 -2.94
C VAL C 162 40.42 -12.04 -4.37
N ALA C 163 41.65 -12.51 -4.53
CA ALA C 163 42.23 -12.71 -5.86
C ALA C 163 41.51 -13.82 -6.61
N VAL C 164 40.66 -13.42 -7.56
CA VAL C 164 39.81 -14.35 -8.29
C VAL C 164 40.61 -15.33 -9.13
N ASP C 165 40.43 -16.62 -8.87
CA ASP C 165 41.05 -17.67 -9.68
C ASP C 165 40.01 -18.36 -10.56
N ARG C 166 38.85 -18.66 -9.99
CA ARG C 166 37.73 -19.23 -10.73
C ARG C 166 36.42 -19.07 -9.96
N VAL C 167 35.33 -19.04 -10.69
CA VAL C 167 34.03 -18.72 -10.12
C VAL C 167 33.00 -19.77 -10.47
N LEU C 168 32.31 -20.30 -9.46
CA LEU C 168 31.18 -21.18 -9.71
C LEU C 168 29.87 -20.39 -9.92
N GLN C 169 28.98 -20.92 -10.76
CA GLN C 169 27.72 -20.27 -11.07
C GLN C 169 26.55 -21.26 -11.14
N MET C 170 25.53 -21.08 -10.27
CA MET C 170 24.27 -21.87 -10.27
C MET C 170 22.96 -21.04 -10.51
N GLU C 171 21.92 -21.65 -11.09
CA GLU C 171 20.75 -20.87 -11.44
C GLU C 171 19.81 -20.81 -10.26
N ASP C 172 19.94 -21.80 -9.39
CA ASP C 172 19.13 -21.90 -8.19
C ASP C 172 19.75 -22.91 -7.23
N PHE C 173 19.04 -23.18 -6.15
CA PHE C 173 19.49 -24.15 -5.16
C PHE C 173 19.45 -25.55 -5.73
N MET C 174 20.23 -26.45 -5.12
CA MET C 174 20.28 -27.87 -5.51
C MET C 174 20.69 -28.08 -6.96
N GLU C 175 21.38 -27.09 -7.53
CA GLU C 175 21.80 -27.18 -8.91
C GLU C 175 23.28 -27.49 -8.93
N ASP C 176 23.71 -28.18 -9.98
CA ASP C 176 25.10 -28.62 -10.10
C ASP C 176 26.02 -27.41 -10.22
N GLY C 177 25.68 -26.55 -11.16
CA GLY C 177 26.44 -25.32 -11.40
C GLY C 177 27.57 -25.45 -12.39
N ILE C 178 28.02 -24.32 -12.93
CA ILE C 178 29.11 -24.29 -13.91
C ILE C 178 30.30 -23.41 -13.47
N TRP C 179 31.51 -23.96 -13.54
CA TRP C 179 32.72 -23.18 -13.25
C TRP C 179 32.99 -22.16 -14.35
N VAL C 180 33.55 -21.02 -13.96
CA VAL C 180 33.86 -19.96 -14.92
C VAL C 180 35.31 -19.51 -14.75
N ALA C 181 36.06 -19.51 -15.85
CA ALA C 181 37.47 -19.10 -15.80
C ALA C 181 37.56 -17.64 -15.40
N SER C 182 38.65 -17.28 -14.72
CA SER C 182 38.82 -15.91 -14.26
C SER C 182 39.01 -14.95 -15.43
N SER C 183 39.36 -15.48 -16.59
CA SER C 183 39.51 -14.65 -17.78
C SER C 183 38.15 -14.31 -18.35
N ASP C 184 37.27 -15.31 -18.42
CA ASP C 184 35.91 -15.12 -18.88
C ASP C 184 35.12 -14.22 -17.94
N TYR C 185 35.42 -14.34 -16.65
CA TYR C 185 34.71 -13.59 -15.63
C TYR C 185 35.07 -12.12 -15.72
N LYS C 186 36.37 -11.83 -15.79
CA LYS C 186 36.85 -10.46 -15.87
C LYS C 186 36.37 -9.76 -17.14
N ASN C 187 36.30 -10.52 -18.23
CA ASN C 187 35.91 -9.96 -19.52
C ASN C 187 34.41 -9.74 -19.64
N ALA C 188 33.64 -10.62 -19.01
CA ALA C 188 32.17 -10.52 -19.05
C ALA C 188 31.70 -9.22 -18.40
N SER C 189 30.62 -8.67 -18.94
CA SER C 189 30.04 -7.43 -18.41
C SER C 189 28.71 -7.68 -17.69
N PRO C 190 28.42 -6.87 -16.65
CA PRO C 190 27.13 -6.95 -15.94
C PRO C 190 25.97 -6.61 -16.89
N ASP C 191 24.80 -7.16 -16.59
CA ASP C 191 23.63 -6.95 -17.42
C ASP C 191 23.16 -5.50 -17.36
N PRO C 192 22.86 -4.91 -18.54
CA PRO C 192 22.48 -3.50 -18.64
C PRO C 192 21.07 -3.19 -18.08
N LEU C 193 20.36 -4.22 -17.62
CA LEU C 193 19.02 -4.04 -17.05
C LEU C 193 18.96 -4.42 -15.58
N ARG C 194 20.13 -4.64 -14.97
CA ARG C 194 20.21 -5.19 -13.62
C ARG C 194 19.56 -4.28 -12.59
N ASP C 195 19.73 -2.98 -12.78
CA ASP C 195 19.29 -1.97 -11.82
C ASP C 195 17.80 -1.64 -11.93
N ILE C 196 17.16 -2.11 -13.00
CA ILE C 196 15.72 -1.89 -13.21
C ILE C 196 14.92 -3.20 -13.29
N ALA C 197 15.62 -4.33 -13.27
CA ALA C 197 15.02 -5.65 -13.46
C ALA C 197 13.91 -5.94 -12.43
N GLU C 198 14.24 -5.79 -11.15
CA GLU C 198 13.27 -6.03 -10.09
C GLU C 198 12.04 -5.12 -10.19
N ASP C 199 12.28 -3.84 -10.44
CA ASP C 199 11.18 -2.90 -10.51
C ASP C 199 10.26 -3.18 -11.68
N ILE C 200 10.88 -3.47 -12.82
CA ILE C 200 10.14 -3.68 -14.08
C ILE C 200 9.35 -4.97 -14.05
N VAL C 201 9.88 -5.97 -13.35
CA VAL C 201 9.18 -7.24 -13.15
C VAL C 201 7.92 -7.10 -12.29
N ASN C 202 8.05 -6.43 -11.15
CA ASN C 202 6.91 -6.24 -10.26
C ASN C 202 5.83 -5.42 -10.93
N GLN C 203 6.25 -4.45 -11.74
CA GLN C 203 5.32 -3.61 -12.50
C GLN C 203 4.55 -4.43 -13.52
N ILE C 204 5.22 -5.39 -14.14
CA ILE C 204 4.56 -6.27 -15.10
C ILE C 204 3.60 -7.23 -14.41
N ASN C 205 4.06 -7.87 -13.34
CA ASN C 205 3.23 -8.82 -12.60
C ASN C 205 2.00 -8.21 -11.93
N ALA C 206 2.03 -6.88 -11.80
CA ALA C 206 0.97 -6.15 -11.10
C ALA C 206 0.05 -5.39 -12.06
N ASN C 207 0.58 -5.03 -13.23
CA ASN C 207 -0.19 -4.29 -14.25
C ASN C 207 -0.41 -5.05 -15.57
N ASN C 208 0.30 -6.15 -15.69
CA ASN C 208 0.27 -6.89 -16.92
C ASN C 208 0.11 -8.38 -16.76
N MET C 209 -0.86 -8.83 -15.96
CA MET C 209 -1.22 -10.26 -15.91
C MET C 209 -1.93 -10.80 -17.18
N GLU C 210 -2.65 -9.92 -17.88
CA GLU C 210 -3.33 -10.31 -19.10
C GLU C 210 -2.34 -10.74 -20.17
N ASP C 211 -1.25 -9.99 -20.27
CA ASP C 211 -0.26 -10.23 -21.30
C ASP C 211 0.63 -11.40 -20.92
N ILE C 212 0.87 -11.54 -19.62
CA ILE C 212 1.68 -12.64 -19.11
C ILE C 212 0.98 -13.96 -19.37
N PHE C 213 -0.32 -14.00 -19.10
CA PHE C 213 -1.14 -15.18 -19.36
C PHE C 213 -1.18 -15.50 -20.85
N ARG C 214 -1.27 -14.45 -21.65
CA ARG C 214 -1.37 -14.58 -23.11
C ARG C 214 -0.09 -15.11 -23.72
N PHE C 215 1.04 -14.87 -23.07
CA PHE C 215 2.32 -15.37 -23.53
C PHE C 215 2.42 -16.89 -23.36
N CYS C 216 1.63 -17.41 -22.43
CA CYS C 216 1.63 -18.84 -22.13
C CYS C 216 0.82 -19.63 -23.15
N ASN C 217 0.09 -18.92 -24.01
CA ASN C 217 -0.75 -19.56 -25.02
C ASN C 217 -0.16 -19.48 -26.44
N VAL C 218 0.55 -18.40 -26.72
CA VAL C 218 0.99 -18.12 -28.08
C VAL C 218 2.51 -18.20 -28.27
N TYR C 219 3.25 -18.21 -27.17
CA TYR C 219 4.71 -18.26 -27.26
C TYR C 219 5.31 -19.58 -26.77
N VAL C 220 4.56 -20.34 -25.98
CA VAL C 220 5.04 -21.62 -25.48
C VAL C 220 4.07 -22.76 -25.78
N ASP C 221 4.61 -23.92 -26.14
CA ASP C 221 3.78 -25.08 -26.42
C ASP C 221 3.64 -25.92 -25.16
N LEU C 222 2.66 -25.57 -24.32
CA LEU C 222 2.44 -26.27 -23.06
C LEU C 222 1.41 -27.37 -23.24
N ASP C 223 1.61 -28.46 -22.53
CA ASP C 223 0.83 -29.65 -22.76
C ASP C 223 -0.20 -29.73 -21.70
N PHE C 224 -0.62 -28.57 -21.23
CA PHE C 224 -1.62 -28.44 -20.16
C PHE C 224 -2.25 -27.06 -20.13
N VAL C 225 -3.21 -26.88 -19.22
CA VAL C 225 -3.80 -25.57 -18.92
C VAL C 225 -3.05 -24.87 -17.76
N VAL C 226 -2.85 -23.57 -17.91
CA VAL C 226 -2.11 -22.78 -16.94
C VAL C 226 -3.01 -22.28 -15.79
N SER C 227 -2.60 -22.54 -14.55
CA SER C 227 -3.34 -22.04 -13.41
C SER C 227 -2.92 -20.60 -13.07
N GLU C 228 -1.63 -20.42 -12.82
CA GLU C 228 -1.07 -19.12 -12.47
C GLU C 228 0.29 -18.93 -13.13
N THR C 229 0.64 -17.68 -13.41
CA THR C 229 1.95 -17.37 -13.96
C THR C 229 2.53 -16.05 -13.44
N LYS C 230 3.67 -16.12 -12.77
CA LYS C 230 4.39 -14.91 -12.35
C LYS C 230 5.65 -14.73 -13.20
N MET C 231 6.16 -13.50 -13.25
CA MET C 231 7.40 -13.23 -13.96
C MET C 231 8.57 -13.24 -12.99
N ILE C 232 9.62 -13.98 -13.33
CA ILE C 232 10.75 -14.17 -12.44
C ILE C 232 11.81 -13.09 -12.60
N TRP C 233 12.38 -13.01 -13.80
CA TRP C 233 13.50 -12.10 -14.05
C TRP C 233 13.48 -11.60 -15.48
N MET C 234 14.27 -10.56 -15.77
CA MET C 234 14.36 -10.01 -17.11
C MET C 234 15.73 -9.41 -17.34
N ASP C 235 16.40 -9.93 -18.36
CA ASP C 235 17.74 -9.48 -18.69
C ASP C 235 17.83 -9.13 -20.17
N ARG C 236 19.02 -8.78 -20.63
CA ARG C 236 19.23 -8.26 -21.98
C ARG C 236 18.66 -9.09 -23.12
N LEU C 237 18.53 -10.39 -22.91
CA LEU C 237 18.11 -11.31 -23.97
C LEU C 237 16.63 -11.66 -23.94
N GLY C 238 16.00 -11.49 -22.78
CA GLY C 238 14.60 -11.82 -22.64
C GLY C 238 14.15 -11.86 -21.19
N PHE C 239 13.27 -12.79 -20.88
CA PHE C 239 12.76 -12.93 -19.53
C PHE C 239 12.31 -14.35 -19.20
N ASP C 240 12.27 -14.67 -17.91
CA ASP C 240 11.83 -15.98 -17.43
C ASP C 240 10.45 -15.90 -16.77
N LEU C 241 9.63 -16.91 -17.01
CA LEU C 241 8.30 -16.98 -16.40
C LEU C 241 8.19 -18.29 -15.64
N ARG C 242 7.44 -18.26 -14.54
CA ARG C 242 7.16 -19.48 -13.81
C ARG C 242 5.67 -19.81 -13.93
N VAL C 243 5.38 -20.97 -14.52
CA VAL C 243 4.00 -21.39 -14.73
C VAL C 243 3.56 -22.43 -13.71
N TRP C 244 2.45 -22.15 -13.04
CA TRP C 244 1.88 -23.09 -12.09
C TRP C 244 0.71 -23.82 -12.74
N SER C 245 0.66 -25.13 -12.53
CA SER C 245 -0.35 -25.99 -13.11
C SER C 245 -0.40 -27.31 -12.35
N PRO C 246 -1.56 -28.00 -12.40
CA PRO C 246 -1.70 -29.30 -11.75
C PRO C 246 -0.73 -30.34 -12.30
N ARG C 247 -0.23 -30.10 -13.51
CA ARG C 247 0.71 -31.01 -14.17
C ARG C 247 2.12 -30.82 -13.61
N GLY C 248 2.47 -29.59 -13.29
CA GLY C 248 3.76 -29.33 -12.69
C GLY C 248 3.98 -27.86 -12.54
N VAL C 249 5.19 -27.50 -12.12
CA VAL C 249 5.59 -26.10 -12.02
C VAL C 249 6.91 -26.00 -12.77
N TYR C 250 6.91 -25.16 -13.81
CA TYR C 250 8.07 -25.08 -14.69
C TYR C 250 8.49 -23.65 -14.93
N ASP C 251 9.74 -23.47 -15.38
CA ASP C 251 10.26 -22.14 -15.72
C ASP C 251 10.60 -22.08 -17.20
N VAL C 252 10.02 -21.11 -17.91
CA VAL C 252 10.23 -21.02 -19.34
C VAL C 252 11.09 -19.81 -19.66
N ARG C 253 11.82 -19.89 -20.77
CA ARG C 253 12.62 -18.77 -21.22
C ARG C 253 12.11 -18.23 -22.57
N ILE C 254 11.38 -17.11 -22.50
CA ILE C 254 10.90 -16.45 -23.71
C ILE C 254 11.86 -15.33 -24.07
N PRO C 255 12.50 -15.45 -25.26
CA PRO C 255 13.52 -14.51 -25.72
C PRO C 255 12.90 -13.32 -26.43
N PHE C 256 13.60 -12.20 -26.39
CA PHE C 256 13.19 -11.02 -27.12
C PHE C 256 13.46 -11.27 -28.60
N PRO C 257 12.73 -10.59 -29.50
CA PRO C 257 13.02 -10.68 -30.94
C PRO C 257 14.49 -10.33 -31.23
N MET C 258 14.97 -9.28 -30.58
CA MET C 258 16.39 -8.92 -30.65
C MET C 258 16.90 -8.44 -29.28
N GLU C 259 18.22 -8.37 -29.13
CA GLU C 259 18.82 -7.96 -27.86
C GLU C 259 18.45 -6.54 -27.44
N VAL C 260 18.19 -6.38 -26.15
CA VAL C 260 17.81 -5.12 -25.54
C VAL C 260 18.99 -4.52 -24.77
N THR C 261 19.18 -3.22 -24.89
CA THR C 261 20.33 -2.49 -24.32
C THR C 261 19.99 -1.53 -23.17
N ASP C 262 18.72 -1.11 -23.11
CA ASP C 262 18.27 -0.17 -22.09
C ASP C 262 16.84 -0.43 -21.55
N GLU C 263 16.36 0.50 -20.73
CA GLU C 263 15.03 0.40 -20.16
C GLU C 263 13.96 0.62 -21.22
N LYS C 264 14.17 1.62 -22.09
CA LYS C 264 13.24 1.92 -23.17
C LYS C 264 13.22 0.78 -24.17
N GLY C 265 14.36 0.11 -24.31
CA GLY C 265 14.50 -1.01 -25.22
C GLY C 265 13.70 -2.20 -24.76
N ALA C 266 13.66 -2.41 -23.44
CA ALA C 266 12.93 -3.53 -22.85
C ALA C 266 11.41 -3.33 -22.87
N LYS C 267 10.97 -2.12 -22.55
CA LYS C 267 9.54 -1.81 -22.55
C LYS C 267 8.95 -1.82 -23.97
N SER C 268 9.72 -1.32 -24.93
CA SER C 268 9.28 -1.31 -26.32
C SER C 268 9.25 -2.73 -26.88
N SER C 269 10.21 -3.53 -26.45
CA SER C 269 10.26 -4.92 -26.87
C SER C 269 9.10 -5.71 -26.25
N PHE C 270 8.84 -5.46 -24.97
CA PHE C 270 7.75 -6.12 -24.28
C PHE C 270 6.41 -5.72 -24.88
N ASN C 271 6.24 -4.43 -25.13
CA ASN C 271 4.99 -3.93 -25.72
C ASN C 271 4.80 -4.45 -27.13
N GLY C 272 5.89 -4.75 -27.81
CA GLY C 272 5.84 -5.31 -29.14
C GLY C 272 5.37 -6.75 -29.10
N MET C 273 5.87 -7.51 -28.14
CA MET C 273 5.44 -8.90 -27.96
C MET C 273 4.02 -8.94 -27.44
N SER C 274 3.69 -7.98 -26.58
CA SER C 274 2.35 -7.87 -26.01
C SER C 274 1.32 -7.58 -27.10
N GLN C 275 1.74 -6.84 -28.11
CA GLN C 275 0.87 -6.50 -29.23
C GLN C 275 0.63 -7.70 -30.13
N LEU C 276 1.71 -8.38 -30.49
CA LEU C 276 1.63 -9.55 -31.36
C LEU C 276 0.81 -10.65 -30.73
N ALA C 277 1.05 -10.91 -29.45
CA ALA C 277 0.32 -11.92 -28.71
C ALA C 277 -1.19 -11.61 -28.69
N TRP C 278 -1.52 -10.33 -28.66
CA TRP C 278 -2.91 -9.92 -28.64
C TRP C 278 -3.55 -10.13 -30.01
N GLU C 279 -2.81 -9.81 -31.07
CA GLU C 279 -3.30 -9.98 -32.43
C GLU C 279 -3.49 -11.45 -32.78
N VAL C 280 -2.64 -12.31 -32.22
CA VAL C 280 -2.73 -13.74 -32.46
C VAL C 280 -3.97 -14.33 -31.80
N GLU C 281 -4.15 -14.05 -30.51
CA GLU C 281 -5.29 -14.54 -29.76
C GLU C 281 -6.60 -13.98 -30.32
N LYS C 282 -6.57 -12.72 -30.74
CA LYS C 282 -7.74 -12.09 -31.35
C LYS C 282 -7.87 -12.52 -32.80
N SER C 283 -6.87 -13.24 -33.29
CA SER C 283 -6.84 -13.79 -34.64
C SER C 283 -6.98 -12.74 -35.73
N TYR C 284 -6.16 -11.69 -35.63
CA TYR C 284 -6.10 -10.66 -36.65
C TYR C 284 -4.85 -10.89 -37.47
N CYS C 285 -3.95 -11.70 -36.95
CA CYS C 285 -2.73 -12.01 -37.67
C CYS C 285 -2.25 -13.41 -37.30
N PRO C 286 -1.53 -14.06 -38.22
CA PRO C 286 -1.01 -15.41 -37.99
C PRO C 286 0.19 -15.44 -37.05
N ALA C 287 0.39 -16.59 -36.42
CA ALA C 287 1.56 -16.84 -35.58
C ALA C 287 2.67 -17.56 -36.35
N ASP C 288 3.42 -16.83 -37.17
CA ASP C 288 4.47 -17.44 -38.00
C ASP C 288 5.83 -17.54 -37.31
N PHE C 289 5.91 -18.40 -36.30
CA PHE C 289 7.15 -18.62 -35.55
C PHE C 289 7.05 -19.89 -34.70
N ASN C 290 8.21 -20.41 -34.31
CA ASN C 290 8.23 -21.62 -33.50
C ASN C 290 8.17 -21.32 -32.01
N LYS C 291 7.13 -21.87 -31.37
CA LYS C 291 6.89 -21.66 -29.95
C LYS C 291 7.99 -22.27 -29.10
N VAL C 292 8.16 -21.75 -27.89
CA VAL C 292 9.16 -22.28 -26.96
C VAL C 292 8.65 -23.59 -26.36
N LYS C 293 9.51 -24.60 -26.33
CA LYS C 293 9.11 -25.91 -25.84
C LYS C 293 9.85 -26.33 -24.57
N LEU C 294 11.07 -25.85 -24.43
CA LEU C 294 11.92 -26.26 -23.33
C LEU C 294 11.43 -25.74 -21.98
N LEU C 295 11.10 -26.67 -21.08
CA LEU C 295 10.71 -26.29 -19.72
C LEU C 295 11.76 -26.76 -18.69
N LYS C 296 11.51 -26.44 -17.42
CA LYS C 296 12.39 -26.85 -16.34
C LYS C 296 11.64 -26.89 -15.01
N GLN C 297 11.59 -28.06 -14.42
CA GLN C 297 10.88 -28.29 -13.17
C GLN C 297 11.63 -27.67 -12.01
N VAL C 298 10.90 -27.36 -10.94
CA VAL C 298 11.52 -26.83 -9.73
C VAL C 298 10.69 -27.12 -8.47
N THR D 49 23.40 -8.12 31.28
CA THR D 49 22.65 -7.31 30.33
C THR D 49 21.18 -7.66 30.33
N HIS D 50 20.43 -7.11 29.37
CA HIS D 50 19.00 -7.40 29.25
C HIS D 50 18.66 -8.22 27.99
N LYS D 51 19.68 -8.67 27.29
CA LYS D 51 19.49 -9.46 26.09
C LYS D 51 19.60 -10.95 26.42
N PRO D 52 18.85 -11.79 25.69
CA PRO D 52 18.89 -13.24 25.90
C PRO D 52 20.27 -13.82 25.55
N PHE D 53 20.53 -15.03 26.06
CA PHE D 53 21.82 -15.69 25.85
C PHE D 53 22.10 -15.92 24.37
N PRO D 54 23.38 -15.82 23.98
CA PRO D 54 23.84 -16.06 22.60
C PRO D 54 23.47 -17.45 22.12
N ALA D 55 23.37 -18.42 23.02
CA ALA D 55 22.95 -19.76 22.64
C ALA D 55 21.48 -19.77 22.24
N GLU D 56 20.69 -18.89 22.88
CA GLU D 56 19.27 -18.81 22.58
C GLU D 56 19.05 -18.05 21.28
N VAL D 57 19.93 -17.07 21.02
CA VAL D 57 19.85 -16.28 19.80
C VAL D 57 20.15 -17.15 18.58
N SER D 58 21.14 -18.03 18.70
CA SER D 58 21.46 -18.94 17.60
C SER D 58 20.30 -19.88 17.28
N ARG D 59 19.62 -20.35 18.32
CA ARG D 59 18.46 -21.22 18.14
C ARG D 59 17.32 -20.47 17.47
N SER D 60 17.16 -19.21 17.85
CA SER D 60 16.11 -18.37 17.30
C SER D 60 16.35 -18.12 15.82
N ILE D 61 17.61 -17.88 15.47
CA ILE D 61 18.00 -17.66 14.08
C ILE D 61 17.73 -18.90 13.24
N MET D 62 18.02 -20.06 13.81
CA MET D 62 17.86 -21.34 13.13
C MET D 62 16.40 -21.71 12.90
N GLU D 63 15.50 -21.13 13.69
CA GLU D 63 14.08 -21.44 13.60
C GLU D 63 13.34 -20.53 12.62
N LEU D 64 13.84 -19.30 12.47
CA LEU D 64 13.24 -18.29 11.58
C LEU D 64 13.75 -18.35 10.13
N SER D 65 15.06 -18.58 9.98
CA SER D 65 15.69 -18.61 8.66
C SER D 65 15.61 -19.99 8.01
N SER D 66 15.72 -20.01 6.69
CA SER D 66 15.60 -21.25 5.94
C SER D 66 16.67 -21.37 4.87
N VAL D 67 17.46 -20.30 4.70
CA VAL D 67 18.53 -20.27 3.71
C VAL D 67 19.90 -20.03 4.38
N GLY D 68 20.85 -20.90 4.10
CA GLY D 68 22.17 -20.79 4.69
C GLY D 68 23.27 -21.14 3.72
N THR D 69 24.51 -20.96 4.14
CA THR D 69 25.66 -21.29 3.32
C THR D 69 26.40 -22.48 3.89
N LEU D 70 26.54 -23.54 3.09
CA LEU D 70 27.26 -24.73 3.52
C LEU D 70 28.73 -24.69 3.09
N SER D 71 29.62 -24.41 4.03
CA SER D 71 31.05 -24.36 3.77
C SER D 71 31.65 -25.75 3.94
N THR D 72 32.43 -26.19 2.97
CA THR D 72 33.00 -27.53 3.01
C THR D 72 34.39 -27.57 2.38
N LEU D 73 35.05 -28.72 2.42
CA LEU D 73 36.37 -28.86 1.79
C LEU D 73 36.35 -29.57 0.43
N THR D 74 37.32 -29.20 -0.41
CA THR D 74 37.49 -29.80 -1.73
C THR D 74 38.64 -30.79 -1.71
N HIS D 75 38.75 -31.58 -2.77
CA HIS D 75 39.82 -32.54 -2.92
C HIS D 75 41.12 -31.78 -3.07
N ASP D 76 41.04 -30.58 -3.63
CA ASP D 76 42.18 -29.71 -3.86
C ASP D 76 42.71 -29.15 -2.55
N GLY D 77 41.83 -29.14 -1.54
CA GLY D 77 42.13 -28.62 -0.22
C GLY D 77 41.58 -27.22 0.00
N TRP D 78 40.91 -26.71 -1.02
CA TRP D 78 40.37 -25.37 -0.98
C TRP D 78 39.02 -25.44 -0.28
N PRO D 79 38.67 -24.39 0.48
CA PRO D 79 37.34 -24.26 1.07
C PRO D 79 36.29 -23.89 0.02
N LEU D 80 35.06 -24.39 0.17
CA LEU D 80 33.97 -24.09 -0.77
C LEU D 80 32.62 -23.75 -0.08
N GLY D 81 31.98 -22.67 -0.49
CA GLY D 81 30.71 -22.28 0.11
C GLY D 81 29.56 -22.34 -0.87
N VAL D 82 28.54 -23.13 -0.54
CA VAL D 82 27.38 -23.27 -1.43
C VAL D 82 26.07 -22.99 -0.71
N GLY D 83 25.15 -22.28 -1.38
CA GLY D 83 23.85 -21.98 -0.81
C GLY D 83 23.03 -23.24 -0.68
N VAL D 84 22.24 -23.32 0.39
CA VAL D 84 21.46 -24.52 0.67
C VAL D 84 20.27 -24.23 1.60
N ARG D 85 19.13 -24.85 1.32
CA ARG D 85 17.97 -24.71 2.20
C ARG D 85 18.14 -25.71 3.34
N PHE D 86 17.67 -25.34 4.53
CA PHE D 86 17.86 -26.19 5.70
C PHE D 86 16.66 -26.20 6.63
N ALA D 87 16.61 -27.21 7.49
CA ALA D 87 15.58 -27.30 8.52
C ALA D 87 16.23 -27.68 9.85
N VAL D 88 15.52 -27.47 10.95
CA VAL D 88 16.08 -27.69 12.27
C VAL D 88 15.21 -28.62 13.11
N ASP D 89 15.82 -29.64 13.70
CA ASP D 89 15.10 -30.60 14.52
C ASP D 89 14.82 -30.02 15.90
N LYS D 90 14.24 -30.84 16.77
CA LYS D 90 13.87 -30.35 18.10
C LYS D 90 15.08 -30.03 18.97
N ASP D 91 16.23 -30.58 18.63
CA ASP D 91 17.40 -30.36 19.45
C ASP D 91 18.14 -29.11 19.01
N GLY D 92 17.98 -28.75 17.73
CA GLY D 92 18.70 -27.64 17.13
C GLY D 92 19.72 -28.02 16.05
N THR D 93 19.90 -29.33 15.85
CA THR D 93 20.78 -29.85 14.82
C THR D 93 20.17 -29.64 13.42
N PRO D 94 20.93 -29.01 12.52
CA PRO D 94 20.42 -28.64 11.19
C PRO D 94 20.29 -29.83 10.24
N VAL D 95 19.26 -29.79 9.40
CA VAL D 95 19.04 -30.80 8.38
C VAL D 95 18.95 -30.13 7.00
N LEU D 96 19.78 -30.58 6.07
CA LEU D 96 19.83 -29.95 4.74
C LEU D 96 19.74 -30.95 3.58
N CYS D 97 19.55 -30.39 2.37
CA CYS D 97 19.55 -31.15 1.13
C CYS D 97 20.75 -30.81 0.24
N LEU D 98 21.48 -31.83 -0.22
CA LEU D 98 22.63 -31.58 -1.10
C LEU D 98 22.49 -32.22 -2.49
N ASN D 99 23.19 -31.68 -3.48
CA ASN D 99 23.19 -32.29 -4.81
C ASN D 99 24.46 -33.13 -5.00
N ARG D 100 25.39 -32.98 -4.06
CA ARG D 100 26.66 -33.70 -4.06
C ARG D 100 26.56 -34.98 -3.23
N SER D 101 27.59 -35.81 -3.31
CA SER D 101 27.69 -37.04 -2.51
C SER D 101 28.55 -36.83 -1.25
N VAL D 102 28.48 -37.77 -0.31
CA VAL D 102 29.33 -37.68 0.87
C VAL D 102 30.80 -37.98 0.55
N SER D 103 31.64 -37.00 0.79
CA SER D 103 33.04 -37.04 0.41
C SER D 103 33.74 -37.67 1.61
N PRO D 104 35.10 -37.87 1.57
CA PRO D 104 36.05 -38.33 2.64
C PRO D 104 36.44 -37.42 3.88
N ASP D 105 36.30 -36.12 3.72
CA ASP D 105 36.42 -35.27 4.86
C ASP D 105 34.97 -34.97 5.18
N LYS D 106 34.44 -35.26 6.37
CA LYS D 106 33.01 -34.97 6.64
C LYS D 106 32.71 -33.61 7.31
N ARG D 107 33.79 -32.92 7.66
CA ARG D 107 33.69 -31.69 8.43
C ARG D 107 33.27 -30.51 7.57
N SER D 108 32.26 -29.82 8.08
CA SER D 108 31.66 -28.66 7.40
C SER D 108 31.23 -27.59 8.40
N ALA D 109 30.71 -26.50 7.87
CA ALA D 109 30.23 -25.39 8.68
C ALA D 109 29.06 -24.69 8.00
N LEU D 110 27.95 -24.54 8.72
CA LEU D 110 26.74 -23.94 8.18
C LEU D 110 26.49 -22.52 8.72
N HIS D 111 26.55 -21.53 7.84
CA HIS D 111 26.36 -20.14 8.22
C HIS D 111 24.97 -19.62 7.85
N VAL D 112 24.25 -19.12 8.85
CA VAL D 112 22.87 -18.70 8.67
C VAL D 112 22.66 -17.26 9.13
N GLN D 113 21.98 -16.46 8.31
CA GLN D 113 21.70 -15.07 8.64
C GLN D 113 20.24 -14.82 9.00
N LEU D 114 20.01 -13.73 9.70
CA LEU D 114 18.67 -13.31 10.00
C LEU D 114 18.68 -11.81 9.97
N GLU D 115 18.06 -11.23 8.97
CA GLU D 115 17.95 -9.78 8.88
C GLU D 115 16.75 -9.29 9.69
N GLN D 116 17.01 -8.33 10.57
CA GLN D 116 15.99 -7.79 11.46
C GLN D 116 15.62 -6.37 11.08
N CYS D 117 14.41 -6.20 10.54
CA CYS D 117 13.89 -4.88 10.16
C CYS D 117 14.79 -4.13 9.18
N GLY D 118 15.68 -4.87 8.51
CA GLY D 118 16.61 -4.29 7.54
C GLY D 118 17.55 -3.28 8.15
N LEU D 119 17.92 -3.50 9.41
CA LEU D 119 18.78 -2.58 10.13
C LEU D 119 19.95 -3.35 10.70
N ARG D 120 19.66 -4.53 11.24
CA ARG D 120 20.67 -5.39 11.84
C ARG D 120 20.49 -6.85 11.40
N THR D 121 21.59 -7.56 11.19
CA THR D 121 21.51 -8.95 10.76
C THR D 121 22.32 -9.89 11.65
N PRO D 122 21.74 -10.30 12.79
CA PRO D 122 22.37 -11.31 13.65
C PRO D 122 22.57 -12.61 12.90
N GLN D 123 23.71 -13.25 13.08
CA GLN D 123 24.02 -14.45 12.35
C GLN D 123 24.81 -15.45 13.19
N CYS D 124 24.70 -16.73 12.85
CA CYS D 124 25.47 -17.80 13.52
C CYS D 124 26.07 -18.82 12.54
N THR D 125 27.04 -19.58 13.02
CA THR D 125 27.69 -20.57 12.18
C THR D 125 27.85 -21.86 12.94
N ILE D 126 27.13 -22.90 12.52
CA ILE D 126 27.28 -24.24 13.11
C ILE D 126 28.49 -24.97 12.53
N GLN D 127 29.45 -25.25 13.38
CA GLN D 127 30.66 -25.90 12.94
C GLN D 127 30.59 -27.33 13.41
N GLY D 128 30.82 -28.28 12.50
CA GLY D 128 30.76 -29.69 12.86
C GLY D 128 31.05 -30.62 11.70
N SER D 129 30.46 -31.81 11.73
CA SER D 129 30.65 -32.80 10.69
C SER D 129 29.33 -33.20 10.04
N ILE D 130 29.34 -33.42 8.74
CA ILE D 130 28.15 -33.82 7.99
C ILE D 130 28.18 -35.27 7.53
N GLY D 131 27.06 -35.96 7.71
CA GLY D 131 26.92 -37.33 7.23
C GLY D 131 25.48 -37.75 7.05
N ARG D 132 25.28 -38.83 6.28
CA ARG D 132 23.96 -39.44 6.05
C ARG D 132 23.45 -40.25 7.24
N ASP D 135 20.65 -45.17 9.37
CA ASP D 135 19.44 -45.86 9.81
C ASP D 135 18.18 -45.12 9.35
N ASP D 136 17.08 -45.86 9.21
CA ASP D 136 15.82 -45.28 8.77
C ASP D 136 14.98 -44.79 9.94
N THR D 137 15.46 -45.04 11.16
CA THR D 137 14.77 -44.58 12.37
C THR D 137 14.64 -43.05 12.46
N VAL D 138 15.79 -42.37 12.49
CA VAL D 138 15.84 -40.91 12.55
C VAL D 138 15.75 -40.28 11.18
N LEU D 139 15.65 -41.10 10.14
CA LEU D 139 15.53 -40.63 8.77
C LEU D 139 14.08 -40.34 8.41
N LYS D 140 13.17 -41.17 8.88
CA LYS D 140 11.75 -40.97 8.64
C LYS D 140 11.21 -39.79 9.45
N ARG D 141 11.89 -39.48 10.55
CA ARG D 141 11.50 -38.35 11.37
C ARG D 141 11.93 -37.02 10.74
N LEU D 142 13.15 -36.97 10.21
CA LEU D 142 13.69 -35.73 9.66
C LEU D 142 13.11 -35.43 8.29
N SER D 143 12.76 -36.49 7.56
CA SER D 143 12.13 -36.36 6.25
C SER D 143 10.70 -35.82 6.37
N ALA D 144 10.13 -35.93 7.57
CA ALA D 144 8.79 -35.41 7.87
C ALA D 144 8.81 -33.93 8.31
N THR D 145 9.82 -33.58 9.11
CA THR D 145 9.98 -32.22 9.61
C THR D 145 10.34 -31.25 8.49
N TRP D 146 11.13 -31.72 7.53
CA TRP D 146 11.49 -30.90 6.39
C TRP D 146 10.25 -30.54 5.57
N ARG D 147 9.41 -31.54 5.35
CA ARG D 147 8.24 -31.37 4.51
C ARG D 147 7.21 -30.52 5.22
N GLU D 148 7.27 -30.52 6.55
CA GLU D 148 6.33 -29.76 7.35
C GLU D 148 6.72 -28.29 7.35
N LYS D 149 8.01 -28.03 7.19
CA LYS D 149 8.53 -26.65 7.16
C LYS D 149 8.31 -25.96 5.82
N PHE D 150 8.58 -26.66 4.73
CA PHE D 150 8.54 -26.09 3.39
C PHE D 150 7.26 -26.39 2.63
N GLY D 151 6.59 -27.48 2.99
CA GLY D 151 5.38 -27.83 2.29
C GLY D 151 5.71 -28.52 0.99
N GLU D 152 7.00 -28.81 0.77
CA GLU D 152 7.46 -29.50 -0.45
C GLU D 152 7.96 -30.95 -0.23
N GLU D 153 8.04 -31.70 -1.34
CA GLU D 153 8.47 -33.09 -1.26
C GLU D 153 9.97 -33.10 -1.13
N VAL D 154 10.52 -34.21 -0.66
CA VAL D 154 11.94 -34.25 -0.35
C VAL D 154 12.55 -35.60 -0.65
N LYS D 155 13.61 -35.58 -1.44
CA LYS D 155 14.32 -36.79 -1.77
C LYS D 155 15.16 -37.29 -0.61
N GLU D 156 14.85 -38.48 -0.11
CA GLU D 156 15.55 -39.06 1.05
C GLU D 156 16.99 -39.54 0.74
N ASP D 157 17.34 -39.56 -0.54
CA ASP D 157 18.69 -39.91 -0.99
C ASP D 157 19.68 -38.73 -0.85
N SER D 158 19.15 -37.54 -0.65
CA SER D 158 20.00 -36.39 -0.44
C SER D 158 19.52 -35.68 0.82
N LEU D 159 19.67 -36.35 1.94
CA LEU D 159 19.32 -35.74 3.19
C LEU D 159 20.52 -35.89 4.04
N TYR D 160 21.08 -34.77 4.49
CA TYR D 160 22.26 -34.77 5.35
C TYR D 160 22.06 -34.09 6.72
N VAL D 161 22.86 -34.49 7.70
CA VAL D 161 22.75 -33.93 9.05
C VAL D 161 24.11 -33.47 9.55
N VAL D 162 24.16 -32.20 9.99
CA VAL D 162 25.40 -31.62 10.50
C VAL D 162 25.52 -31.77 12.03
N ALA D 163 26.39 -32.68 12.45
CA ALA D 163 26.61 -32.92 13.87
C ALA D 163 27.25 -31.71 14.52
N VAL D 164 26.48 -30.98 15.31
CA VAL D 164 26.95 -29.76 15.96
C VAL D 164 28.07 -30.01 16.98
N ASP D 165 29.21 -29.35 16.78
CA ASP D 165 30.31 -29.42 17.72
C ASP D 165 30.37 -28.13 18.52
N ARG D 166 30.17 -27.01 17.83
CA ARG D 166 30.10 -25.69 18.45
C ARG D 166 29.47 -24.70 17.49
N VAL D 167 28.92 -23.60 18.03
CA VAL D 167 28.26 -22.60 17.20
C VAL D 167 28.81 -21.20 17.48
N LEU D 168 29.36 -20.58 16.44
CA LEU D 168 29.86 -19.21 16.55
C LEU D 168 28.66 -18.32 16.40
N GLN D 169 28.59 -17.25 17.17
CA GLN D 169 27.38 -16.42 17.20
C GLN D 169 27.71 -14.95 17.14
N MET D 170 27.28 -14.30 16.09
CA MET D 170 27.59 -12.91 15.94
C MET D 170 26.33 -12.17 16.19
N GLU D 171 26.47 -10.88 16.52
CA GLU D 171 25.35 -9.95 16.71
C GLU D 171 25.00 -9.11 15.46
N ASP D 172 25.99 -8.90 14.59
CA ASP D 172 25.82 -8.17 13.34
C ASP D 172 27.04 -8.40 12.47
N PHE D 173 27.13 -7.71 11.34
CA PHE D 173 28.34 -7.78 10.51
C PHE D 173 29.49 -7.05 11.18
N MET D 174 30.72 -7.43 10.83
CA MET D 174 31.91 -6.81 11.41
C MET D 174 32.00 -6.96 12.93
N GLU D 175 31.37 -8.00 13.47
CA GLU D 175 31.44 -8.28 14.91
C GLU D 175 32.29 -9.52 15.25
N ASP D 176 32.87 -9.54 16.45
CA ASP D 176 33.69 -10.66 16.88
C ASP D 176 32.87 -11.92 17.13
N GLY D 177 31.85 -11.84 17.98
CA GLY D 177 31.01 -12.98 18.24
C GLY D 177 31.57 -13.87 19.33
N ILE D 178 30.69 -14.61 19.98
CA ILE D 178 31.10 -15.46 21.08
C ILE D 178 30.78 -16.89 20.73
N TRP D 179 31.75 -17.78 20.91
CA TRP D 179 31.53 -19.20 20.62
C TRP D 179 30.55 -19.81 21.61
N VAL D 180 29.79 -20.80 21.15
CA VAL D 180 28.81 -21.46 21.98
C VAL D 180 29.00 -22.98 21.92
N ALA D 181 29.08 -23.61 23.09
CA ALA D 181 29.23 -25.06 23.17
C ALA D 181 28.00 -25.77 22.59
N SER D 182 28.21 -26.98 22.07
CA SER D 182 27.12 -27.77 21.49
C SER D 182 26.11 -28.22 22.53
N SER D 183 26.50 -28.17 23.81
CA SER D 183 25.58 -28.49 24.89
C SER D 183 24.68 -27.30 25.26
N ASP D 184 25.28 -26.11 25.37
CA ASP D 184 24.53 -24.90 25.70
C ASP D 184 23.56 -24.57 24.57
N TYR D 185 23.94 -24.92 23.35
CA TYR D 185 23.11 -24.72 22.17
C TYR D 185 21.94 -25.73 22.11
N LYS D 186 22.25 -27.01 22.32
CA LYS D 186 21.24 -28.07 22.24
C LYS D 186 20.15 -27.90 23.29
N ASN D 187 20.55 -27.43 24.47
CA ASN D 187 19.62 -27.25 25.57
C ASN D 187 18.79 -25.97 25.48
N ALA D 188 19.38 -24.92 24.90
CA ALA D 188 18.69 -23.63 24.78
C ALA D 188 17.43 -23.74 23.92
N SER D 189 16.41 -22.97 24.29
CA SER D 189 15.15 -22.97 23.57
C SER D 189 15.06 -21.69 22.77
N PRO D 190 14.47 -21.76 21.57
CA PRO D 190 14.27 -20.58 20.72
C PRO D 190 13.37 -19.58 21.42
N ASP D 191 13.46 -18.31 21.06
CA ASP D 191 12.65 -17.28 21.70
C ASP D 191 11.17 -17.44 21.33
N PRO D 192 10.28 -17.41 22.35
CA PRO D 192 8.85 -17.66 22.15
C PRO D 192 8.12 -16.54 21.42
N LEU D 193 8.85 -15.48 21.08
CA LEU D 193 8.25 -14.34 20.39
C LEU D 193 8.76 -14.22 18.97
N ARG D 194 9.45 -15.25 18.50
CA ARG D 194 10.14 -15.20 17.21
C ARG D 194 9.20 -14.99 16.01
N ASP D 195 8.04 -15.63 16.00
CA ASP D 195 7.15 -15.55 14.85
C ASP D 195 6.33 -14.27 14.87
N ILE D 196 6.31 -13.60 16.01
CA ILE D 196 5.43 -12.46 16.17
C ILE D 196 6.26 -11.21 16.27
N ALA D 197 7.57 -11.37 16.32
CA ALA D 197 8.47 -10.24 16.47
C ALA D 197 8.35 -9.21 15.35
N GLU D 198 8.58 -9.65 14.12
CA GLU D 198 8.60 -8.74 12.98
C GLU D 198 7.26 -8.03 12.80
N ASP D 199 6.18 -8.79 12.98
CA ASP D 199 4.82 -8.28 12.84
C ASP D 199 4.49 -7.23 13.90
N ILE D 200 4.93 -7.46 15.13
CA ILE D 200 4.72 -6.49 16.20
C ILE D 200 5.65 -5.27 16.08
N VAL D 201 6.89 -5.53 15.67
CA VAL D 201 7.87 -4.45 15.55
C VAL D 201 7.41 -3.43 14.53
N ASN D 202 6.99 -3.92 13.37
CA ASN D 202 6.49 -3.05 12.30
C ASN D 202 5.23 -2.30 12.69
N GLN D 203 4.35 -2.94 13.47
CA GLN D 203 3.13 -2.30 13.94
C GLN D 203 3.43 -1.16 14.92
N ILE D 204 4.43 -1.36 15.78
CA ILE D 204 4.84 -0.37 16.76
C ILE D 204 5.46 0.84 16.06
N ASN D 205 6.32 0.56 15.08
CA ASN D 205 7.01 1.60 14.32
C ASN D 205 6.07 2.52 13.56
N ALA D 206 4.83 2.10 13.35
CA ALA D 206 3.88 2.92 12.62
C ALA D 206 2.76 3.45 13.50
N ASN D 207 2.40 2.70 14.54
CA ASN D 207 1.23 3.04 15.29
C ASN D 207 1.52 3.57 16.68
N ASN D 208 2.77 3.51 17.13
CA ASN D 208 3.12 4.02 18.46
C ASN D 208 4.43 4.82 18.44
N MET D 209 4.61 5.59 17.38
CA MET D 209 5.84 6.33 17.22
C MET D 209 5.95 7.32 18.35
N GLU D 210 4.79 7.77 18.84
CA GLU D 210 4.69 8.71 19.95
C GLU D 210 5.32 8.11 21.21
N ASP D 211 5.17 6.81 21.40
CA ASP D 211 5.78 6.13 22.54
C ASP D 211 7.26 5.81 22.33
N ILE D 212 7.66 5.55 21.10
CA ILE D 212 9.06 5.24 20.80
C ILE D 212 9.98 6.45 21.08
N PHE D 213 9.56 7.63 20.64
CA PHE D 213 10.30 8.86 20.93
C PHE D 213 10.28 9.13 22.44
N ARG D 214 9.13 8.85 23.04
CA ARG D 214 8.94 9.07 24.47
C ARG D 214 9.79 8.11 25.29
N PHE D 215 10.05 6.91 24.77
CA PHE D 215 10.90 5.95 25.47
C PHE D 215 12.35 6.41 25.47
N CYS D 216 12.68 7.26 24.49
CA CYS D 216 14.04 7.75 24.37
C CYS D 216 14.33 8.90 25.33
N ASN D 217 13.27 9.43 25.95
CA ASN D 217 13.41 10.57 26.84
C ASN D 217 13.39 10.16 28.30
N VAL D 218 12.68 9.08 28.60
CA VAL D 218 12.45 8.68 29.99
C VAL D 218 13.10 7.36 30.41
N TYR D 219 13.53 6.55 29.44
CA TYR D 219 14.12 5.25 29.76
C TYR D 219 15.62 5.22 29.47
N VAL D 220 16.08 6.13 28.63
CA VAL D 220 17.50 6.19 28.30
C VAL D 220 18.08 7.59 28.52
N ASP D 221 19.29 7.65 29.05
CA ASP D 221 19.97 8.91 29.30
C ASP D 221 20.86 9.31 28.13
N LEU D 222 20.29 10.01 27.17
CA LEU D 222 21.03 10.44 26.00
C LEU D 222 21.53 11.88 26.14
N ASP D 223 22.55 12.23 25.35
CA ASP D 223 23.05 13.61 25.28
C ASP D 223 22.77 14.34 23.93
N PHE D 224 21.67 14.00 23.26
CA PHE D 224 21.40 14.62 21.97
C PHE D 224 19.91 14.64 21.64
N VAL D 225 19.55 15.37 20.60
CA VAL D 225 18.16 15.51 20.23
C VAL D 225 17.76 14.39 19.30
N VAL D 226 16.56 13.86 19.48
CA VAL D 226 16.10 12.74 18.66
C VAL D 226 15.53 13.21 17.33
N SER D 227 16.15 12.73 16.24
CA SER D 227 15.69 13.04 14.89
C SER D 227 14.69 11.99 14.43
N GLU D 228 15.13 10.73 14.39
CA GLU D 228 14.28 9.60 14.03
C GLU D 228 14.66 8.38 14.87
N THR D 229 13.68 7.57 15.28
CA THR D 229 13.95 6.37 16.05
C THR D 229 12.97 5.26 15.72
N LYS D 230 13.51 4.20 15.14
CA LYS D 230 12.71 3.04 14.79
C LYS D 230 13.03 1.89 15.73
N MET D 231 12.12 0.92 15.80
CA MET D 231 12.33 -0.24 16.62
C MET D 231 12.90 -1.39 15.78
N ILE D 232 13.95 -2.03 16.30
CA ILE D 232 14.65 -3.07 15.56
C ILE D 232 14.03 -4.45 15.78
N TRP D 233 14.01 -4.90 17.03
CA TRP D 233 13.57 -6.25 17.33
C TRP D 233 12.92 -6.34 18.70
N MET D 234 12.37 -7.51 19.01
CA MET D 234 11.79 -7.76 20.31
C MET D 234 11.84 -9.24 20.70
N ASP D 235 12.33 -9.53 21.91
CA ASP D 235 12.31 -10.90 22.44
C ASP D 235 11.76 -10.96 23.88
N ARG D 236 11.81 -12.14 24.48
CA ARG D 236 11.23 -12.38 25.81
C ARG D 236 11.71 -11.41 26.91
N LEU D 237 12.92 -10.86 26.77
CA LEU D 237 13.49 -10.03 27.81
C LEU D 237 13.31 -8.53 27.58
N GLY D 238 13.09 -8.15 26.33
CA GLY D 238 12.88 -6.75 26.01
C GLY D 238 12.93 -6.44 24.53
N PHE D 239 13.37 -5.24 24.19
CA PHE D 239 13.38 -4.81 22.79
C PHE D 239 14.46 -3.76 22.54
N ASP D 240 14.91 -3.67 21.31
CA ASP D 240 15.98 -2.75 20.95
C ASP D 240 15.44 -1.59 20.16
N LEU D 241 16.06 -0.41 20.31
CA LEU D 241 15.73 0.76 19.50
C LEU D 241 16.95 1.35 18.79
N ARG D 242 16.74 1.91 17.59
CA ARG D 242 17.80 2.64 16.91
C ARG D 242 17.47 4.13 16.83
N VAL D 243 18.30 4.94 17.50
CA VAL D 243 18.05 6.37 17.60
C VAL D 243 18.96 7.13 16.65
N TRP D 244 18.37 8.01 15.83
CA TRP D 244 19.15 8.88 14.95
C TRP D 244 19.24 10.29 15.51
N SER D 245 20.33 10.98 15.17
CA SER D 245 20.57 12.33 15.66
C SER D 245 21.53 13.06 14.73
N PRO D 246 21.56 14.40 14.79
CA PRO D 246 22.54 15.16 14.01
C PRO D 246 23.98 14.79 14.37
N ARG D 247 24.18 14.24 15.56
CA ARG D 247 25.51 13.80 15.95
C ARG D 247 25.88 12.42 15.39
N GLY D 248 24.98 11.45 15.51
CA GLY D 248 25.30 10.09 15.09
C GLY D 248 24.18 9.12 15.39
N VAL D 249 24.43 7.84 15.17
CA VAL D 249 23.39 6.81 15.34
C VAL D 249 23.79 5.62 16.21
N TYR D 250 22.97 5.28 17.21
CA TYR D 250 23.28 4.19 18.13
C TYR D 250 22.12 3.22 18.35
N ASP D 251 22.42 2.06 18.92
CA ASP D 251 21.39 1.09 19.28
C ASP D 251 21.31 0.86 20.79
N VAL D 252 20.10 1.04 21.35
CA VAL D 252 19.87 0.82 22.78
C VAL D 252 18.96 -0.38 23.06
N ARG D 253 19.20 -1.04 24.19
CA ARG D 253 18.40 -2.19 24.60
C ARG D 253 17.61 -1.89 25.85
N ILE D 254 16.32 -1.64 25.69
CA ILE D 254 15.45 -1.35 26.83
C ILE D 254 14.78 -2.64 27.29
N PRO D 255 14.92 -2.97 28.59
CA PRO D 255 14.34 -4.21 29.13
C PRO D 255 12.88 -4.11 29.55
N PHE D 256 12.20 -5.24 29.51
CA PHE D 256 10.86 -5.37 30.06
C PHE D 256 10.94 -5.41 31.59
N PRO D 257 9.86 -4.95 32.26
CA PRO D 257 9.80 -5.03 33.72
C PRO D 257 9.99 -6.46 34.20
N MET D 258 9.30 -7.39 33.56
CA MET D 258 9.48 -8.80 33.85
C MET D 258 9.46 -9.57 32.53
N GLU D 259 9.98 -10.79 32.55
CA GLU D 259 10.09 -11.61 31.36
C GLU D 259 8.72 -11.88 30.73
N VAL D 260 8.67 -11.91 29.41
CA VAL D 260 7.43 -12.13 28.68
C VAL D 260 7.37 -13.56 28.15
N THR D 261 6.19 -14.16 28.19
CA THR D 261 6.08 -15.52 27.73
C THR D 261 5.34 -15.65 26.42
N ASP D 262 4.38 -14.76 26.15
CA ASP D 262 3.57 -14.92 24.95
C ASP D 262 3.27 -13.59 24.31
N GLU D 263 2.44 -13.58 23.27
CA GLU D 263 2.16 -12.34 22.53
C GLU D 263 1.38 -11.32 23.35
N LYS D 264 0.40 -11.80 24.10
CA LYS D 264 -0.43 -10.96 24.94
C LYS D 264 0.39 -10.29 26.05
N GLY D 265 1.41 -11.00 26.50
CA GLY D 265 2.29 -10.49 27.54
C GLY D 265 3.14 -9.34 27.04
N ALA D 266 3.61 -9.44 25.80
CA ALA D 266 4.49 -8.41 25.25
C ALA D 266 3.71 -7.13 25.02
N LYS D 267 2.49 -7.26 24.51
CA LYS D 267 1.63 -6.11 24.28
C LYS D 267 1.25 -5.46 25.60
N SER D 268 0.99 -6.29 26.62
CA SER D 268 0.65 -5.77 27.94
C SER D 268 1.84 -5.08 28.59
N SER D 269 3.04 -5.61 28.38
CA SER D 269 4.26 -5.00 28.91
C SER D 269 4.53 -3.67 28.21
N PHE D 270 4.34 -3.63 26.90
N PHE D 270 4.32 -3.63 26.90
CA PHE D 270 4.54 -2.42 26.12
CA PHE D 270 4.54 -2.41 26.12
C PHE D 270 3.54 -1.33 26.51
C PHE D 270 3.54 -1.33 26.51
N ASN D 271 2.28 -1.71 26.70
CA ASN D 271 1.25 -0.76 27.12
C ASN D 271 1.49 -0.21 28.52
N GLY D 272 2.14 -1.01 29.37
CA GLY D 272 2.50 -0.61 30.71
C GLY D 272 3.64 0.39 30.69
N MET D 273 4.63 0.13 29.85
CA MET D 273 5.76 1.04 29.70
C MET D 273 5.36 2.33 29.02
N SER D 274 4.43 2.23 28.07
CA SER D 274 3.93 3.41 27.36
C SER D 274 3.17 4.34 28.30
N GLN D 275 2.47 3.75 29.27
CA GLN D 275 1.67 4.52 30.22
C GLN D 275 2.55 5.26 31.20
N LEU D 276 3.53 4.54 31.77
CA LEU D 276 4.47 5.14 32.71
C LEU D 276 5.29 6.22 32.04
N ALA D 277 5.77 5.94 30.83
CA ALA D 277 6.55 6.91 30.06
C ALA D 277 5.73 8.18 29.80
N TRP D 278 4.42 8.01 29.65
CA TRP D 278 3.52 9.12 29.42
C TRP D 278 3.29 9.92 30.71
N GLU D 279 3.14 9.21 31.82
CA GLU D 279 2.92 9.85 33.11
C GLU D 279 4.15 10.63 33.56
N VAL D 280 5.33 10.14 33.17
CA VAL D 280 6.58 10.81 33.53
C VAL D 280 6.72 12.14 32.77
N GLU D 281 6.56 12.09 31.46
CA GLU D 281 6.66 13.27 30.63
C GLU D 281 5.58 14.30 30.96
N LYS D 282 4.39 13.82 31.28
CA LYS D 282 3.28 14.68 31.66
C LYS D 282 3.38 15.10 33.14
N SER D 283 4.34 14.48 33.83
CA SER D 283 4.59 14.74 35.25
C SER D 283 3.40 14.39 36.16
N TYR D 284 2.93 13.15 36.09
CA TYR D 284 1.90 12.67 37.01
C TYR D 284 2.50 11.70 38.05
N CYS D 285 3.69 11.19 37.74
CA CYS D 285 4.39 10.26 38.62
C CYS D 285 5.91 10.37 38.42
N PRO D 286 6.70 10.05 39.47
CA PRO D 286 8.16 10.15 39.38
C PRO D 286 8.75 9.02 38.54
N ALA D 287 9.90 9.25 37.91
CA ALA D 287 10.55 8.18 37.16
C ALA D 287 11.52 7.49 38.08
N ASP D 288 10.97 6.67 38.97
CA ASP D 288 11.75 6.07 40.05
C ASP D 288 12.45 4.81 39.59
N PHE D 289 13.47 4.98 38.74
CA PHE D 289 14.26 3.87 38.23
C PHE D 289 15.52 4.38 37.57
N ASN D 290 16.48 3.49 37.36
CA ASN D 290 17.72 3.87 36.68
C ASN D 290 17.61 3.72 35.17
N LYS D 291 17.80 4.85 34.47
CA LYS D 291 17.69 4.89 33.02
C LYS D 291 18.80 4.07 32.37
N VAL D 292 18.56 3.62 31.14
CA VAL D 292 19.55 2.84 30.40
C VAL D 292 20.65 3.76 29.90
N LYS D 293 21.90 3.37 30.12
CA LYS D 293 23.04 4.21 29.75
C LYS D 293 23.90 3.58 28.66
N LEU D 294 23.91 2.25 28.62
CA LEU D 294 24.75 1.52 27.65
C LEU D 294 24.22 1.63 26.21
N LEU D 295 25.00 2.28 25.36
CA LEU D 295 24.66 2.44 23.96
C LEU D 295 25.61 1.59 23.15
N LYS D 296 25.50 1.68 21.83
CA LYS D 296 26.36 0.90 20.95
C LYS D 296 26.55 1.59 19.60
N GLN D 297 27.81 1.79 19.20
CA GLN D 297 28.12 2.47 17.94
C GLN D 297 27.79 1.61 16.74
N VAL D 298 27.30 2.25 15.68
CA VAL D 298 26.88 1.59 14.42
C VAL D 298 26.91 2.69 13.33
N VAL D 299 26.91 2.33 12.03
CA VAL D 299 27.51 3.21 10.97
C VAL D 299 26.70 3.82 9.77
N GLY D 300 25.37 3.90 9.86
CA GLY D 300 24.53 4.30 8.75
C GLY D 300 24.47 5.78 8.41
N GLU E 40 -51.40 38.29 -24.93
CA GLU E 40 -52.24 37.12 -24.68
C GLU E 40 -52.19 36.04 -25.78
N PRO E 41 -52.38 36.42 -27.06
CA PRO E 41 -52.40 35.35 -28.06
C PRO E 41 -51.01 34.81 -28.42
N LYS E 42 -50.05 35.70 -28.63
CA LYS E 42 -48.71 35.28 -28.99
C LYS E 42 -47.95 34.71 -27.82
N LYS E 43 -48.21 35.23 -26.62
CA LYS E 43 -47.49 34.79 -25.46
C LYS E 43 -47.90 33.36 -25.14
N GLN E 44 -49.18 33.06 -25.33
CA GLN E 44 -49.70 31.74 -25.04
C GLN E 44 -49.18 30.74 -26.06
N GLU E 45 -48.85 31.24 -27.25
CA GLU E 45 -48.28 30.38 -28.29
C GLU E 45 -46.82 30.02 -27.98
N LEU E 46 -46.12 30.94 -27.32
CA LEU E 46 -44.71 30.75 -26.96
C LEU E 46 -44.54 29.65 -25.92
N ILE E 47 -45.25 29.80 -24.80
CA ILE E 47 -45.16 28.86 -23.69
C ILE E 47 -45.56 27.45 -24.12
N SER E 48 -46.46 27.36 -25.09
CA SER E 48 -46.92 26.06 -25.59
C SER E 48 -45.79 25.26 -26.23
N LYS E 49 -45.18 25.85 -27.25
CA LYS E 49 -44.12 25.19 -28.00
C LYS E 49 -42.84 25.09 -27.17
N LEU E 50 -42.72 25.94 -26.15
CA LEU E 50 -41.55 25.94 -25.29
C LEU E 50 -41.45 24.66 -24.45
N LYS E 51 -42.52 24.36 -23.72
CA LYS E 51 -42.56 23.18 -22.86
C LYS E 51 -42.72 21.92 -23.68
N THR E 52 -43.20 22.09 -24.92
CA THR E 52 -43.37 20.95 -25.82
C THR E 52 -42.00 20.36 -26.14
N GLY E 53 -41.02 21.23 -26.37
CA GLY E 53 -39.68 20.81 -26.68
C GLY E 53 -39.01 20.08 -25.53
N LYS E 54 -39.31 20.52 -24.31
CA LYS E 54 -38.75 19.91 -23.12
C LYS E 54 -39.27 18.49 -22.99
N THR E 55 -40.51 18.29 -23.45
CA THR E 55 -41.13 16.97 -23.46
C THR E 55 -40.39 16.10 -24.44
N PHE E 56 -40.10 16.68 -25.61
CA PHE E 56 -39.35 15.99 -26.65
C PHE E 56 -37.91 15.71 -26.23
N LEU E 57 -37.31 16.60 -25.43
CA LEU E 57 -35.96 16.39 -24.92
C LEU E 57 -35.89 15.40 -23.77
N ARG E 58 -37.04 15.20 -23.13
CA ARG E 58 -37.08 14.36 -21.96
C ARG E 58 -36.80 12.94 -22.39
N ASN E 59 -37.31 12.54 -23.56
CA ASN E 59 -37.00 11.23 -24.17
C ASN E 59 -35.95 11.57 -25.21
N GLN E 60 -35.33 10.63 -25.94
CA GLN E 60 -34.14 11.01 -26.76
C GLN E 60 -34.34 11.41 -28.25
N GLU E 61 -35.33 12.26 -28.49
CA GLU E 61 -35.61 12.68 -29.84
C GLU E 61 -35.27 14.13 -29.95
N PRO E 62 -33.98 14.45 -30.14
CA PRO E 62 -33.52 15.85 -30.16
C PRO E 62 -33.87 16.60 -31.46
N GLU E 63 -33.96 15.88 -32.58
CA GLU E 63 -34.24 16.49 -33.87
C GLU E 63 -35.65 17.07 -33.89
N LYS E 64 -36.56 16.36 -33.23
CA LYS E 64 -37.94 16.83 -33.10
C LYS E 64 -38.02 17.96 -32.07
N ALA E 65 -37.02 18.02 -31.18
CA ALA E 65 -36.95 19.04 -30.14
C ALA E 65 -36.34 20.36 -30.64
N TYR E 66 -35.33 20.23 -31.50
CA TYR E 66 -34.62 21.38 -32.07
C TYR E 66 -35.60 22.27 -32.82
N THR E 67 -36.58 21.63 -33.45
CA THR E 67 -37.61 22.33 -34.22
C THR E 67 -38.51 23.16 -33.30
N GLU E 68 -38.77 22.64 -32.12
CA GLU E 68 -39.67 23.30 -31.19
C GLU E 68 -39.08 24.60 -30.65
N PHE E 69 -37.81 24.56 -30.25
CA PHE E 69 -37.16 25.74 -29.68
C PHE E 69 -36.86 26.78 -30.74
N LYS E 70 -36.68 26.30 -31.97
CA LYS E 70 -36.40 27.16 -33.13
C LYS E 70 -37.59 28.09 -33.35
N ILE E 71 -38.79 27.55 -33.21
CA ILE E 71 -40.00 28.36 -33.26
C ILE E 71 -40.08 29.27 -32.03
N ALA E 72 -39.78 28.70 -30.86
CA ALA E 72 -39.86 29.41 -29.59
C ALA E 72 -38.94 30.62 -29.58
N LEU E 73 -37.77 30.47 -30.20
CA LEU E 73 -36.82 31.56 -30.26
C LEU E 73 -37.34 32.64 -31.18
N GLU E 74 -37.91 32.25 -32.32
CA GLU E 74 -38.45 33.20 -33.28
C GLU E 74 -39.64 33.96 -32.69
N LEU E 75 -40.41 33.27 -31.86
CA LEU E 75 -41.59 33.88 -31.27
C LEU E 75 -41.16 34.80 -30.14
N ALA E 76 -40.10 34.40 -29.43
CA ALA E 76 -39.57 35.18 -28.31
C ALA E 76 -38.95 36.49 -28.77
N GLN E 77 -38.32 36.46 -29.94
CA GLN E 77 -37.65 37.64 -30.48
C GLN E 77 -38.65 38.68 -30.97
N SER E 78 -39.75 38.22 -31.57
CA SER E 78 -40.79 39.12 -32.05
C SER E 78 -41.54 39.76 -30.89
N LEU E 79 -41.64 39.01 -29.79
CA LEU E 79 -42.31 39.49 -28.58
C LEU E 79 -41.40 40.40 -27.77
N LYS E 80 -40.13 40.47 -28.17
CA LYS E 80 -39.13 41.32 -27.51
C LYS E 80 -39.01 41.03 -26.02
N ASP E 81 -38.94 39.74 -25.69
CA ASP E 81 -38.78 39.33 -24.31
C ASP E 81 -37.46 38.61 -24.17
N PRO E 82 -36.47 39.31 -23.61
CA PRO E 82 -35.11 38.82 -23.37
C PRO E 82 -35.12 37.58 -22.49
N THR E 83 -35.99 37.56 -21.49
CA THR E 83 -36.04 36.44 -20.55
C THR E 83 -36.47 35.17 -21.24
N GLU E 84 -37.53 35.25 -22.03
CA GLU E 84 -38.05 34.09 -22.76
C GLU E 84 -37.15 33.71 -23.92
N GLU E 85 -36.41 34.69 -24.45
CA GLU E 85 -35.53 34.45 -25.58
C GLU E 85 -34.35 33.55 -25.22
N LYS E 86 -33.75 33.79 -24.06
CA LYS E 86 -32.62 32.99 -23.57
C LYS E 86 -33.04 31.60 -23.10
N LYS E 87 -34.33 31.44 -22.77
CA LYS E 87 -34.90 30.15 -22.41
C LYS E 87 -34.94 29.24 -23.63
N ALA E 88 -35.45 29.77 -24.74
CA ALA E 88 -35.52 29.04 -26.00
C ALA E 88 -34.12 28.74 -26.54
N ALA E 89 -33.21 29.69 -26.34
CA ALA E 89 -31.83 29.58 -26.79
C ALA E 89 -31.12 28.41 -26.10
N ARG E 90 -31.44 28.22 -24.82
CA ARG E 90 -30.87 27.11 -24.06
C ARG E 90 -31.34 25.76 -24.59
N GLY E 91 -32.58 25.69 -25.04
CA GLY E 91 -33.10 24.44 -25.55
C GLY E 91 -32.43 24.00 -26.83
N LEU E 92 -32.13 25.00 -27.68
CA LEU E 92 -31.47 24.78 -28.96
C LEU E 92 -30.08 24.19 -28.74
N GLY E 93 -29.34 24.76 -27.79
CA GLY E 93 -28.03 24.26 -27.45
C GLY E 93 -28.06 22.84 -26.89
N ALA E 94 -29.01 22.57 -26.00
CA ALA E 94 -29.12 21.25 -25.37
C ALA E 94 -29.44 20.18 -26.40
N SER E 95 -30.30 20.55 -27.34
CA SER E 95 -30.73 19.64 -28.38
C SER E 95 -29.58 19.29 -29.33
N LEU E 96 -28.67 20.24 -29.54
CA LEU E 96 -27.55 19.99 -30.43
C LEU E 96 -26.55 19.05 -29.76
N GLN E 97 -26.50 19.13 -28.44
CA GLN E 97 -25.61 18.28 -27.66
C GLN E 97 -26.04 16.83 -27.75
N ARG E 98 -27.34 16.61 -27.94
CA ARG E 98 -27.86 15.25 -27.99
C ARG E 98 -27.61 14.63 -29.36
N GLN E 99 -27.38 15.48 -30.36
CA GLN E 99 -27.13 15.02 -31.72
C GLN E 99 -25.63 14.82 -31.99
N GLY E 100 -24.81 15.20 -31.01
CA GLY E 100 -23.37 15.10 -31.15
C GLY E 100 -22.79 16.36 -31.73
N LYS E 101 -23.67 17.32 -32.02
CA LYS E 101 -23.27 18.61 -32.58
C LYS E 101 -22.89 19.57 -31.47
N TYR E 102 -21.77 19.30 -30.81
CA TYR E 102 -21.36 20.05 -29.62
C TYR E 102 -20.84 21.45 -29.97
N ARG E 103 -20.01 21.54 -31.02
CA ARG E 103 -19.44 22.82 -31.43
C ARG E 103 -20.52 23.80 -31.91
N GLU E 104 -21.58 23.27 -32.52
CA GLU E 104 -22.71 24.08 -32.92
CA GLU E 104 -22.70 24.10 -32.92
C GLU E 104 -23.53 24.52 -31.71
N ALA E 105 -23.50 23.69 -30.66
CA ALA E 105 -24.25 24.00 -29.45
C ALA E 105 -23.64 25.15 -28.64
N ILE E 106 -22.32 25.24 -28.64
CA ILE E 106 -21.61 26.28 -27.91
C ILE E 106 -22.02 27.67 -28.38
N GLN E 107 -22.31 27.79 -29.66
CA GLN E 107 -22.72 29.07 -30.26
C GLN E 107 -23.98 29.60 -29.62
N TYR E 108 -24.93 28.70 -29.34
CA TYR E 108 -26.21 29.08 -28.74
C TYR E 108 -26.12 29.26 -27.23
N HIS E 109 -25.20 28.54 -26.60
CA HIS E 109 -24.98 28.73 -25.18
C HIS E 109 -24.25 30.04 -24.93
N SER E 110 -23.59 30.56 -25.96
CA SER E 110 -22.88 31.82 -25.81
C SER E 110 -23.85 32.97 -26.04
N MET E 111 -24.97 32.66 -26.68
CA MET E 111 -26.01 33.65 -26.95
C MET E 111 -26.71 34.09 -25.66
N VAL E 112 -26.96 33.12 -24.78
CA VAL E 112 -27.61 33.41 -23.51
C VAL E 112 -26.71 34.25 -22.60
N LEU E 113 -25.40 34.19 -22.84
CA LEU E 113 -24.48 35.06 -22.14
C LEU E 113 -24.56 36.48 -22.68
N ALA E 114 -24.72 36.61 -23.99
CA ALA E 114 -24.75 37.92 -24.62
C ALA E 114 -26.03 38.65 -24.25
N ILE E 115 -27.13 37.90 -24.20
CA ILE E 115 -28.42 38.46 -23.81
C ILE E 115 -28.38 38.94 -22.37
N SER E 116 -27.78 38.14 -21.50
CA SER E 116 -27.70 38.45 -20.08
C SER E 116 -26.81 39.65 -19.81
N LYS E 117 -25.71 39.73 -20.54
CA LYS E 117 -24.79 40.86 -20.41
C LYS E 117 -25.42 42.15 -20.96
N ARG E 118 -26.22 42.02 -22.01
CA ARG E 118 -26.86 43.20 -22.57
C ARG E 118 -27.98 43.69 -21.67
N GLU E 119 -28.62 42.78 -20.95
CA GLU E 119 -29.78 43.14 -20.14
C GLU E 119 -29.33 43.34 -18.71
N SER E 120 -28.06 43.07 -18.46
CA SER E 120 -27.47 43.16 -17.12
C SER E 120 -28.22 42.34 -16.07
N GLU E 121 -28.79 41.19 -16.46
CA GLU E 121 -29.47 40.25 -15.53
C GLU E 121 -28.74 38.89 -15.42
N ASP E 122 -28.42 38.51 -14.21
CA ASP E 122 -27.56 37.37 -14.05
C ASP E 122 -28.31 36.08 -14.08
N SER E 123 -29.48 36.01 -14.76
CA SER E 123 -30.31 34.78 -14.76
C SER E 123 -30.08 33.80 -15.93
N GLY E 124 -29.37 32.71 -15.63
CA GLY E 124 -28.95 31.70 -16.61
C GLY E 124 -27.47 31.74 -17.01
N ILE E 125 -26.72 32.69 -16.44
CA ILE E 125 -25.28 32.80 -16.72
C ILE E 125 -24.51 31.60 -16.15
N THR E 126 -24.87 31.21 -14.92
CA THR E 126 -24.22 30.09 -14.25
C THR E 126 -24.41 28.80 -15.05
N GLU E 127 -25.60 28.62 -15.61
CA GLU E 127 -25.89 27.45 -16.42
C GLU E 127 -25.15 27.48 -17.75
N ALA E 128 -24.98 28.68 -18.29
CA ALA E 128 -24.30 28.85 -19.56
C ALA E 128 -22.86 28.36 -19.52
N TYR E 129 -22.09 28.85 -18.55
CA TYR E 129 -20.70 28.45 -18.41
C TYR E 129 -20.57 26.94 -18.14
N GLY E 130 -21.57 26.39 -17.46
CA GLY E 130 -21.60 24.98 -17.18
C GLY E 130 -21.91 24.17 -18.42
N ALA E 131 -22.89 24.62 -19.19
CA ALA E 131 -23.29 23.95 -20.42
C ALA E 131 -22.16 23.93 -21.45
N ILE E 132 -21.46 25.06 -21.56
CA ILE E 132 -20.35 25.20 -22.49
C ILE E 132 -19.25 24.21 -22.11
N ALA E 133 -18.98 24.11 -20.81
CA ALA E 133 -17.98 23.20 -20.30
C ALA E 133 -18.39 21.74 -20.55
N ASP E 134 -19.69 21.49 -20.55
CA ASP E 134 -20.21 20.16 -20.85
C ASP E 134 -19.93 19.79 -22.30
N CYS E 135 -20.03 20.80 -23.17
CA CYS E 135 -19.82 20.59 -24.59
C CYS E 135 -18.35 20.32 -24.87
N TYR E 136 -17.49 21.12 -24.26
CA TYR E 136 -16.05 20.96 -24.40
C TYR E 136 -15.57 19.62 -23.84
N THR E 137 -16.26 19.13 -22.82
CA THR E 137 -15.92 17.85 -22.22
C THR E 137 -16.20 16.72 -23.21
N GLU E 138 -17.24 16.87 -23.99
CA GLU E 138 -17.58 15.83 -24.95
C GLU E 138 -16.71 15.91 -26.19
N LEU E 139 -16.07 17.05 -26.40
CA LEU E 139 -15.23 17.22 -27.58
C LEU E 139 -13.87 16.62 -27.30
N GLY E 140 -13.67 16.20 -26.05
CA GLY E 140 -12.42 15.58 -25.64
C GLY E 140 -11.36 16.58 -25.19
N ASP E 141 -11.76 17.85 -25.10
CA ASP E 141 -10.85 18.90 -24.67
C ASP E 141 -11.15 19.24 -23.22
N LEU E 142 -10.45 18.57 -22.31
CA LEU E 142 -10.78 18.69 -20.90
C LEU E 142 -10.13 19.89 -20.24
N GLU E 143 -9.05 20.38 -20.81
CA GLU E 143 -8.31 21.47 -20.18
C GLU E 143 -9.11 22.73 -20.32
N LYS E 144 -9.61 22.92 -21.54
CA LYS E 144 -10.47 24.05 -21.88
C LYS E 144 -11.78 23.96 -21.10
N ALA E 145 -12.34 22.76 -21.00
CA ALA E 145 -13.58 22.56 -20.26
C ALA E 145 -13.44 22.88 -18.79
N GLY E 146 -12.29 22.51 -18.23
CA GLY E 146 -11.99 22.72 -16.83
C GLY E 146 -11.95 24.19 -16.46
N LYS E 147 -11.43 25.01 -17.37
CA LYS E 147 -11.37 26.46 -17.16
C LYS E 147 -12.77 27.06 -17.13
N PHE E 148 -13.66 26.53 -17.95
CA PHE E 148 -15.05 26.99 -17.92
C PHE E 148 -15.79 26.49 -16.70
N TYR E 149 -15.41 25.32 -16.21
CA TYR E 149 -16.04 24.78 -15.02
C TYR E 149 -15.58 25.60 -13.85
N ASP E 150 -14.30 25.98 -13.89
CA ASP E 150 -13.72 26.82 -12.84
C ASP E 150 -14.48 28.13 -12.70
N THR E 151 -14.96 28.67 -13.81
CA THR E 151 -15.81 29.85 -13.76
C THR E 151 -17.18 29.46 -13.21
N TYR E 152 -17.68 28.31 -13.63
CA TYR E 152 -18.96 27.79 -13.19
C TYR E 152 -19.02 27.55 -11.69
N ILE E 153 -17.92 27.04 -11.12
CA ILE E 153 -17.88 26.75 -9.70
C ILE E 153 -17.93 28.04 -8.90
N ALA E 154 -17.26 29.07 -9.40
CA ALA E 154 -17.20 30.34 -8.70
C ALA E 154 -18.55 31.06 -8.67
N ARG E 155 -19.46 30.65 -9.56
CA ARG E 155 -20.76 31.31 -9.65
C ARG E 155 -21.82 30.59 -8.84
N LEU E 156 -21.50 29.39 -8.37
CA LEU E 156 -22.39 28.60 -7.53
C LEU E 156 -22.59 29.19 -6.14
N GLU E 157 -21.78 30.18 -5.79
CA GLU E 157 -21.79 30.74 -4.43
C GLU E 157 -23.12 31.29 -3.88
N THR E 158 -23.83 32.20 -4.56
CA THR E 158 -23.51 32.71 -5.89
C THR E 158 -22.73 34.02 -5.79
N LYS F 42 -56.38 36.21 18.15
CA LYS F 42 -55.56 35.19 18.80
C LYS F 42 -54.83 34.32 17.78
N LYS F 43 -55.42 34.17 16.60
CA LYS F 43 -54.83 33.35 15.53
C LYS F 43 -53.53 33.99 15.00
N GLN F 44 -53.47 35.33 15.02
CA GLN F 44 -52.28 36.07 14.63
C GLN F 44 -51.14 35.93 15.66
N GLU F 45 -51.52 35.66 16.91
CA GLU F 45 -50.55 35.49 18.00
C GLU F 45 -49.75 34.20 17.84
N LEU F 46 -50.35 33.22 17.19
CA LEU F 46 -49.70 31.94 16.96
C LEU F 46 -48.49 32.11 16.04
N ILE F 47 -48.74 32.58 14.81
CA ILE F 47 -47.68 32.73 13.82
C ILE F 47 -46.62 33.74 14.27
N SER F 48 -47.06 34.70 15.07
CA SER F 48 -46.19 35.74 15.60
C SER F 48 -45.08 35.14 16.44
N LYS F 49 -45.45 34.43 17.51
CA LYS F 49 -44.47 33.83 18.41
C LYS F 49 -43.79 32.61 17.79
N LEU F 50 -44.43 32.03 16.78
CA LEU F 50 -43.91 30.86 16.09
C LEU F 50 -42.62 31.22 15.36
N LYS F 51 -42.68 32.28 14.55
CA LYS F 51 -41.50 32.76 13.83
C LYS F 51 -40.55 33.51 14.77
N THR F 52 -41.08 33.97 15.90
CA THR F 52 -40.27 34.66 16.91
C THR F 52 -39.29 33.68 17.56
N GLY F 53 -39.74 32.47 17.80
CA GLY F 53 -38.92 31.43 18.41
C GLY F 53 -37.74 31.03 17.55
N LYS F 54 -37.94 31.01 16.24
CA LYS F 54 -36.89 30.67 15.28
C LYS F 54 -35.77 31.71 15.25
N THR F 55 -36.12 32.95 15.57
CA THR F 55 -35.14 34.04 15.65
C THR F 55 -34.12 33.83 16.77
N PHE F 56 -34.61 33.42 17.93
CA PHE F 56 -33.74 33.17 19.08
C PHE F 56 -32.84 31.96 18.82
N LEU F 57 -33.36 31.01 18.04
CA LEU F 57 -32.63 29.82 17.65
C LEU F 57 -31.57 30.19 16.62
N ARG F 58 -31.79 31.30 15.94
CA ARG F 58 -30.83 31.86 14.98
C ARG F 58 -29.67 32.59 15.69
N ASN F 59 -29.99 33.20 16.83
CA ASN F 59 -29.01 33.88 17.68
C ASN F 59 -28.56 33.11 18.94
N GLN F 60 -28.53 31.79 18.84
CA GLN F 60 -28.23 30.94 20.00
C GLN F 60 -28.72 31.38 21.38
N GLU F 61 -30.01 31.70 21.50
CA GLU F 61 -30.62 31.89 22.84
C GLU F 61 -31.75 30.86 23.06
N PRO F 62 -31.40 29.61 23.43
CA PRO F 62 -32.35 28.51 23.50
C PRO F 62 -33.34 28.66 24.65
N GLU F 63 -32.94 29.35 25.72
CA GLU F 63 -33.83 29.54 26.85
C GLU F 63 -34.99 30.48 26.51
N LYS F 64 -34.72 31.58 25.81
CA LYS F 64 -35.78 32.50 25.43
C LYS F 64 -36.58 31.92 24.27
N ALA F 65 -35.96 31.01 23.54
CA ALA F 65 -36.59 30.36 22.41
C ALA F 65 -37.55 29.29 22.90
N TYR F 66 -37.13 28.56 23.93
CA TYR F 66 -37.95 27.50 24.51
C TYR F 66 -39.28 28.04 25.05
N THR F 67 -39.26 29.22 25.65
CA THR F 67 -40.46 29.79 26.24
C THR F 67 -41.50 30.13 25.19
N GLU F 68 -41.04 30.66 24.06
CA GLU F 68 -41.92 31.12 22.98
C GLU F 68 -42.63 29.98 22.27
N PHE F 69 -41.91 28.88 22.04
CA PHE F 69 -42.52 27.71 21.41
C PHE F 69 -43.54 27.05 22.35
N LYS F 70 -43.35 27.20 23.66
CA LYS F 70 -44.31 26.67 24.61
C LYS F 70 -45.67 27.37 24.46
N ILE F 71 -45.61 28.69 24.37
CA ILE F 71 -46.80 29.52 24.20
C ILE F 71 -47.44 29.24 22.86
N ALA F 72 -46.60 29.08 21.84
CA ALA F 72 -47.03 28.77 20.49
C ALA F 72 -47.78 27.45 20.44
N LEU F 73 -47.33 26.47 21.23
CA LEU F 73 -47.99 25.17 21.33
C LEU F 73 -49.33 25.30 22.07
N GLU F 74 -49.33 26.15 23.09
CA GLU F 74 -50.53 26.41 23.89
C GLU F 74 -51.63 27.03 23.02
N LEU F 75 -51.23 27.81 22.03
CA LEU F 75 -52.16 28.40 21.06
C LEU F 75 -52.53 27.43 19.92
N ALA F 76 -51.55 26.63 19.51
CA ALA F 76 -51.76 25.70 18.40
C ALA F 76 -52.76 24.61 18.78
N GLN F 77 -52.70 24.18 20.04
CA GLN F 77 -53.61 23.18 20.54
C GLN F 77 -54.99 23.79 20.77
N SER F 78 -54.99 25.04 21.22
CA SER F 78 -56.24 25.74 21.50
C SER F 78 -57.00 26.05 20.22
N LEU F 79 -56.29 26.33 19.13
CA LEU F 79 -56.93 26.60 17.84
C LEU F 79 -57.26 25.30 17.10
N LYS F 80 -56.77 24.19 17.64
CA LYS F 80 -57.01 22.86 17.09
C LYS F 80 -56.58 22.71 15.64
N ASP F 81 -55.33 23.06 15.33
CA ASP F 81 -54.77 22.88 13.99
C ASP F 81 -53.59 21.91 14.00
N PRO F 82 -53.77 20.68 13.48
CA PRO F 82 -52.73 19.64 13.49
C PRO F 82 -51.40 20.09 12.87
N THR F 83 -51.47 20.89 11.81
CA THR F 83 -50.29 21.42 11.14
C THR F 83 -49.51 22.39 12.02
N GLU F 84 -50.21 23.31 12.67
CA GLU F 84 -49.55 24.30 13.53
C GLU F 84 -49.01 23.66 14.82
N GLU F 85 -49.63 22.55 15.24
CA GLU F 85 -49.20 21.86 16.45
C GLU F 85 -47.83 21.23 16.26
N LYS F 86 -47.60 20.65 15.10
CA LYS F 86 -46.32 20.01 14.84
C LYS F 86 -45.20 21.04 14.75
N LYS F 87 -45.55 22.27 14.40
CA LYS F 87 -44.55 23.31 14.24
C LYS F 87 -43.89 23.68 15.55
N ALA F 88 -44.73 23.99 16.54
CA ALA F 88 -44.27 24.38 17.86
C ALA F 88 -43.58 23.21 18.56
N ALA F 89 -44.10 22.02 18.33
CA ALA F 89 -43.52 20.81 18.93
C ALA F 89 -42.12 20.53 18.40
N ARG F 90 -41.93 20.67 17.09
CA ARG F 90 -40.62 20.46 16.47
C ARG F 90 -39.65 21.55 16.91
N GLY F 91 -40.20 22.74 17.12
CA GLY F 91 -39.43 23.88 17.60
C GLY F 91 -38.96 23.69 19.03
N LEU F 92 -39.82 23.11 19.86
CA LEU F 92 -39.48 22.85 21.25
C LEU F 92 -38.31 21.87 21.37
N GLY F 93 -38.39 20.77 20.63
CA GLY F 93 -37.36 19.74 20.66
C GLY F 93 -36.01 20.27 20.23
N ALA F 94 -36.04 21.09 19.19
CA ALA F 94 -34.83 21.70 18.64
C ALA F 94 -34.18 22.65 19.65
N SER F 95 -35.01 23.41 20.37
CA SER F 95 -34.53 24.37 21.38
C SER F 95 -33.92 23.67 22.59
N LEU F 96 -34.41 22.46 22.87
CA LEU F 96 -33.90 21.64 23.96
C LEU F 96 -32.55 20.99 23.63
N GLN F 97 -32.30 20.72 22.35
CA GLN F 97 -31.05 20.10 21.92
C GLN F 97 -29.85 21.02 22.17
N ARG F 98 -30.11 22.33 22.12
CA ARG F 98 -29.07 23.33 22.32
C ARG F 98 -28.78 23.56 23.80
N GLN F 99 -29.72 23.15 24.65
CA GLN F 99 -29.53 23.26 26.09
C GLN F 99 -28.87 21.99 26.62
N GLY F 100 -28.71 21.00 25.75
CA GLY F 100 -28.11 19.73 26.13
C GLY F 100 -29.13 18.72 26.62
N LYS F 101 -30.40 19.14 26.62
CA LYS F 101 -31.48 18.28 27.08
C LYS F 101 -31.98 17.41 25.94
N TYR F 102 -31.15 16.45 25.53
CA TYR F 102 -31.45 15.61 24.38
C TYR F 102 -32.57 14.60 24.67
N ARG F 103 -32.51 13.98 25.85
CA ARG F 103 -33.51 12.97 26.22
C ARG F 103 -34.92 13.56 26.31
N GLU F 104 -35.01 14.81 26.77
CA GLU F 104 -36.29 15.47 26.91
C GLU F 104 -36.84 15.85 25.53
N ALA F 105 -35.91 16.17 24.62
CA ALA F 105 -36.25 16.66 23.30
C ALA F 105 -36.90 15.57 22.45
N ILE F 106 -36.50 14.33 22.69
CA ILE F 106 -37.03 13.20 21.95
C ILE F 106 -38.54 13.07 22.13
N GLN F 107 -39.01 13.41 23.32
CA GLN F 107 -40.43 13.32 23.65
C GLN F 107 -41.28 14.23 22.76
N TYR F 108 -40.76 15.42 22.49
CA TYR F 108 -41.49 16.40 21.68
C TYR F 108 -41.35 16.07 20.20
N HIS F 109 -40.24 15.45 19.83
CA HIS F 109 -40.03 14.98 18.46
C HIS F 109 -40.86 13.73 18.19
N SER F 110 -41.29 13.09 19.27
CA SER F 110 -42.16 11.91 19.21
C SER F 110 -43.63 12.32 19.17
N MET F 111 -43.91 13.55 19.55
CA MET F 111 -45.28 14.06 19.48
C MET F 111 -45.71 14.24 18.03
N VAL F 112 -44.80 14.79 17.23
CA VAL F 112 -45.10 15.09 15.83
C VAL F 112 -45.29 13.81 15.02
N LEU F 113 -44.72 12.72 15.52
CA LEU F 113 -44.95 11.39 14.96
C LEU F 113 -46.35 10.92 15.30
N ALA F 114 -46.80 11.26 16.50
CA ALA F 114 -48.14 10.92 16.98
C ALA F 114 -49.24 11.76 16.30
N ILE F 115 -48.96 13.04 16.09
CA ILE F 115 -49.90 13.94 15.44
C ILE F 115 -50.19 13.48 14.02
N SER F 116 -49.14 13.04 13.34
CA SER F 116 -49.27 12.57 11.97
C SER F 116 -50.08 11.28 11.87
N LYS F 117 -49.83 10.34 12.78
CA LYS F 117 -50.54 9.07 12.79
C LYS F 117 -52.01 9.24 13.16
N ARG F 118 -52.27 10.20 14.05
CA ARG F 118 -53.63 10.54 14.52
C ARG F 118 -54.42 11.28 13.45
N GLU F 119 -53.71 11.93 12.54
CA GLU F 119 -54.31 12.66 11.41
C GLU F 119 -54.16 11.93 10.06
N SER F 120 -53.46 10.79 10.07
CA SER F 120 -53.14 10.04 8.86
C SER F 120 -52.39 10.93 7.87
N GLU F 121 -51.54 11.77 8.40
CA GLU F 121 -50.83 12.73 7.60
C GLU F 121 -49.39 12.31 7.47
N ASP F 122 -48.83 12.40 6.27
CA ASP F 122 -47.41 12.12 6.03
C ASP F 122 -46.48 13.37 6.12
N SER F 123 -46.97 14.40 6.78
CA SER F 123 -46.24 15.66 6.84
C SER F 123 -45.40 15.81 8.09
N GLY F 124 -44.09 15.87 7.96
CA GLY F 124 -43.27 16.25 9.10
C GLY F 124 -42.74 15.04 9.79
N ILE F 125 -43.12 13.88 9.26
CA ILE F 125 -42.68 12.60 9.77
C ILE F 125 -41.19 12.34 9.53
N THR F 126 -40.73 12.58 8.31
CA THR F 126 -39.35 12.30 7.96
C THR F 126 -38.36 13.13 8.79
N GLU F 127 -38.70 14.39 9.01
CA GLU F 127 -37.85 15.28 9.77
C GLU F 127 -37.78 14.83 11.22
N ALA F 128 -38.87 14.25 11.70
CA ALA F 128 -38.95 13.70 13.05
C ALA F 128 -37.95 12.55 13.26
N TYR F 129 -37.99 11.58 12.36
CA TYR F 129 -37.10 10.42 12.41
C TYR F 129 -35.64 10.86 12.37
N GLY F 130 -35.36 11.95 11.68
CA GLY F 130 -34.02 12.51 11.65
C GLY F 130 -33.70 13.18 12.97
N ALA F 131 -34.64 13.97 13.46
CA ALA F 131 -34.47 14.73 14.71
C ALA F 131 -34.28 13.81 15.91
N ILE F 132 -35.04 12.72 15.95
CA ILE F 132 -34.90 11.73 17.03
C ILE F 132 -33.52 11.06 16.97
N ALA F 133 -33.12 10.69 15.76
CA ALA F 133 -31.83 10.06 15.52
C ALA F 133 -30.70 11.03 15.84
N ASP F 134 -30.98 12.32 15.64
CA ASP F 134 -30.01 13.38 15.96
C ASP F 134 -29.76 13.43 17.45
N CYS F 135 -30.79 13.16 18.24
CA CYS F 135 -30.68 13.17 19.69
C CYS F 135 -29.88 11.98 20.23
N TYR F 136 -30.16 10.80 19.70
CA TYR F 136 -29.46 9.59 20.12
C TYR F 136 -27.97 9.66 19.80
N THR F 137 -27.66 10.38 18.72
CA THR F 137 -26.29 10.57 18.28
C THR F 137 -25.52 11.45 19.29
N GLU F 138 -26.25 12.40 19.88
CA GLU F 138 -25.68 13.30 20.89
C GLU F 138 -25.57 12.63 22.26
N LEU F 139 -26.25 11.50 22.43
CA LEU F 139 -26.18 10.70 23.65
C LEU F 139 -25.04 9.67 23.65
N GLY F 140 -24.37 9.53 22.52
CA GLY F 140 -23.27 8.60 22.40
C GLY F 140 -23.75 7.20 22.05
N ASP F 141 -25.03 7.09 21.74
CA ASP F 141 -25.64 5.81 21.39
C ASP F 141 -25.85 5.66 19.89
N LEU F 142 -24.87 5.05 19.23
CA LEU F 142 -24.80 5.00 17.76
C LEU F 142 -25.63 3.89 17.11
N GLU F 143 -26.09 2.92 17.89
CA GLU F 143 -26.93 1.85 17.34
C GLU F 143 -28.44 2.21 17.19
N LYS F 144 -29.04 2.80 18.22
CA LYS F 144 -30.44 3.24 18.12
C LYS F 144 -30.56 4.35 17.08
N ALA F 145 -29.58 5.26 17.11
CA ALA F 145 -29.50 6.35 16.15
C ALA F 145 -29.35 5.79 14.74
N GLY F 146 -28.58 4.72 14.61
CA GLY F 146 -28.40 4.08 13.32
C GLY F 146 -29.66 3.45 12.78
N LYS F 147 -30.44 2.84 13.65
CA LYS F 147 -31.70 2.22 13.25
C LYS F 147 -32.71 3.28 12.82
N PHE F 148 -32.73 4.40 13.57
CA PHE F 148 -33.63 5.54 13.32
C PHE F 148 -33.19 6.37 12.11
N TYR F 149 -31.89 6.30 11.79
CA TYR F 149 -31.36 6.87 10.56
C TYR F 149 -31.66 5.98 9.33
N ASP F 150 -31.63 4.66 9.51
CA ASP F 150 -31.98 3.74 8.44
C ASP F 150 -33.41 3.95 7.94
N THR F 151 -34.30 4.25 8.88
CA THR F 151 -35.70 4.57 8.58
C THR F 151 -35.80 5.90 7.87
N TYR F 152 -34.95 6.83 8.29
CA TYR F 152 -34.88 8.18 7.72
C TYR F 152 -34.52 8.12 6.24
N ILE F 153 -33.67 7.18 5.84
CA ILE F 153 -33.27 7.04 4.44
C ILE F 153 -34.42 6.54 3.55
N ALA F 154 -35.22 5.62 4.08
CA ALA F 154 -36.30 4.99 3.33
C ALA F 154 -37.42 5.96 2.94
N ARG F 155 -37.42 7.12 3.57
CA ARG F 155 -38.44 8.13 3.31
C ARG F 155 -37.99 9.23 2.34
N LEU F 156 -36.68 9.36 2.14
CA LEU F 156 -36.15 10.42 1.31
C LEU F 156 -36.49 10.17 -0.15
N GLU F 157 -36.80 8.92 -0.44
CA GLU F 157 -37.16 8.50 -1.79
C GLU F 157 -38.44 9.16 -2.26
N THR F 158 -39.49 8.96 -1.48
CA THR F 158 -40.81 9.43 -1.84
C THR F 158 -41.05 10.77 -1.18
#